data_7KC2
#
_entry.id   7KC2
#
_cell.length_a   1.00
_cell.length_b   1.00
_cell.length_c   1.00
_cell.angle_alpha   90.00
_cell.angle_beta   90.00
_cell.angle_gamma   90.00
#
_symmetry.space_group_name_H-M   'P 1'
#
loop_
_entity.id
_entity.type
_entity.pdbx_description
1 polymer 'Alcohol dehydrogenase'
2 non-polymer 'ZINC ION'
3 non-polymer NICOTINAMIDE-ADENINE-DINUCLEOTIDE
4 water water
#
_entity_poly.entity_id   1
_entity_poly.type   'polypeptide(L)'
_entity_poly.pdbx_seq_one_letter_code
;SIPETQKGVIFYESHGKLEYKDIPVPKPKANELLINVKYSGVCHTDLHAWHGDWPLPTKLPLVGGHEGAGVVVGMGENVK
GWKIGDYAGIKWLNGSCMACEYCELGNESNCPHADLSGYTHDGSFQEYATADAVQAAHIPQGTDLAEVAPVLCAGITVYK
ALKSANLMAGHWVAISGAAGGLGSLAVQYAKAMGYRVLGIDGGEGKEELFRSIGGEVFIDFTKEKDIVGAVLKATDGGAH
GVINVSVSEAAIEASTRYVRANGTTVLVGMPAGAKCCSDVFNQVVKSISIVGSYVGNRADTREALDFFARGLVKSPIKVV
GLSTLPEIYEKMEKGQIVGRYVVDTSK
;
_entity_poly.pdbx_strand_id   A,B,C,D
#
loop_
_chem_comp.id
_chem_comp.type
_chem_comp.name
_chem_comp.formula
NAD non-polymer NICOTINAMIDE-ADENINE-DINUCLEOTIDE 'C21 H27 N7 O14 P2'
ZN non-polymer 'ZINC ION' 'Zn 2'
#
# COMPACT_ATOMS: atom_id res chain seq x y z
N SER A 1 -37.40 -29.24 19.39
CA SER A 1 -36.21 -28.41 19.55
C SER A 1 -36.56 -26.93 19.42
N ILE A 2 -36.49 -26.43 18.19
CA ILE A 2 -36.77 -25.03 17.89
C ILE A 2 -38.19 -24.71 18.32
N PRO A 3 -38.39 -23.75 19.22
CA PRO A 3 -39.73 -23.51 19.77
C PRO A 3 -40.68 -22.83 18.80
N GLU A 4 -41.87 -22.50 19.29
CA GLU A 4 -42.85 -21.76 18.49
C GLU A 4 -42.77 -20.26 18.75
N THR A 5 -42.44 -19.85 19.96
CA THR A 5 -42.29 -18.45 20.32
C THR A 5 -40.98 -18.28 21.08
N GLN A 6 -40.78 -17.06 21.60
CA GLN A 6 -39.58 -16.72 22.35
C GLN A 6 -39.83 -15.37 22.99
N LYS A 7 -38.85 -14.90 23.76
CA LYS A 7 -38.88 -13.55 24.32
C LYS A 7 -37.92 -12.65 23.58
N GLY A 8 -38.26 -11.37 23.52
CA GLY A 8 -37.43 -10.40 22.84
C GLY A 8 -37.76 -8.96 23.20
N VAL A 9 -36.77 -8.08 23.07
CA VAL A 9 -36.97 -6.66 23.32
C VAL A 9 -37.31 -6.03 21.96
N ILE A 10 -38.57 -5.62 21.80
CA ILE A 10 -39.07 -5.10 20.54
C ILE A 10 -39.71 -3.75 20.80
N PHE A 11 -39.43 -2.79 19.91
CA PHE A 11 -40.02 -1.46 19.99
C PHE A 11 -40.67 -1.12 18.65
N TYR A 12 -41.89 -0.60 18.72
CA TYR A 12 -42.72 -0.39 17.54
C TYR A 12 -42.62 1.03 16.98
N GLU A 13 -41.81 1.90 17.58
CA GLU A 13 -41.73 3.27 17.14
C GLU A 13 -40.45 3.88 17.67
N SER A 14 -39.81 4.70 16.84
CA SER A 14 -38.53 5.30 17.20
C SER A 14 -38.67 6.09 18.49
N HIS A 15 -37.73 5.90 19.41
CA HIS A 15 -37.73 6.54 20.72
C HIS A 15 -39.00 6.20 21.51
N GLY A 16 -39.66 5.11 21.17
CA GLY A 16 -40.89 4.73 21.82
C GLY A 16 -40.67 4.02 23.13
N LYS A 17 -41.45 2.98 23.39
CA LYS A 17 -41.35 2.20 24.63
C LYS A 17 -40.84 0.82 24.29
N LEU A 18 -39.71 0.44 24.89
CA LEU A 18 -39.15 -0.88 24.68
C LEU A 18 -40.02 -1.92 25.37
N GLU A 19 -40.39 -2.96 24.65
CA GLU A 19 -41.29 -3.99 25.16
C GLU A 19 -40.55 -5.31 25.22
N TYR A 20 -40.32 -5.81 26.42
CA TYR A 20 -39.81 -7.17 26.63
C TYR A 20 -41.00 -8.11 26.48
N LYS A 21 -41.26 -8.53 25.26
CA LYS A 21 -42.50 -9.24 24.94
C LYS A 21 -42.19 -10.62 24.39
N ASP A 22 -43.26 -11.31 24.00
CA ASP A 22 -43.18 -12.63 23.38
C ASP A 22 -43.35 -12.47 21.88
N ILE A 23 -42.40 -12.97 21.12
CA ILE A 23 -42.39 -12.81 19.67
C ILE A 23 -42.19 -14.18 19.03
N PRO A 24 -42.68 -14.37 17.82
CA PRO A 24 -42.55 -15.68 17.17
C PRO A 24 -41.10 -15.98 16.82
N VAL A 25 -40.84 -17.26 16.60
CA VAL A 25 -39.51 -17.72 16.19
C VAL A 25 -39.30 -17.37 14.72
N PRO A 26 -38.17 -16.78 14.35
CA PRO A 26 -37.93 -16.44 12.94
C PRO A 26 -37.53 -17.68 12.15
N LYS A 27 -38.30 -17.99 11.13
CA LYS A 27 -37.98 -19.12 10.27
C LYS A 27 -36.79 -18.76 9.38
N PRO A 28 -35.74 -19.57 9.33
CA PRO A 28 -34.60 -19.26 8.48
C PRO A 28 -34.96 -19.28 7.01
N LYS A 29 -34.30 -18.42 6.24
CA LYS A 29 -34.51 -18.34 4.81
C LYS A 29 -33.65 -19.40 4.12
N ALA A 30 -33.54 -19.30 2.80
CA ALA A 30 -32.87 -20.34 2.03
C ALA A 30 -31.38 -20.42 2.34
N ASN A 31 -30.74 -19.30 2.65
CA ASN A 31 -29.31 -19.29 2.92
C ASN A 31 -28.96 -18.78 4.31
N GLU A 32 -29.94 -18.48 5.14
CA GLU A 32 -29.71 -17.86 6.44
C GLU A 32 -29.78 -18.91 7.55
N LEU A 33 -28.73 -19.00 8.34
CA LEU A 33 -28.73 -19.83 9.53
C LEU A 33 -29.69 -19.28 10.56
N LEU A 34 -30.27 -20.18 11.35
CA LEU A 34 -31.05 -19.82 12.52
C LEU A 34 -30.17 -20.10 13.74
N ILE A 35 -29.75 -19.04 14.40
CA ILE A 35 -28.83 -19.10 15.52
C ILE A 35 -29.62 -18.85 16.80
N ASN A 36 -29.48 -19.76 17.75
CA ASN A 36 -30.03 -19.52 19.08
C ASN A 36 -29.09 -18.58 19.80
N VAL A 37 -29.39 -17.29 19.76
CA VAL A 37 -28.51 -16.28 20.35
C VAL A 37 -28.42 -16.52 21.85
N LYS A 38 -27.25 -16.93 22.32
CA LYS A 38 -27.06 -17.14 23.74
C LYS A 38 -26.87 -15.81 24.45
N TYR A 39 -25.84 -15.06 24.07
CA TYR A 39 -25.58 -13.73 24.60
C TYR A 39 -25.53 -12.74 23.44
N SER A 40 -25.68 -11.46 23.78
CA SER A 40 -25.68 -10.42 22.76
C SER A 40 -25.20 -9.12 23.38
N GLY A 41 -24.13 -8.56 22.84
CA GLY A 41 -23.65 -7.29 23.32
C GLY A 41 -24.61 -6.16 22.98
N VAL A 42 -24.55 -5.08 23.76
CA VAL A 42 -25.35 -3.91 23.50
C VAL A 42 -24.41 -2.82 23.00
N CYS A 43 -24.58 -2.43 21.73
CA CYS A 43 -23.75 -1.43 21.10
C CYS A 43 -24.49 -0.10 21.07
N HIS A 44 -23.72 0.99 21.09
CA HIS A 44 -24.31 2.32 21.02
C HIS A 44 -25.09 2.52 19.71
N THR A 45 -24.73 1.76 18.66
CA THR A 45 -25.53 1.77 17.44
C THR A 45 -26.97 1.39 17.72
N ASP A 46 -27.22 0.48 18.66
CA ASP A 46 -28.59 0.15 19.01
C ASP A 46 -29.29 1.33 19.65
N LEU A 47 -28.58 2.10 20.47
CA LEU A 47 -29.16 3.32 21.03
C LEU A 47 -29.49 4.32 19.93
N HIS A 48 -28.59 4.48 18.95
CA HIS A 48 -28.86 5.39 17.84
C HIS A 48 -30.06 4.92 17.03
N ALA A 49 -30.20 3.62 16.81
CA ALA A 49 -31.35 3.10 16.09
C ALA A 49 -32.63 3.30 16.88
N TRP A 50 -32.57 3.21 18.21
CA TRP A 50 -33.75 3.47 19.02
C TRP A 50 -34.14 4.95 18.96
N HIS A 51 -33.17 5.84 19.08
CA HIS A 51 -33.44 7.27 19.06
C HIS A 51 -33.79 7.77 17.66
N GLY A 52 -33.50 7.00 16.61
CA GLY A 52 -33.66 7.50 15.27
C GLY A 52 -32.65 8.55 14.86
N ASP A 53 -31.46 8.52 15.46
CA ASP A 53 -30.46 9.55 15.23
C ASP A 53 -29.92 9.56 13.82
N TRP A 54 -30.17 8.54 13.03
CA TRP A 54 -29.52 8.50 11.74
C TRP A 54 -30.50 8.79 10.61
N PRO A 55 -30.04 9.41 9.53
CA PRO A 55 -30.94 9.71 8.41
C PRO A 55 -31.65 8.49 7.84
N LEU A 56 -30.97 7.34 7.77
CA LEU A 56 -31.63 6.16 7.27
C LEU A 56 -32.71 5.69 8.26
N PRO A 57 -33.84 5.19 7.77
CA PRO A 57 -34.90 4.73 8.66
C PRO A 57 -34.79 3.27 9.01
N THR A 58 -35.11 2.94 10.25
CA THR A 58 -35.10 1.55 10.69
C THR A 58 -36.33 0.82 10.16
N LYS A 59 -36.29 -0.50 10.25
CA LYS A 59 -37.48 -1.30 9.99
C LYS A 59 -38.31 -1.39 11.26
N LEU A 60 -39.61 -1.21 11.14
CA LEU A 60 -40.44 -1.29 12.34
C LEU A 60 -41.52 -2.34 12.17
N PRO A 61 -41.79 -3.15 13.21
CA PRO A 61 -41.14 -3.17 14.52
C PRO A 61 -39.76 -3.80 14.47
N LEU A 62 -38.92 -3.48 15.45
CA LEU A 62 -37.52 -3.86 15.40
C LEU A 62 -37.11 -4.49 16.73
N VAL A 63 -36.36 -5.58 16.65
CA VAL A 63 -35.61 -6.12 17.77
C VAL A 63 -34.13 -5.84 17.48
N GLY A 64 -33.53 -4.96 18.26
CA GLY A 64 -32.19 -4.49 17.96
C GLY A 64 -31.11 -5.52 18.21
N GLY A 65 -29.87 -5.06 18.35
CA GLY A 65 -28.78 -5.94 18.71
C GLY A 65 -28.10 -6.54 17.51
N HIS A 66 -26.83 -6.24 17.32
CA HIS A 66 -26.09 -6.72 16.17
C HIS A 66 -24.80 -7.42 16.57
N GLU A 67 -24.67 -7.81 17.83
CA GLU A 67 -23.50 -8.51 18.33
C GLU A 67 -23.91 -9.86 18.90
N GLY A 68 -24.76 -10.59 18.22
CA GLY A 68 -25.25 -11.84 18.77
C GLY A 68 -24.23 -12.95 18.64
N ALA A 69 -24.22 -13.84 19.62
CA ALA A 69 -23.34 -15.00 19.59
C ALA A 69 -24.11 -16.19 20.10
N GLY A 70 -24.19 -17.24 19.31
CA GLY A 70 -25.02 -18.36 19.68
C GLY A 70 -24.68 -19.64 18.99
N VAL A 71 -25.58 -20.61 19.10
CA VAL A 71 -25.43 -21.92 18.49
C VAL A 71 -26.36 -22.01 17.30
N VAL A 72 -25.96 -22.79 16.31
CA VAL A 72 -26.70 -22.90 15.05
C VAL A 72 -27.73 -23.99 15.25
N VAL A 73 -28.88 -23.63 15.83
CA VAL A 73 -29.93 -24.61 16.02
C VAL A 73 -30.62 -24.97 14.72
N GLY A 74 -30.53 -24.13 13.68
CA GLY A 74 -31.14 -24.47 12.41
C GLY A 74 -30.38 -23.83 11.28
N MET A 75 -30.69 -24.29 10.07
CA MET A 75 -30.01 -23.75 8.91
C MET A 75 -30.89 -23.92 7.69
N GLY A 76 -30.79 -22.97 6.77
CA GLY A 76 -31.52 -23.05 5.52
C GLY A 76 -31.01 -24.18 4.66
N GLU A 77 -31.78 -24.48 3.62
CA GLU A 77 -31.44 -25.61 2.76
C GLU A 77 -30.18 -25.38 1.95
N ASN A 78 -29.78 -24.13 1.72
CA ASN A 78 -28.71 -23.82 0.80
C ASN A 78 -27.40 -23.43 1.48
N VAL A 79 -27.34 -23.49 2.81
CA VAL A 79 -26.12 -23.10 3.51
C VAL A 79 -25.01 -24.10 3.20
N LYS A 80 -23.77 -23.62 3.14
CA LYS A 80 -22.68 -24.42 2.58
C LYS A 80 -21.80 -25.04 3.66
N GLY A 81 -21.20 -24.24 4.53
CA GLY A 81 -20.15 -24.74 5.40
C GLY A 81 -20.44 -24.66 6.89
N TRP A 82 -21.67 -25.00 7.28
CA TRP A 82 -22.09 -24.88 8.66
C TRP A 82 -22.67 -26.21 9.15
N LYS A 83 -22.57 -26.41 10.46
CA LYS A 83 -23.12 -27.58 11.12
C LYS A 83 -24.02 -27.15 12.26
N ILE A 84 -25.07 -27.91 12.52
CA ILE A 84 -25.96 -27.63 13.63
C ILE A 84 -25.21 -27.84 14.94
N GLY A 85 -25.38 -26.92 15.87
CA GLY A 85 -24.70 -26.95 17.13
C GLY A 85 -23.37 -26.22 17.15
N ASP A 86 -22.90 -25.75 16.00
CA ASP A 86 -21.68 -24.97 15.95
C ASP A 86 -21.91 -23.58 16.54
N TYR A 87 -20.82 -22.91 16.87
CA TYR A 87 -20.86 -21.55 17.39
C TYR A 87 -20.78 -20.57 16.24
N ALA A 88 -21.65 -19.56 16.26
CA ALA A 88 -21.70 -18.58 15.19
C ALA A 88 -22.04 -17.22 15.77
N GLY A 89 -21.81 -16.19 14.97
CA GLY A 89 -22.01 -14.83 15.42
C GLY A 89 -22.75 -13.95 14.44
N ILE A 90 -23.81 -13.32 14.93
CA ILE A 90 -24.59 -12.36 14.16
C ILE A 90 -23.93 -11.00 14.30
N LYS A 91 -23.25 -10.57 13.24
CA LYS A 91 -22.59 -9.26 13.21
C LYS A 91 -23.58 -8.19 12.78
N TRP A 92 -23.09 -6.95 12.68
CA TRP A 92 -23.94 -5.87 12.22
C TRP A 92 -24.35 -6.07 10.77
N LEU A 93 -23.40 -6.37 9.91
CA LEU A 93 -23.69 -6.62 8.50
C LEU A 93 -24.24 -8.03 8.36
N ASN A 94 -25.56 -8.16 8.26
CA ASN A 94 -26.15 -9.48 8.19
C ASN A 94 -25.74 -10.21 6.92
N GLY A 95 -25.87 -9.55 5.77
CA GLY A 95 -25.55 -10.18 4.52
C GLY A 95 -25.45 -9.15 3.42
N SER A 96 -24.96 -9.61 2.27
CA SER A 96 -24.75 -8.76 1.12
C SER A 96 -25.14 -9.52 -0.13
N CYS A 97 -25.14 -8.81 -1.26
CA CYS A 97 -25.42 -9.47 -2.53
C CYS A 97 -24.26 -10.32 -3.01
N MET A 98 -23.04 -9.99 -2.59
CA MET A 98 -21.82 -10.66 -3.03
C MET A 98 -21.62 -10.59 -4.54
N ALA A 99 -22.23 -9.60 -5.19
CA ALA A 99 -22.15 -9.49 -6.65
C ALA A 99 -21.91 -8.07 -7.15
N CYS A 100 -21.93 -7.05 -6.31
CA CYS A 100 -21.65 -5.71 -6.77
C CYS A 100 -20.16 -5.43 -6.68
N GLU A 101 -19.74 -4.23 -7.07
CA GLU A 101 -18.32 -3.94 -7.06
C GLU A 101 -17.79 -3.71 -5.65
N TYR A 102 -18.66 -3.56 -4.66
CA TYR A 102 -18.20 -3.36 -3.31
C TYR A 102 -17.94 -4.69 -2.62
N CYS A 103 -18.83 -5.66 -2.79
CA CYS A 103 -18.60 -6.98 -2.22
C CYS A 103 -17.46 -7.71 -2.92
N GLU A 104 -17.16 -7.36 -4.16
CA GLU A 104 -16.07 -8.00 -4.87
C GLU A 104 -14.71 -7.54 -4.36
N LEU A 105 -14.62 -6.30 -3.90
CA LEU A 105 -13.39 -5.74 -3.38
C LEU A 105 -13.22 -5.99 -1.90
N GLY A 106 -14.14 -6.73 -1.28
CA GLY A 106 -14.08 -7.03 0.12
C GLY A 106 -14.79 -6.02 0.99
N ASN A 107 -15.26 -4.93 0.41
CA ASN A 107 -15.96 -3.89 1.17
C ASN A 107 -17.45 -4.22 1.22
N GLU A 108 -17.75 -5.39 1.79
CA GLU A 108 -19.14 -5.84 1.85
C GLU A 108 -20.03 -4.91 2.65
N SER A 109 -19.47 -4.19 3.62
CA SER A 109 -20.30 -3.32 4.45
C SER A 109 -20.86 -2.16 3.64
N ASN A 110 -20.11 -1.68 2.65
CA ASN A 110 -20.55 -0.57 1.81
C ASN A 110 -21.38 -1.07 0.63
N CYS A 111 -22.38 -1.88 0.92
CA CYS A 111 -23.11 -2.39 -0.22
C CYS A 111 -24.51 -1.82 -0.25
N PRO A 112 -25.02 -1.47 -1.43
CA PRO A 112 -26.39 -0.94 -1.52
C PRO A 112 -27.46 -1.91 -1.05
N HIS A 113 -27.18 -3.22 -1.05
CA HIS A 113 -28.17 -4.23 -0.71
C HIS A 113 -27.82 -4.95 0.57
N ALA A 114 -27.32 -4.21 1.56
CA ALA A 114 -26.81 -4.81 2.79
C ALA A 114 -27.91 -4.92 3.82
N ASP A 115 -28.13 -6.13 4.34
CA ASP A 115 -29.02 -6.34 5.47
C ASP A 115 -28.27 -6.00 6.74
N LEU A 116 -28.82 -5.10 7.54
CA LEU A 116 -28.19 -4.69 8.78
C LEU A 116 -28.95 -5.33 9.94
N SER A 117 -28.33 -6.30 10.60
CA SER A 117 -28.96 -6.95 11.74
C SER A 117 -29.29 -5.92 12.80
N GLY A 118 -30.54 -5.89 13.21
CA GLY A 118 -30.99 -4.94 14.21
C GLY A 118 -31.30 -3.56 13.69
N TYR A 119 -31.17 -3.33 12.38
CA TYR A 119 -31.58 -2.06 11.80
C TYR A 119 -32.59 -2.26 10.68
N THR A 120 -32.31 -3.17 9.74
CA THR A 120 -33.23 -3.57 8.70
C THR A 120 -33.53 -5.05 8.76
N HIS A 121 -33.24 -5.68 9.89
CA HIS A 121 -33.41 -7.12 10.07
C HIS A 121 -33.55 -7.37 11.57
N ASP A 122 -34.41 -8.32 11.93
CA ASP A 122 -34.57 -8.67 13.33
C ASP A 122 -33.22 -9.03 13.94
N GLY A 123 -32.79 -8.25 14.91
CA GLY A 123 -31.45 -8.34 15.42
C GLY A 123 -31.21 -9.49 16.36
N SER A 124 -30.35 -9.28 17.35
CA SER A 124 -29.91 -10.35 18.23
C SER A 124 -30.38 -10.15 19.67
N PHE A 125 -31.33 -9.25 19.89
CA PHE A 125 -31.95 -9.08 21.21
C PHE A 125 -33.09 -10.05 21.42
N GLN A 126 -33.09 -11.16 20.69
CA GLN A 126 -34.14 -12.16 20.77
C GLN A 126 -33.49 -13.53 20.92
N GLU A 127 -34.27 -14.48 21.43
CA GLU A 127 -33.71 -15.80 21.74
C GLU A 127 -33.15 -16.47 20.49
N TYR A 128 -33.89 -16.42 19.39
CA TYR A 128 -33.47 -17.03 18.14
C TYR A 128 -33.50 -15.97 17.06
N ALA A 129 -32.40 -15.85 16.32
CA ALA A 129 -32.29 -14.85 15.27
C ALA A 129 -31.67 -15.49 14.04
N THR A 130 -32.01 -14.97 12.87
CA THR A 130 -31.52 -15.52 11.61
C THR A 130 -30.47 -14.60 11.02
N ALA A 131 -29.43 -15.20 10.45
CA ALA A 131 -28.31 -14.45 9.90
C ALA A 131 -27.68 -15.22 8.76
N ASP A 132 -27.23 -14.51 7.74
CA ASP A 132 -26.70 -15.15 6.55
C ASP A 132 -25.54 -16.08 6.89
N ALA A 133 -25.32 -17.06 6.03
CA ALA A 133 -24.35 -18.11 6.29
C ALA A 133 -22.98 -17.83 5.67
N VAL A 134 -22.88 -16.87 4.77
CA VAL A 134 -21.58 -16.51 4.23
C VAL A 134 -20.99 -15.30 4.94
N GLN A 135 -21.80 -14.58 5.72
CA GLN A 135 -21.35 -13.38 6.40
C GLN A 135 -21.21 -13.56 7.90
N ALA A 136 -21.91 -14.53 8.50
CA ALA A 136 -21.83 -14.74 9.93
C ALA A 136 -20.40 -15.10 10.33
N ALA A 137 -20.12 -14.96 11.62
CA ALA A 137 -18.77 -15.12 12.14
C ALA A 137 -18.50 -16.56 12.55
N HIS A 138 -17.31 -17.05 12.22
CA HIS A 138 -16.91 -18.42 12.54
C HIS A 138 -16.27 -18.44 13.93
N ILE A 139 -17.12 -18.35 14.95
CA ILE A 139 -16.66 -18.36 16.33
C ILE A 139 -16.09 -19.73 16.63
N PRO A 140 -14.82 -19.83 17.04
CA PRO A 140 -14.23 -21.14 17.30
C PRO A 140 -14.93 -21.86 18.45
N GLN A 141 -14.95 -23.18 18.37
CA GLN A 141 -15.55 -23.99 19.42
C GLN A 141 -14.68 -23.93 20.67
N GLY A 142 -15.29 -23.69 21.82
CA GLY A 142 -14.60 -23.60 23.09
C GLY A 142 -14.51 -22.21 23.67
N THR A 143 -14.82 -21.17 22.89
CA THR A 143 -14.81 -19.83 23.42
C THR A 143 -15.98 -19.62 24.37
N ASP A 144 -15.93 -18.51 25.10
CA ASP A 144 -17.02 -18.11 25.98
C ASP A 144 -17.83 -17.05 25.26
N LEU A 145 -19.03 -17.44 24.82
CA LEU A 145 -19.83 -16.55 23.97
C LEU A 145 -20.11 -15.22 24.64
N ALA A 146 -20.20 -15.19 25.96
CA ALA A 146 -20.41 -13.94 26.67
C ALA A 146 -19.28 -12.96 26.39
N GLU A 147 -18.04 -13.45 26.45
CA GLU A 147 -16.90 -12.58 26.16
C GLU A 147 -16.76 -12.30 24.67
N VAL A 148 -17.14 -13.25 23.82
CA VAL A 148 -16.99 -13.06 22.39
C VAL A 148 -17.94 -12.00 21.88
N ALA A 149 -19.15 -11.93 22.42
CA ALA A 149 -20.19 -11.09 21.84
C ALA A 149 -19.75 -9.64 21.60
N PRO A 150 -19.09 -8.95 22.53
CA PRO A 150 -18.63 -7.58 22.22
C PRO A 150 -17.61 -7.52 21.11
N VAL A 151 -16.88 -8.60 20.84
CA VAL A 151 -15.92 -8.59 19.74
C VAL A 151 -16.60 -8.54 18.37
N LEU A 152 -17.84 -8.99 18.28
CA LEU A 152 -18.47 -9.18 16.97
C LEU A 152 -18.82 -7.88 16.27
N CYS A 153 -18.97 -6.78 16.99
CA CYS A 153 -19.27 -5.52 16.32
C CYS A 153 -18.36 -4.41 16.82
N ALA A 154 -17.90 -4.50 18.06
CA ALA A 154 -16.97 -3.53 18.59
C ALA A 154 -15.53 -3.95 18.44
N GLY A 155 -15.27 -5.22 18.19
CA GLY A 155 -13.92 -5.69 18.00
C GLY A 155 -13.50 -5.57 16.56
N ILE A 156 -14.29 -6.13 15.65
CA ILE A 156 -13.95 -6.04 14.23
C ILE A 156 -13.95 -4.59 13.77
N THR A 157 -14.80 -3.76 14.38
CA THR A 157 -14.87 -2.36 13.98
C THR A 157 -13.58 -1.62 14.29
N VAL A 158 -13.08 -1.73 15.52
CA VAL A 158 -11.86 -1.01 15.87
C VAL A 158 -10.64 -1.69 15.25
N TYR A 159 -10.71 -2.99 15.01
CA TYR A 159 -9.62 -3.62 14.27
C TYR A 159 -9.51 -3.06 12.87
N LYS A 160 -10.64 -3.00 12.15
CA LYS A 160 -10.64 -2.38 10.84
C LYS A 160 -10.24 -0.92 10.91
N ALA A 161 -10.63 -0.21 11.97
CA ALA A 161 -10.24 1.19 12.10
C ALA A 161 -8.73 1.32 12.20
N LEU A 162 -8.12 0.60 13.14
CA LEU A 162 -6.67 0.69 13.30
C LEU A 162 -5.93 0.19 12.08
N LYS A 163 -6.53 -0.73 11.32
CA LYS A 163 -5.91 -1.12 10.06
C LYS A 163 -6.11 -0.06 8.99
N SER A 164 -7.11 0.80 9.12
CA SER A 164 -7.35 1.88 8.17
C SER A 164 -6.51 3.11 8.46
N ALA A 165 -5.92 3.22 9.64
CA ALA A 165 -5.12 4.39 9.97
C ALA A 165 -3.74 4.33 9.34
N ASN A 166 -3.37 3.22 8.71
CA ASN A 166 -2.08 3.07 8.05
C ASN A 166 -0.94 3.36 9.02
N LEU A 167 -1.04 2.81 10.22
CA LEU A 167 -0.02 3.00 11.23
C LEU A 167 1.07 1.95 11.09
N MET A 168 2.19 2.20 11.74
CA MET A 168 3.26 1.24 11.87
C MET A 168 3.43 0.91 13.34
N ALA A 169 4.08 -0.20 13.63
CA ALA A 169 4.40 -0.53 15.01
C ALA A 169 5.28 0.56 15.60
N GLY A 170 4.92 1.03 16.79
CA GLY A 170 5.64 2.10 17.44
C GLY A 170 5.04 3.47 17.23
N HIS A 171 4.07 3.60 16.33
CA HIS A 171 3.45 4.88 16.06
C HIS A 171 2.37 5.16 17.09
N TRP A 172 2.39 6.37 17.64
CA TRP A 172 1.37 6.75 18.60
C TRP A 172 -0.01 6.71 17.98
N VAL A 173 -0.95 6.06 18.64
CA VAL A 173 -2.34 6.03 18.25
C VAL A 173 -3.16 6.54 19.42
N ALA A 174 -4.00 7.52 19.17
CA ALA A 174 -4.72 8.21 20.24
C ALA A 174 -6.18 7.81 20.16
N ILE A 175 -6.58 6.85 20.99
CA ILE A 175 -7.98 6.44 21.03
C ILE A 175 -8.76 7.53 21.76
N SER A 176 -9.60 8.25 21.02
CA SER A 176 -10.41 9.33 21.59
C SER A 176 -11.72 8.73 22.06
N GLY A 177 -11.83 8.50 23.36
CA GLY A 177 -12.97 7.79 23.90
C GLY A 177 -12.57 6.41 24.36
N ALA A 178 -11.39 6.30 24.95
CA ALA A 178 -10.78 5.01 25.24
C ALA A 178 -11.18 4.46 26.60
N ALA A 179 -12.46 4.45 26.90
CA ALA A 179 -12.95 3.67 28.02
C ALA A 179 -14.33 3.08 27.75
N GLY A 180 -14.89 3.28 26.57
CA GLY A 180 -16.22 2.81 26.26
C GLY A 180 -16.20 1.42 25.63
N GLY A 181 -17.31 1.09 24.98
CA GLY A 181 -17.41 -0.22 24.36
C GLY A 181 -16.37 -0.45 23.30
N LEU A 182 -16.17 0.54 22.43
CA LEU A 182 -15.17 0.44 21.39
C LEU A 182 -13.82 0.95 21.84
N GLY A 183 -13.79 1.96 22.71
CA GLY A 183 -12.52 2.51 23.15
C GLY A 183 -11.64 1.48 23.83
N SER A 184 -12.22 0.65 24.70
CA SER A 184 -11.41 -0.32 25.42
C SER A 184 -10.90 -1.41 24.49
N LEU A 185 -11.76 -1.93 23.61
CA LEU A 185 -11.30 -2.88 22.62
C LEU A 185 -10.32 -2.24 21.65
N ALA A 186 -10.51 -0.97 21.31
CA ALA A 186 -9.53 -0.30 20.46
C ALA A 186 -8.18 -0.22 21.16
N VAL A 187 -8.18 0.07 22.46
CA VAL A 187 -6.92 0.14 23.19
C VAL A 187 -6.23 -1.21 23.21
N GLN A 188 -6.99 -2.27 23.46
CA GLN A 188 -6.38 -3.60 23.51
C GLN A 188 -5.86 -4.03 22.14
N TYR A 189 -6.60 -3.74 21.07
CA TYR A 189 -6.13 -4.08 19.73
C TYR A 189 -4.90 -3.28 19.34
N ALA A 190 -4.93 -1.97 19.57
CA ALA A 190 -3.79 -1.14 19.25
C ALA A 190 -2.57 -1.50 20.08
N LYS A 191 -2.77 -2.01 21.29
CA LYS A 191 -1.66 -2.48 22.10
C LYS A 191 -1.12 -3.80 21.57
N ALA A 192 -2.02 -4.67 21.09
CA ALA A 192 -1.58 -5.96 20.54
C ALA A 192 -0.95 -5.80 19.16
N MET A 193 -1.33 -4.76 18.43
CA MET A 193 -0.80 -4.55 17.10
C MET A 193 0.56 -3.86 17.10
N GLY A 194 1.04 -3.42 18.26
CA GLY A 194 2.35 -2.82 18.39
C GLY A 194 2.34 -1.32 18.58
N TYR A 195 1.22 -0.66 18.34
CA TYR A 195 1.18 0.78 18.46
C TYR A 195 1.31 1.20 19.92
N ARG A 196 1.63 2.47 20.13
CA ARG A 196 1.72 3.05 21.46
C ARG A 196 0.41 3.79 21.71
N VAL A 197 -0.36 3.30 22.66
CA VAL A 197 -1.76 3.72 22.81
C VAL A 197 -1.85 4.87 23.79
N LEU A 198 -2.19 6.04 23.28
CA LEU A 198 -2.68 7.15 24.08
C LEU A 198 -4.19 7.04 24.17
N GLY A 199 -4.76 7.55 25.25
CA GLY A 199 -6.19 7.48 25.45
C GLY A 199 -6.74 8.81 25.92
N ILE A 200 -7.96 9.10 25.47
CA ILE A 200 -8.66 10.33 25.84
C ILE A 200 -10.06 9.95 26.27
N ASP A 201 -10.34 10.06 27.56
CA ASP A 201 -11.68 9.83 28.07
C ASP A 201 -11.78 10.48 29.45
N GLY A 202 -12.98 10.42 30.03
CA GLY A 202 -13.21 11.04 31.32
C GLY A 202 -14.49 10.55 31.92
N GLY A 203 -14.59 10.74 33.23
CA GLY A 203 -15.73 10.29 33.99
C GLY A 203 -15.27 9.51 35.20
N GLU A 204 -16.20 8.74 35.77
CA GLU A 204 -15.92 7.96 36.95
C GLU A 204 -15.40 6.59 36.54
N GLY A 205 -14.16 6.28 36.93
CA GLY A 205 -13.60 4.98 36.67
C GLY A 205 -13.23 4.70 35.24
N LYS A 206 -12.97 5.73 34.44
CA LYS A 206 -12.49 5.52 33.08
C LYS A 206 -10.98 5.34 33.04
N GLU A 207 -10.24 6.16 33.80
CA GLU A 207 -8.78 6.03 33.80
C GLU A 207 -8.35 4.70 34.38
N GLU A 208 -9.06 4.20 35.40
CA GLU A 208 -8.70 2.93 36.00
C GLU A 208 -8.81 1.80 34.97
N LEU A 209 -9.92 1.76 34.24
CA LEU A 209 -10.07 0.75 33.19
C LEU A 209 -9.02 0.90 32.11
N PHE A 210 -8.77 2.14 31.68
CA PHE A 210 -7.80 2.36 30.62
C PHE A 210 -6.42 1.89 31.04
N ARG A 211 -6.01 2.20 32.27
CA ARG A 211 -4.71 1.73 32.74
C ARG A 211 -4.68 0.21 32.84
N SER A 212 -5.77 -0.40 33.31
CA SER A 212 -5.78 -1.84 33.51
C SER A 212 -5.64 -2.58 32.19
N ILE A 213 -6.37 -2.14 31.15
CA ILE A 213 -6.37 -2.88 29.90
C ILE A 213 -5.09 -2.70 29.09
N GLY A 214 -4.23 -1.76 29.46
CA GLY A 214 -2.92 -1.69 28.84
C GLY A 214 -2.62 -0.42 28.08
N GLY A 215 -3.24 0.68 28.47
CA GLY A 215 -2.93 1.95 27.85
C GLY A 215 -1.58 2.48 28.29
N GLU A 216 -1.12 3.51 27.60
CA GLU A 216 0.19 4.10 27.87
C GLU A 216 0.07 5.49 28.49
N VAL A 217 -0.62 6.40 27.82
CA VAL A 217 -0.81 7.77 28.32
C VAL A 217 -2.29 8.08 28.27
N PHE A 218 -2.86 8.48 29.39
CA PHE A 218 -4.27 8.82 29.48
C PHE A 218 -4.42 10.32 29.68
N ILE A 219 -5.33 10.92 28.93
CA ILE A 219 -5.56 12.36 28.95
C ILE A 219 -7.02 12.60 29.29
N ASP A 220 -7.28 13.13 30.46
CA ASP A 220 -8.66 13.29 30.95
C ASP A 220 -9.31 14.46 30.23
N PHE A 221 -10.40 14.19 29.50
CA PHE A 221 -11.07 15.25 28.77
C PHE A 221 -11.96 16.11 29.66
N THR A 222 -12.15 15.73 30.92
CA THR A 222 -12.88 16.57 31.87
C THR A 222 -11.97 17.24 32.88
N LYS A 223 -10.66 17.12 32.73
CA LYS A 223 -9.72 17.78 33.62
C LYS A 223 -8.56 18.44 32.88
N GLU A 224 -8.48 18.32 31.56
CA GLU A 224 -7.46 18.98 30.75
C GLU A 224 -8.15 20.05 29.93
N LYS A 225 -7.81 21.31 30.20
CA LYS A 225 -8.44 22.42 29.47
C LYS A 225 -8.07 22.38 27.99
N ASP A 226 -6.81 22.08 27.68
CA ASP A 226 -6.32 22.05 26.30
C ASP A 226 -5.94 20.61 25.98
N ILE A 227 -6.85 19.88 25.33
CA ILE A 227 -6.56 18.51 24.97
C ILE A 227 -5.52 18.46 23.86
N VAL A 228 -5.62 19.36 22.90
CA VAL A 228 -4.69 19.34 21.76
C VAL A 228 -3.26 19.53 22.24
N GLY A 229 -3.04 20.48 23.15
CA GLY A 229 -1.71 20.67 23.68
C GLY A 229 -1.20 19.45 24.44
N ALA A 230 -2.09 18.82 25.22
CA ALA A 230 -1.68 17.64 25.96
C ALA A 230 -1.26 16.50 25.05
N VAL A 231 -2.03 16.27 23.98
CA VAL A 231 -1.67 15.19 23.06
C VAL A 231 -0.42 15.53 22.28
N LEU A 232 -0.25 16.80 21.89
CA LEU A 232 0.96 17.16 21.18
C LEU A 232 2.19 17.02 22.05
N LYS A 233 2.06 17.30 23.35
CA LYS A 233 3.21 17.13 24.24
C LYS A 233 3.48 15.67 24.56
N ALA A 234 2.42 14.88 24.74
CA ALA A 234 2.61 13.47 25.10
C ALA A 234 3.14 12.64 23.94
N THR A 235 2.65 12.88 22.74
CA THR A 235 3.05 12.14 21.56
C THR A 235 4.25 12.75 20.86
N ASP A 236 4.70 13.93 21.29
CA ASP A 236 5.85 14.63 20.72
C ASP A 236 5.56 14.99 19.26
N GLY A 237 4.56 15.82 19.06
CA GLY A 237 4.23 16.30 17.73
C GLY A 237 2.85 15.92 17.25
N GLY A 238 2.19 15.04 18.00
CA GLY A 238 0.87 14.60 17.63
C GLY A 238 0.76 13.09 17.52
N ALA A 239 -0.46 12.58 17.55
CA ALA A 239 -0.65 11.16 17.32
C ALA A 239 -0.38 10.84 15.85
N HIS A 240 0.19 9.66 15.61
CA HIS A 240 0.39 9.25 14.24
C HIS A 240 -0.90 8.80 13.58
N GLY A 241 -1.91 8.48 14.37
CA GLY A 241 -3.22 8.13 13.86
C GLY A 241 -4.22 8.14 14.98
N VAL A 242 -5.33 8.82 14.80
CA VAL A 242 -6.34 8.95 15.83
C VAL A 242 -7.50 8.05 15.48
N ILE A 243 -8.13 7.45 16.49
CA ILE A 243 -9.37 6.70 16.32
C ILE A 243 -10.44 7.44 17.09
N ASN A 244 -11.51 7.83 16.41
CA ASN A 244 -12.57 8.60 17.06
C ASN A 244 -13.74 7.68 17.35
N VAL A 245 -13.64 6.96 18.46
CA VAL A 245 -14.72 6.10 18.91
C VAL A 245 -15.64 6.83 19.88
N SER A 246 -15.49 8.13 20.02
CA SER A 246 -16.31 8.92 20.92
C SER A 246 -17.67 9.20 20.30
N VAL A 247 -18.51 9.90 21.05
CA VAL A 247 -19.83 10.30 20.57
C VAL A 247 -20.00 11.80 20.73
N SER A 248 -18.89 12.53 20.67
CA SER A 248 -18.92 13.98 20.80
C SER A 248 -18.40 14.60 19.51
N GLU A 249 -19.22 15.45 18.89
CA GLU A 249 -18.78 16.16 17.70
C GLU A 249 -17.60 17.07 18.02
N ALA A 250 -17.54 17.62 19.23
CA ALA A 250 -16.40 18.43 19.63
C ALA A 250 -15.13 17.61 19.70
N ALA A 251 -15.23 16.35 20.15
CA ALA A 251 -14.07 15.48 20.17
C ALA A 251 -13.56 15.22 18.76
N ILE A 252 -14.46 14.98 17.82
CA ILE A 252 -14.06 14.76 16.44
C ILE A 252 -13.41 16.03 15.88
N GLU A 253 -13.98 17.19 16.18
CA GLU A 253 -13.42 18.44 15.69
C GLU A 253 -12.01 18.67 16.23
N ALA A 254 -11.80 18.40 17.51
CA ALA A 254 -10.49 18.54 18.13
C ALA A 254 -9.55 17.41 17.77
N SER A 255 -10.06 16.36 17.14
CA SER A 255 -9.24 15.21 16.77
C SER A 255 -8.41 15.44 15.53
N THR A 256 -8.77 16.41 14.70
CA THR A 256 -8.01 16.70 13.49
C THR A 256 -6.91 17.70 13.72
N ARG A 257 -6.69 18.11 14.97
CA ARG A 257 -5.69 19.11 15.29
C ARG A 257 -4.54 18.58 16.12
N TYR A 258 -4.66 17.38 16.71
CA TYR A 258 -3.54 16.77 17.41
C TYR A 258 -3.02 15.52 16.73
N VAL A 259 -3.26 15.39 15.44
CA VAL A 259 -2.71 14.31 14.63
C VAL A 259 -1.53 14.87 13.84
N ARG A 260 -0.46 14.09 13.74
CA ARG A 260 0.75 14.61 13.13
C ARG A 260 0.54 14.96 11.67
N ALA A 261 1.49 15.71 11.12
CA ALA A 261 1.57 15.82 9.68
C ALA A 261 1.71 14.42 9.10
N ASN A 262 1.02 14.19 7.98
CA ASN A 262 0.94 12.86 7.39
C ASN A 262 0.30 11.86 8.33
N GLY A 263 -0.61 12.34 9.16
CA GLY A 263 -1.30 11.48 10.10
C GLY A 263 -2.53 10.86 9.47
N THR A 264 -3.45 10.44 10.32
CA THR A 264 -4.70 9.85 9.86
C THR A 264 -5.69 9.91 11.00
N THR A 265 -6.90 10.36 10.73
CA THR A 265 -7.92 10.54 11.75
C THR A 265 -9.10 9.67 11.36
N VAL A 266 -9.09 8.41 11.81
CA VAL A 266 -10.18 7.51 11.48
C VAL A 266 -11.41 7.92 12.27
N LEU A 267 -12.52 8.08 11.56
CA LEU A 267 -13.82 8.37 12.17
C LEU A 267 -14.57 7.07 12.30
N VAL A 268 -14.78 6.62 13.53
CA VAL A 268 -15.53 5.40 13.80
C VAL A 268 -16.87 5.71 14.43
N GLY A 269 -16.92 6.64 15.37
CA GLY A 269 -18.18 7.01 15.98
C GLY A 269 -18.98 7.89 15.05
N MET A 270 -20.29 7.70 15.06
CA MET A 270 -21.22 8.47 14.23
C MET A 270 -22.27 9.11 15.12
N PRO A 271 -21.93 10.20 15.80
CA PRO A 271 -22.91 10.89 16.65
C PRO A 271 -24.06 11.43 15.82
N ALA A 272 -25.11 11.84 16.52
CA ALA A 272 -26.31 12.33 15.87
C ALA A 272 -26.04 13.71 15.27
N GLY A 273 -26.14 13.81 13.95
CA GLY A 273 -25.96 15.07 13.27
C GLY A 273 -24.61 15.70 13.50
N ALA A 274 -23.55 14.91 13.39
CA ALA A 274 -22.20 15.40 13.63
C ALA A 274 -21.48 15.64 12.31
N LYS A 275 -20.69 16.71 12.26
CA LYS A 275 -19.94 17.09 11.08
C LYS A 275 -18.49 17.33 11.48
N CYS A 276 -17.55 16.69 10.79
CA CYS A 276 -16.13 16.85 11.07
C CYS A 276 -15.64 18.09 10.35
N CYS A 277 -15.79 19.24 11.00
CA CYS A 277 -15.40 20.52 10.40
C CYS A 277 -13.91 20.74 10.65
N SER A 278 -13.10 20.11 9.82
CA SER A 278 -11.66 20.25 9.88
C SER A 278 -11.20 21.42 9.03
N ASP A 279 -10.28 22.21 9.57
CA ASP A 279 -9.76 23.35 8.83
C ASP A 279 -9.04 22.88 7.59
N VAL A 280 -9.39 23.47 6.44
CA VAL A 280 -8.80 23.03 5.18
C VAL A 280 -7.34 23.42 5.10
N PHE A 281 -6.99 24.63 5.56
CA PHE A 281 -5.59 25.04 5.51
C PHE A 281 -4.73 24.10 6.34
N ASN A 282 -5.13 23.85 7.58
CA ASN A 282 -4.34 22.99 8.46
C ASN A 282 -4.34 21.55 7.99
N GLN A 283 -5.40 21.10 7.32
CA GLN A 283 -5.41 19.74 6.82
C GLN A 283 -4.52 19.58 5.60
N VAL A 284 -4.55 20.55 4.68
CA VAL A 284 -3.72 20.45 3.49
C VAL A 284 -2.25 20.66 3.82
N VAL A 285 -1.94 21.64 4.66
CA VAL A 285 -0.55 21.92 5.00
C VAL A 285 0.11 20.72 5.66
N LYS A 286 -0.62 20.02 6.53
CA LYS A 286 -0.08 18.88 7.24
C LYS A 286 -0.38 17.55 6.57
N SER A 287 -1.07 17.55 5.44
CA SER A 287 -1.41 16.32 4.72
C SER A 287 -2.18 15.34 5.61
N ILE A 288 -3.07 15.85 6.45
CA ILE A 288 -3.80 15.00 7.37
C ILE A 288 -4.94 14.31 6.62
N SER A 289 -4.96 12.99 6.69
CA SER A 289 -6.07 12.20 6.14
C SER A 289 -7.14 12.04 7.20
N ILE A 290 -8.39 12.04 6.78
CA ILE A 290 -9.52 11.82 7.68
C ILE A 290 -10.31 10.65 7.09
N VAL A 291 -9.97 9.46 7.48
CA VAL A 291 -10.63 8.28 6.96
C VAL A 291 -11.88 8.02 7.79
N GLY A 292 -12.87 7.41 7.18
CA GLY A 292 -14.04 6.90 7.89
C GLY A 292 -14.02 5.39 7.82
N SER A 293 -14.33 4.73 8.93
CA SER A 293 -14.26 3.29 9.00
C SER A 293 -15.60 2.73 9.42
N TYR A 294 -16.16 1.85 8.61
CA TYR A 294 -17.41 1.20 8.93
C TYR A 294 -17.08 -0.21 9.44
N VAL A 295 -18.09 -1.04 9.67
CA VAL A 295 -17.82 -2.34 10.25
C VAL A 295 -16.87 -3.13 9.35
N GLY A 296 -16.11 -4.00 9.96
CA GLY A 296 -15.15 -4.78 9.21
C GLY A 296 -15.81 -5.86 8.38
N ASN A 297 -15.06 -6.36 7.40
CA ASN A 297 -15.54 -7.38 6.50
C ASN A 297 -15.15 -8.77 7.02
N ARG A 298 -15.30 -9.80 6.17
CA ARG A 298 -15.11 -11.16 6.63
C ARG A 298 -13.66 -11.44 7.03
N ALA A 299 -12.70 -10.96 6.25
CA ALA A 299 -11.30 -11.14 6.63
C ALA A 299 -11.02 -10.42 7.94
N ASP A 300 -11.57 -9.23 8.11
CA ASP A 300 -11.39 -8.46 9.32
C ASP A 300 -12.03 -9.15 10.51
N THR A 301 -13.19 -9.75 10.31
CA THR A 301 -13.81 -10.55 11.37
C THR A 301 -12.93 -11.72 11.75
N ARG A 302 -12.37 -12.42 10.76
CA ARG A 302 -11.50 -13.53 11.06
C ARG A 302 -10.29 -13.09 11.88
N GLU A 303 -9.65 -11.99 11.47
CA GLU A 303 -8.45 -11.56 12.18
C GLU A 303 -8.77 -11.00 13.56
N ALA A 304 -9.91 -10.32 13.72
CA ALA A 304 -10.27 -9.83 15.04
C ALA A 304 -10.61 -10.96 15.99
N LEU A 305 -11.38 -11.94 15.53
CA LEU A 305 -11.68 -13.09 16.37
C LEU A 305 -10.44 -13.93 16.63
N ASP A 306 -9.45 -13.87 15.73
CA ASP A 306 -8.20 -14.57 15.97
C ASP A 306 -7.35 -13.85 17.00
N PHE A 307 -7.40 -12.53 17.04
CA PHE A 307 -6.79 -11.79 18.14
C PHE A 307 -7.46 -12.15 19.46
N PHE A 308 -8.78 -12.28 19.44
CA PHE A 308 -9.48 -12.66 20.66
C PHE A 308 -9.11 -14.07 21.10
N ALA A 309 -9.06 -15.01 20.17
CA ALA A 309 -8.81 -16.41 20.53
C ALA A 309 -7.42 -16.59 21.13
N ARG A 310 -6.46 -15.75 20.74
CA ARG A 310 -5.15 -15.80 21.35
C ARG A 310 -5.14 -15.26 22.77
N GLY A 311 -6.24 -14.67 23.22
CA GLY A 311 -6.28 -14.09 24.54
C GLY A 311 -5.68 -12.71 24.64
N LEU A 312 -5.42 -12.06 23.51
CA LEU A 312 -4.82 -10.73 23.55
C LEU A 312 -5.83 -9.66 23.93
N VAL A 313 -7.09 -9.82 23.53
CA VAL A 313 -8.11 -8.83 23.85
C VAL A 313 -9.12 -9.49 24.79
N LYS A 314 -9.73 -8.66 25.63
CA LYS A 314 -10.73 -9.14 26.56
C LYS A 314 -11.62 -7.96 26.90
N SER A 315 -12.82 -7.94 26.33
CA SER A 315 -13.73 -6.84 26.57
C SER A 315 -14.28 -6.93 28.00
N PRO A 316 -14.18 -5.87 28.78
CA PRO A 316 -14.76 -5.91 30.13
C PRO A 316 -16.27 -5.87 30.05
N ILE A 317 -16.93 -7.00 30.28
CA ILE A 317 -18.35 -7.14 30.05
C ILE A 317 -19.08 -7.19 31.37
N LYS A 318 -20.22 -6.52 31.43
CA LYS A 318 -21.20 -6.72 32.48
C LYS A 318 -22.35 -7.51 31.86
N VAL A 319 -22.48 -8.76 32.25
CA VAL A 319 -23.55 -9.62 31.74
C VAL A 319 -24.77 -9.41 32.61
N VAL A 320 -25.86 -9.01 31.98
CA VAL A 320 -27.13 -8.74 32.66
C VAL A 320 -28.22 -9.52 31.95
N GLY A 321 -29.44 -9.34 32.43
CA GLY A 321 -30.57 -9.94 31.76
C GLY A 321 -31.04 -9.11 30.59
N LEU A 322 -31.87 -9.73 29.75
CA LEU A 322 -32.44 -9.02 28.62
C LEU A 322 -33.44 -7.96 29.08
N SER A 323 -34.19 -8.25 30.14
CA SER A 323 -35.20 -7.32 30.63
C SER A 323 -34.60 -6.00 31.08
N THR A 324 -33.35 -6.02 31.55
CA THR A 324 -32.66 -4.81 31.99
C THR A 324 -32.29 -3.90 30.82
N LEU A 325 -32.45 -4.38 29.58
CA LEU A 325 -31.92 -3.66 28.43
C LEU A 325 -32.35 -2.21 28.34
N PRO A 326 -33.62 -1.83 28.55
CA PRO A 326 -33.95 -0.40 28.45
C PRO A 326 -33.11 0.49 29.35
N GLU A 327 -32.93 0.09 30.62
CA GLU A 327 -32.14 0.89 31.54
C GLU A 327 -30.72 1.09 31.02
N ILE A 328 -30.18 0.08 30.34
CA ILE A 328 -28.83 0.19 29.77
C ILE A 328 -28.76 1.41 28.85
N TYR A 329 -29.79 1.59 28.01
CA TYR A 329 -29.79 2.75 27.13
C TYR A 329 -29.69 4.04 27.94
N GLU A 330 -30.46 4.13 29.03
CA GLU A 330 -30.31 5.27 29.92
C GLU A 330 -28.87 5.37 30.43
N LYS A 331 -28.35 4.25 30.95
CA LYS A 331 -26.97 4.24 31.42
C LYS A 331 -25.99 4.52 30.31
N MET A 332 -26.42 4.37 29.06
CA MET A 332 -25.57 4.70 27.92
C MET A 332 -25.83 6.12 27.42
N GLU A 333 -27.04 6.63 27.60
CA GLU A 333 -27.32 7.99 27.18
C GLU A 333 -26.68 9.02 28.11
N LYS A 334 -26.63 8.73 29.40
CA LYS A 334 -25.97 9.61 30.35
C LYS A 334 -24.45 9.57 30.22
N GLY A 335 -23.90 8.51 29.65
CA GLY A 335 -22.48 8.37 29.50
C GLY A 335 -21.79 7.59 30.60
N GLN A 336 -22.54 7.03 31.54
CA GLN A 336 -21.98 6.30 32.67
C GLN A 336 -21.64 4.86 32.32
N ILE A 337 -21.52 4.53 31.03
CA ILE A 337 -21.25 3.17 30.59
C ILE A 337 -19.74 3.01 30.49
N VAL A 338 -19.19 2.11 31.30
CA VAL A 338 -17.77 1.79 31.27
C VAL A 338 -17.61 0.38 30.71
N GLY A 339 -16.71 0.22 29.75
CA GLY A 339 -16.57 -1.06 29.10
C GLY A 339 -17.78 -1.38 28.25
N ARG A 340 -18.29 -2.60 28.36
CA ARG A 340 -19.37 -3.09 27.54
C ARG A 340 -20.41 -3.79 28.39
N TYR A 341 -21.66 -3.76 27.92
CA TYR A 341 -22.73 -4.54 28.52
C TYR A 341 -23.15 -5.64 27.56
N VAL A 342 -23.42 -6.82 28.10
CA VAL A 342 -23.89 -7.97 27.35
C VAL A 342 -25.18 -8.44 28.00
N VAL A 343 -26.13 -8.88 27.19
CA VAL A 343 -27.40 -9.37 27.68
C VAL A 343 -27.45 -10.88 27.44
N ASP A 344 -27.96 -11.60 28.44
CA ASP A 344 -28.18 -13.03 28.30
C ASP A 344 -29.63 -13.24 27.88
N THR A 345 -29.81 -13.90 26.73
CA THR A 345 -31.14 -14.06 26.19
C THR A 345 -32.02 -14.94 27.07
N SER A 346 -31.39 -15.81 27.87
CA SER A 346 -32.17 -16.73 28.71
C SER A 346 -33.04 -15.97 29.69
N LYS A 347 -32.53 -14.88 30.26
CA LYS A 347 -33.24 -14.15 31.30
C LYS A 347 -33.41 -12.68 30.97
N SER B 1 43.39 16.56 21.72
CA SER B 1 42.23 15.69 21.71
C SER B 1 42.39 14.56 20.69
N ILE B 2 41.97 14.82 19.46
CA ILE B 2 42.06 13.84 18.39
C ILE B 2 43.51 13.46 18.17
N PRO B 3 43.86 12.18 18.30
CA PRO B 3 45.27 11.79 18.27
C PRO B 3 45.88 11.84 16.87
N GLU B 4 47.13 11.39 16.75
CA GLU B 4 47.79 11.30 15.47
C GLU B 4 47.67 9.91 14.86
N THR B 5 47.63 8.87 15.68
CA THR B 5 47.47 7.49 15.23
C THR B 5 46.40 6.81 16.08
N GLN B 6 46.24 5.51 15.87
CA GLN B 6 45.26 4.71 16.59
C GLN B 6 45.55 3.25 16.29
N LYS B 7 44.77 2.37 16.88
CA LYS B 7 44.84 0.95 16.58
C LYS B 7 43.65 0.53 15.74
N GLY B 8 43.87 -0.48 14.90
CA GLY B 8 42.81 -0.97 14.05
C GLY B 8 43.10 -2.33 13.45
N VAL B 9 42.05 -3.08 13.13
CA VAL B 9 42.19 -4.37 12.48
C VAL B 9 42.11 -4.12 10.97
N ILE B 10 43.24 -4.26 10.29
CA ILE B 10 43.36 -3.97 8.87
C ILE B 10 43.93 -5.18 8.16
N PHE B 11 43.35 -5.51 7.00
CA PHE B 11 43.83 -6.61 6.18
C PHE B 11 44.08 -6.10 4.77
N TYR B 12 45.23 -6.46 4.22
CA TYR B 12 45.70 -5.92 2.94
C TYR B 12 45.36 -6.80 1.75
N GLU B 13 44.66 -7.92 1.96
CA GLU B 13 44.37 -8.82 0.87
C GLU B 13 43.21 -9.72 1.28
N SER B 14 42.31 -9.99 0.34
CA SER B 14 41.14 -10.79 0.64
C SER B 14 41.54 -12.16 1.17
N HIS B 15 40.88 -12.58 2.25
CA HIS B 15 41.19 -13.83 2.94
C HIS B 15 42.62 -13.88 3.42
N GLY B 16 43.26 -12.72 3.58
CA GLY B 16 44.65 -12.69 3.99
C GLY B 16 44.83 -12.84 5.48
N LYS B 17 45.73 -12.05 6.05
CA LYS B 17 46.03 -12.10 7.48
C LYS B 17 45.56 -10.80 8.11
N LEU B 18 44.66 -10.92 9.08
CA LEU B 18 44.17 -9.74 9.80
C LEU B 18 45.27 -9.20 10.69
N GLU B 19 45.52 -7.90 10.60
CA GLU B 19 46.61 -7.26 11.33
C GLU B 19 46.02 -6.25 12.30
N TYR B 20 46.15 -6.52 13.60
CA TYR B 20 45.82 -5.55 14.64
C TYR B 20 47.01 -4.60 14.74
N LYS B 21 46.98 -3.55 13.93
CA LYS B 21 48.14 -2.69 13.75
C LYS B 21 47.81 -1.26 14.15
N ASP B 22 48.79 -0.38 13.95
CA ASP B 22 48.65 1.05 14.21
C ASP B 22 48.42 1.75 12.89
N ILE B 23 47.34 2.52 12.81
CA ILE B 23 46.94 3.18 11.57
C ILE B 23 46.70 4.65 11.88
N PRO B 24 46.86 5.53 10.90
CA PRO B 24 46.68 6.95 11.14
C PRO B 24 45.21 7.28 11.40
N VAL B 25 45.01 8.44 12.00
CA VAL B 25 43.66 8.94 12.29
C VAL B 25 43.04 9.46 10.98
N PRO B 26 41.81 9.07 10.66
CA PRO B 26 41.19 9.55 9.43
C PRO B 26 40.69 10.98 9.59
N LYS B 27 41.20 11.87 8.75
CA LYS B 27 40.75 13.26 8.77
C LYS B 27 39.35 13.35 8.17
N PRO B 28 38.39 13.97 8.86
CA PRO B 28 37.05 14.08 8.31
C PRO B 28 37.02 14.95 7.06
N LYS B 29 36.11 14.59 6.15
CA LYS B 29 35.92 15.35 4.92
C LYS B 29 35.01 16.53 5.19
N ALA B 30 34.55 17.18 4.11
CA ALA B 30 33.78 18.41 4.25
C ALA B 30 32.44 18.19 4.93
N ASN B 31 31.81 17.03 4.74
CA ASN B 31 30.51 16.76 5.32
C ASN B 31 30.49 15.53 6.22
N GLU B 32 31.63 14.90 6.46
CA GLU B 32 31.69 13.66 7.21
C GLU B 32 32.14 13.93 8.64
N LEU B 33 31.34 13.48 9.59
CA LEU B 33 31.71 13.51 10.99
C LEU B 33 32.87 12.55 11.25
N LEU B 34 33.71 12.91 12.22
CA LEU B 34 34.73 12.03 12.75
C LEU B 34 34.23 11.52 14.09
N ILE B 35 33.91 10.24 14.14
CA ILE B 35 33.33 9.59 15.30
C ILE B 35 34.40 8.75 15.97
N ASN B 36 34.58 8.96 17.26
CA ASN B 36 35.45 8.08 18.05
C ASN B 36 34.65 6.83 18.34
N VAL B 37 34.82 5.80 17.51
CA VAL B 37 34.04 4.57 17.66
C VAL B 37 34.37 3.93 19.00
N LYS B 38 33.40 3.92 19.91
CA LYS B 38 33.61 3.29 21.19
C LYS B 38 33.50 1.77 21.07
N TYR B 39 32.34 1.28 20.63
CA TYR B 39 32.14 -0.13 20.37
C TYR B 39 31.71 -0.32 18.92
N SER B 40 31.84 -1.55 18.45
CA SER B 40 31.49 -1.87 17.07
C SER B 40 31.08 -3.31 16.96
N GLY B 41 29.85 -3.57 16.51
CA GLY B 41 29.43 -4.93 16.31
C GLY B 41 30.17 -5.60 15.17
N VAL B 42 30.22 -6.92 15.20
CA VAL B 42 30.84 -7.69 14.13
C VAL B 42 29.72 -8.40 13.38
N CYS B 43 29.52 -8.01 12.13
CA CYS B 43 28.47 -8.55 11.29
C CYS B 43 29.07 -9.57 10.34
N HIS B 44 28.24 -10.56 9.95
CA HIS B 44 28.69 -11.57 9.00
C HIS B 44 29.07 -10.95 7.66
N THR B 45 28.53 -9.78 7.34
CA THR B 45 28.97 -9.04 6.16
C THR B 45 30.46 -8.77 6.21
N ASP B 46 31.02 -8.52 7.40
CA ASP B 46 32.45 -8.32 7.50
C ASP B 46 33.20 -9.60 7.17
N LEU B 47 32.67 -10.75 7.58
CA LEU B 47 33.28 -12.02 7.19
C LEU B 47 33.23 -12.22 5.68
N HIS B 48 32.10 -11.88 5.06
CA HIS B 48 31.99 -11.99 3.61
C HIS B 48 32.96 -11.07 2.90
N ALA B 49 33.15 -9.86 3.42
CA ALA B 49 34.11 -8.94 2.85
C ALA B 49 35.54 -9.43 3.01
N TRP B 50 35.83 -10.10 4.13
CA TRP B 50 37.16 -10.67 4.32
C TRP B 50 37.40 -11.82 3.36
N HIS B 51 36.42 -12.72 3.21
CA HIS B 51 36.56 -13.86 2.33
C HIS B 51 36.49 -13.48 0.85
N GLY B 52 36.01 -12.29 0.53
CA GLY B 52 35.77 -11.95 -0.85
C GLY B 52 34.61 -12.67 -1.48
N ASP B 53 33.61 -13.08 -0.68
CA ASP B 53 32.51 -13.89 -1.16
C ASP B 53 31.62 -13.16 -2.16
N TRP B 54 31.75 -11.85 -2.28
CA TRP B 54 30.78 -11.17 -3.11
C TRP B 54 31.40 -10.70 -4.41
N PRO B 55 30.63 -10.65 -5.50
CA PRO B 55 31.18 -10.21 -6.79
C PRO B 55 31.81 -8.83 -6.75
N LEU B 56 31.23 -7.89 -6.00
CA LEU B 56 31.84 -6.57 -5.91
C LEU B 56 33.16 -6.65 -5.15
N PRO B 57 34.16 -5.87 -5.56
CA PRO B 57 35.45 -5.90 -4.88
C PRO B 57 35.56 -4.87 -3.76
N THR B 58 36.21 -5.27 -2.68
CA THR B 58 36.44 -4.37 -1.56
C THR B 58 37.54 -3.37 -1.90
N LYS B 59 37.63 -2.32 -1.09
CA LYS B 59 38.76 -1.42 -1.16
C LYS B 59 39.90 -1.98 -0.32
N LEU B 60 41.11 -1.95 -0.86
CA LEU B 60 42.22 -2.49 -0.09
C LEU B 60 43.30 -1.43 0.09
N PRO B 61 43.90 -1.31 1.29
CA PRO B 61 43.62 -2.08 2.49
C PRO B 61 42.33 -1.64 3.17
N LEU B 62 41.75 -2.51 3.99
CA LEU B 62 40.42 -2.27 4.53
C LEU B 62 40.42 -2.52 6.03
N VAL B 63 39.77 -1.63 6.77
CA VAL B 63 39.38 -1.87 8.15
C VAL B 63 37.87 -2.06 8.15
N GLY B 64 37.43 -3.27 8.44
CA GLY B 64 36.01 -3.59 8.29
C GLY B 64 35.12 -2.97 9.33
N GLY B 65 33.93 -3.54 9.51
CA GLY B 65 33.05 -3.09 10.57
C GLY B 65 32.13 -1.98 10.13
N HIS B 66 30.83 -2.23 10.14
CA HIS B 66 29.86 -1.26 9.69
C HIS B 66 28.78 -1.00 10.74
N GLU B 67 29.01 -1.39 11.98
CA GLU B 67 28.07 -1.16 13.07
C GLU B 67 28.72 -0.33 14.18
N GLY B 68 29.43 0.72 13.81
CA GLY B 68 30.14 1.50 14.80
C GLY B 68 29.22 2.39 15.58
N ALA B 69 29.54 2.60 16.85
CA ALA B 69 28.77 3.50 17.70
C ALA B 69 29.75 4.27 18.56
N GLY B 70 29.70 5.59 18.49
CA GLY B 70 30.69 6.38 19.18
C GLY B 70 30.28 7.80 19.44
N VAL B 71 31.26 8.61 19.82
CA VAL B 71 31.05 10.02 20.10
C VAL B 71 31.65 10.82 18.96
N VAL B 72 31.05 11.99 18.71
CA VAL B 72 31.45 12.84 17.58
C VAL B 72 32.59 13.72 18.08
N VAL B 73 33.81 13.19 18.03
CA VAL B 73 34.96 13.99 18.45
C VAL B 73 35.31 15.07 17.44
N GLY B 74 34.88 14.93 16.19
CA GLY B 74 35.17 15.95 15.20
C GLY B 74 34.09 15.99 14.14
N MET B 75 34.10 17.06 13.37
CA MET B 75 33.10 17.21 12.33
C MET B 75 33.65 18.09 11.22
N GLY B 76 33.24 17.80 10.00
CA GLY B 76 33.61 18.61 8.87
C GLY B 76 32.99 19.99 8.94
N GLU B 77 33.48 20.88 8.08
CA GLU B 77 33.03 22.26 8.11
C GLU B 77 31.58 22.42 7.67
N ASN B 78 31.04 21.47 6.91
CA ASN B 78 29.74 21.63 6.28
C ASN B 78 28.62 20.83 6.96
N VAL B 79 28.92 20.13 8.06
CA VAL B 79 27.89 19.33 8.72
C VAL B 79 26.84 20.24 9.31
N LYS B 80 25.58 19.78 9.32
CA LYS B 80 24.45 20.66 9.60
C LYS B 80 23.94 20.51 11.03
N GLY B 81 23.52 19.32 11.43
CA GLY B 81 22.79 19.17 12.67
C GLY B 81 23.45 18.30 13.73
N TRP B 82 24.76 18.47 13.90
CA TRP B 82 25.52 17.64 14.83
C TRP B 82 26.30 18.51 15.79
N LYS B 83 26.57 17.96 16.97
CA LYS B 83 27.36 18.61 17.99
C LYS B 83 28.49 17.69 18.42
N ILE B 84 29.62 18.28 18.78
CA ILE B 84 30.75 17.49 19.27
C ILE B 84 30.39 16.89 20.61
N GLY B 85 30.73 15.61 20.79
CA GLY B 85 30.40 14.90 22.00
C GLY B 85 29.07 14.16 21.95
N ASP B 86 28.28 14.38 20.91
CA ASP B 86 27.03 13.65 20.75
C ASP B 86 27.29 12.19 20.39
N TYR B 87 26.27 11.36 20.57
CA TYR B 87 26.35 9.95 20.22
C TYR B 87 25.88 9.77 18.78
N ALA B 88 26.64 8.99 18.02
CA ALA B 88 26.34 8.77 16.61
C ALA B 88 26.71 7.35 16.23
N GLY B 89 26.19 6.92 15.09
CA GLY B 89 26.39 5.56 14.64
C GLY B 89 26.78 5.43 13.19
N ILE B 90 27.88 4.72 12.95
CA ILE B 90 28.34 4.42 11.61
C ILE B 90 27.64 3.16 11.14
N LYS B 91 26.67 3.33 10.25
CA LYS B 91 25.93 2.21 9.67
C LYS B 91 26.67 1.64 8.48
N TRP B 92 26.09 0.62 7.84
CA TRP B 92 26.69 0.05 6.65
C TRP B 92 26.73 1.05 5.51
N LEU B 93 25.60 1.70 5.25
CA LEU B 93 25.55 2.71 4.20
C LEU B 93 26.14 3.99 4.72
N ASN B 94 27.40 4.26 4.37
CA ASN B 94 28.06 5.45 4.89
C ASN B 94 27.39 6.72 4.39
N GLY B 95 27.17 6.82 3.09
CA GLY B 95 26.57 8.02 2.52
C GLY B 95 26.10 7.76 1.12
N SER B 96 25.39 8.74 0.58
CA SER B 96 24.80 8.64 -0.74
C SER B 96 24.92 10.00 -1.42
N CYS B 97 24.57 10.04 -2.70
CA CYS B 97 24.56 11.30 -3.42
C CYS B 97 23.38 12.18 -3.03
N MET B 98 22.29 11.58 -2.56
CA MET B 98 21.06 12.28 -2.21
C MET B 98 20.47 13.04 -3.39
N ALA B 99 20.81 12.62 -4.62
CA ALA B 99 20.34 13.33 -5.81
C ALA B 99 19.85 12.42 -6.93
N CYS B 100 20.02 11.10 -6.83
CA CYS B 100 19.52 10.22 -7.87
C CYS B 100 18.08 9.82 -7.56
N GLU B 101 17.49 9.00 -8.42
CA GLU B 101 16.09 8.64 -8.20
C GLU B 101 15.93 7.63 -7.07
N TYR B 102 17.03 7.04 -6.60
CA TYR B 102 16.90 6.08 -5.51
C TYR B 102 16.95 6.78 -4.18
N CYS B 103 17.84 7.76 -4.01
CA CYS B 103 17.87 8.51 -2.76
C CYS B 103 16.65 9.41 -2.61
N GLU B 104 16.01 9.79 -3.72
CA GLU B 104 14.82 10.63 -3.63
C GLU B 104 13.62 9.85 -3.14
N LEU B 105 13.55 8.55 -3.43
CA LEU B 105 12.46 7.71 -3.01
C LEU B 105 12.71 7.08 -1.65
N GLY B 106 13.80 7.43 -0.99
CA GLY B 106 14.15 6.90 0.30
C GLY B 106 14.97 5.64 0.24
N ASN B 107 15.19 5.09 -0.94
CA ASN B 107 15.97 3.86 -1.10
C ASN B 107 17.44 4.24 -1.27
N GLU B 108 17.97 4.90 -0.24
CA GLU B 108 19.36 5.37 -0.31
C GLU B 108 20.36 4.23 -0.42
N SER B 109 20.01 3.05 0.09
CA SER B 109 20.96 1.93 0.05
C SER B 109 21.19 1.46 -1.37
N ASN B 110 20.16 1.56 -2.23
CA ASN B 110 20.28 1.13 -3.62
C ASN B 110 20.82 2.26 -4.50
N CYS B 111 21.92 2.85 -4.08
CA CYS B 111 22.36 3.96 -4.89
C CYS B 111 23.67 3.62 -5.60
N PRO B 112 23.81 4.02 -6.86
CA PRO B 112 25.06 3.74 -7.58
C PRO B 112 26.30 4.38 -6.96
N HIS B 113 26.13 5.44 -6.16
CA HIS B 113 27.26 6.17 -5.59
C HIS B 113 27.31 6.03 -4.08
N ALA B 114 27.02 4.84 -3.57
CA ALA B 114 26.90 4.62 -2.14
C ALA B 114 28.24 4.22 -1.55
N ASP B 115 28.68 4.96 -0.53
CA ASP B 115 29.85 4.58 0.25
C ASP B 115 29.43 3.53 1.27
N LEU B 116 30.10 2.39 1.26
CA LEU B 116 29.80 1.31 2.19
C LEU B 116 30.87 1.26 3.25
N SER B 117 30.52 1.66 4.47
CA SER B 117 31.48 1.61 5.56
C SER B 117 32.00 0.20 5.75
N GLY B 118 33.31 0.05 5.73
CA GLY B 118 33.92 -1.24 5.89
C GLY B 118 33.97 -2.08 4.63
N TYR B 119 33.49 -1.56 3.50
CA TYR B 119 33.62 -2.27 2.23
C TYR B 119 34.32 -1.40 1.19
N THR B 120 33.88 -0.15 1.02
CA THR B 120 34.53 0.83 0.17
C THR B 120 34.95 2.06 0.97
N HIS B 121 35.02 1.93 2.29
CA HIS B 121 35.34 3.03 3.17
C HIS B 121 35.89 2.43 4.46
N ASP B 122 36.89 3.09 5.05
CA ASP B 122 37.43 2.62 6.32
C ASP B 122 36.32 2.48 7.34
N GLY B 123 36.10 1.25 7.79
CA GLY B 123 34.95 0.93 8.60
C GLY B 123 35.07 1.36 10.04
N SER B 124 34.47 0.56 10.94
CA SER B 124 34.37 0.92 12.34
C SER B 124 35.18 0.00 13.24
N PHE B 125 36.07 -0.79 12.67
CA PHE B 125 36.99 -1.60 13.46
C PHE B 125 38.23 -0.83 13.87
N GLN B 126 38.13 0.50 13.90
CA GLN B 126 39.24 1.37 14.24
C GLN B 126 38.77 2.36 15.29
N GLU B 127 39.73 2.94 16.01
CA GLU B 127 39.38 3.82 17.12
C GLU B 127 38.56 5.02 16.65
N TYR B 128 38.99 5.65 15.57
CA TYR B 128 38.31 6.81 15.02
C TYR B 128 37.96 6.53 13.57
N ALA B 129 36.70 6.74 13.21
CA ALA B 129 36.25 6.49 11.85
C ALA B 129 35.38 7.65 11.40
N THR B 130 35.36 7.89 10.10
CA THR B 130 34.61 8.99 9.54
C THR B 130 33.36 8.48 8.83
N ALA B 131 32.26 9.22 8.98
CA ALA B 131 30.98 8.80 8.42
C ALA B 131 30.14 10.02 8.11
N ASP B 132 29.38 9.95 7.02
CA ASP B 132 28.61 11.11 6.57
C ASP B 132 27.67 11.59 7.66
N ALA B 133 27.30 12.86 7.58
CA ALA B 133 26.52 13.51 8.62
C ALA B 133 25.02 13.51 8.33
N VAL B 134 24.61 13.20 7.11
CA VAL B 134 23.19 13.10 6.83
C VAL B 134 22.71 11.66 6.87
N GLN B 135 23.64 10.70 6.88
CA GLN B 135 23.29 9.28 6.88
C GLN B 135 23.56 8.59 8.20
N ALA B 136 24.46 9.13 9.03
CA ALA B 136 24.77 8.51 10.30
C ALA B 136 23.53 8.47 11.19
N ALA B 137 23.59 7.62 12.21
CA ALA B 137 22.44 7.35 13.05
C ALA B 137 22.41 8.30 14.25
N HIS B 138 21.22 8.79 14.57
CA HIS B 138 21.02 9.72 15.68
C HIS B 138 20.77 8.92 16.96
N ILE B 139 21.84 8.35 17.50
CA ILE B 139 21.77 7.56 18.71
C ILE B 139 21.40 8.48 19.86
N PRO B 140 20.30 8.24 20.57
CA PRO B 140 19.91 9.14 21.66
C PRO B 140 20.92 9.15 22.78
N GLN B 141 21.03 10.29 23.44
CA GLN B 141 21.96 10.43 24.57
C GLN B 141 21.44 9.63 25.75
N GLY B 142 22.32 8.84 26.35
CA GLY B 142 21.97 8.01 27.50
C GLY B 142 21.93 6.53 27.21
N THR B 143 21.94 6.12 25.95
CA THR B 143 21.96 4.71 25.62
C THR B 143 23.32 4.10 25.96
N ASP B 144 23.37 2.78 25.93
CA ASP B 144 24.61 2.04 26.13
C ASP B 144 25.12 1.64 24.76
N LEU B 145 26.19 2.30 24.30
CA LEU B 145 26.67 2.10 22.94
C LEU B 145 26.99 0.64 22.66
N ALA B 146 27.43 -0.10 23.67
CA ALA B 146 27.72 -1.52 23.48
C ALA B 146 26.48 -2.26 23.02
N GLU B 147 25.34 -1.99 23.66
CA GLU B 147 24.10 -2.65 23.24
C GLU B 147 23.55 -2.07 21.95
N VAL B 148 23.77 -0.78 21.70
CA VAL B 148 23.24 -0.16 20.50
C VAL B 148 23.93 -0.68 19.26
N ALA B 149 25.24 -0.94 19.34
CA ALA B 149 26.01 -1.25 18.14
C ALA B 149 25.41 -2.34 17.26
N PRO B 150 24.97 -3.48 17.79
CA PRO B 150 24.34 -4.48 16.91
C PRO B 150 23.05 -4.00 16.26
N VAL B 151 22.36 -3.01 16.83
CA VAL B 151 21.16 -2.48 16.20
C VAL B 151 21.45 -1.72 14.93
N LEU B 152 22.65 -1.19 14.77
CA LEU B 152 22.92 -0.27 13.68
C LEU B 152 22.98 -0.92 12.32
N CYS B 153 23.24 -2.23 12.24
CA CYS B 153 23.24 -2.88 10.94
C CYS B 153 22.41 -4.15 10.95
N ALA B 154 22.30 -4.79 12.11
CA ALA B 154 21.47 -5.97 12.23
C ALA B 154 20.06 -5.65 12.72
N GLY B 155 19.86 -4.48 13.29
CA GLY B 155 18.55 -4.10 13.75
C GLY B 155 17.75 -3.44 12.65
N ILE B 156 18.33 -2.40 12.03
CA ILE B 156 17.61 -1.72 10.96
C ILE B 156 17.38 -2.67 9.79
N THR B 157 18.29 -3.63 9.60
CA THR B 157 18.15 -4.57 8.48
C THR B 157 16.93 -5.46 8.65
N VAL B 158 16.77 -6.09 9.82
CA VAL B 158 15.64 -6.97 10.01
C VAL B 158 14.36 -6.17 10.22
N TYR B 159 14.46 -4.95 10.73
CA TYR B 159 13.27 -4.10 10.79
C TYR B 159 12.76 -3.80 9.39
N LYS B 160 13.65 -3.37 8.50
CA LYS B 160 13.26 -3.16 7.11
C LYS B 160 12.77 -4.44 6.47
N ALA B 161 13.37 -5.58 6.81
CA ALA B 161 12.91 -6.84 6.25
C ALA B 161 11.47 -7.13 6.64
N LEU B 162 11.19 -7.10 7.95
CA LEU B 162 9.83 -7.38 8.41
C LEU B 162 8.83 -6.35 7.91
N LYS B 163 9.29 -5.12 7.66
CA LYS B 163 8.40 -4.15 7.03
C LYS B 163 8.22 -4.42 5.55
N SER B 164 9.15 -5.13 4.92
CA SER B 164 9.05 -5.48 3.51
C SER B 164 8.22 -6.72 3.27
N ALA B 165 7.96 -7.53 4.31
CA ALA B 165 7.17 -8.73 4.13
C ALA B 165 5.68 -8.45 4.03
N ASN B 166 5.26 -7.22 4.24
CA ASN B 166 3.86 -6.83 4.14
C ASN B 166 2.99 -7.70 5.03
N LEU B 167 3.44 -7.89 6.26
CA LEU B 167 2.72 -8.69 7.23
C LEU B 167 1.72 -7.83 7.99
N MET B 168 0.78 -8.49 8.65
CA MET B 168 -0.13 -7.85 9.57
C MET B 168 0.11 -8.41 10.96
N ALA B 169 -0.35 -7.69 11.96
CA ALA B 169 -0.26 -8.21 13.31
C ALA B 169 -1.05 -9.50 13.41
N GLY B 170 -0.44 -10.51 14.00
CA GLY B 170 -1.04 -11.83 14.11
C GLY B 170 -0.63 -12.80 13.03
N HIS B 171 0.06 -12.33 12.00
CA HIS B 171 0.48 -13.20 10.92
C HIS B 171 1.76 -13.91 11.29
N TRP B 172 1.80 -15.22 11.06
CA TRP B 172 3.00 -15.99 11.36
C TRP B 172 4.16 -15.50 10.52
N VAL B 173 5.29 -15.24 11.17
CA VAL B 173 6.53 -14.89 10.50
C VAL B 173 7.58 -15.89 10.93
N ALA B 174 8.25 -16.51 9.98
CA ALA B 174 9.17 -17.60 10.25
C ALA B 174 10.58 -17.11 10.03
N ILE B 175 11.26 -16.74 11.12
CA ILE B 175 12.65 -16.32 11.01
C ILE B 175 13.50 -17.56 10.78
N SER B 176 14.06 -17.68 9.58
CA SER B 176 14.90 -18.83 9.22
C SER B 176 16.34 -18.49 9.58
N GLY B 177 16.80 -19.01 10.71
CA GLY B 177 18.10 -18.62 11.23
C GLY B 177 17.94 -17.75 12.46
N ALA B 178 16.96 -18.08 13.29
CA ALA B 178 16.55 -17.22 14.39
C ALA B 178 17.33 -17.48 15.67
N ALA B 179 18.66 -17.55 15.58
CA ALA B 179 19.48 -17.48 16.76
C ALA B 179 20.79 -16.73 16.52
N GLY B 180 21.00 -16.20 15.34
CA GLY B 180 22.24 -15.52 15.01
C GLY B 180 22.17 -14.03 15.27
N GLY B 181 23.09 -13.31 14.65
CA GLY B 181 23.13 -11.87 14.86
C GLY B 181 21.87 -11.18 14.42
N LEU B 182 21.38 -11.53 13.23
CA LEU B 182 20.14 -10.95 12.73
C LEU B 182 18.92 -11.74 13.16
N GLY B 183 19.04 -13.06 13.29
CA GLY B 183 17.89 -13.86 13.67
C GLY B 183 17.30 -13.46 15.01
N SER B 184 18.16 -13.20 16.00
CA SER B 184 17.64 -12.85 17.32
C SER B 184 17.00 -11.48 17.32
N LEU B 185 17.64 -10.49 16.69
CA LEU B 185 17.01 -9.20 16.54
C LEU B 185 15.76 -9.26 15.68
N ALA B 186 15.75 -10.12 14.66
CA ALA B 186 14.54 -10.29 13.87
C ALA B 186 13.41 -10.85 14.73
N VAL B 187 13.72 -11.80 15.61
CA VAL B 187 12.69 -12.37 16.46
C VAL B 187 12.15 -11.31 17.40
N GLN B 188 13.03 -10.51 18.00
CA GLN B 188 12.56 -9.47 18.92
C GLN B 188 11.75 -8.41 18.22
N TYR B 189 12.15 -8.01 17.02
CA TYR B 189 11.38 -7.01 16.27
C TYR B 189 10.03 -7.57 15.84
N ALA B 190 10.02 -8.78 15.29
CA ALA B 190 8.76 -9.38 14.88
C ALA B 190 7.84 -9.64 16.05
N LYS B 191 8.39 -9.87 17.24
CA LYS B 191 7.57 -10.01 18.43
C LYS B 191 7.02 -8.67 18.88
N ALA B 192 7.82 -7.61 18.74
CA ALA B 192 7.37 -6.27 19.13
C ALA B 192 6.39 -5.70 18.12
N MET B 193 6.47 -6.12 16.86
CA MET B 193 5.60 -5.60 15.84
C MET B 193 4.24 -6.29 15.81
N GLY B 194 4.04 -7.32 16.61
CA GLY B 194 2.77 -8.00 16.72
C GLY B 194 2.71 -9.35 16.05
N TYR B 195 3.68 -9.69 15.20
CA TYR B 195 3.62 -10.95 14.49
C TYR B 195 3.84 -12.10 15.45
N ARG B 196 3.49 -13.30 14.99
CA ARG B 196 3.71 -14.53 15.74
C ARG B 196 4.97 -15.17 15.20
N VAL B 197 6.01 -15.22 16.02
CA VAL B 197 7.34 -15.54 15.53
C VAL B 197 7.60 -17.02 15.65
N LEU B 198 7.71 -17.70 14.52
CA LEU B 198 8.29 -19.01 14.42
C LEU B 198 9.78 -18.85 14.15
N GLY B 199 10.57 -19.82 14.58
CA GLY B 199 12.00 -19.76 14.40
C GLY B 199 12.54 -21.07 13.88
N ILE B 200 13.58 -20.98 13.06
CA ILE B 200 14.24 -22.14 12.49
C ILE B 200 15.74 -21.95 12.67
N ASP B 201 16.34 -22.74 13.56
CA ASP B 201 17.78 -22.72 13.74
C ASP B 201 18.18 -24.01 14.45
N GLY B 202 19.49 -24.18 14.62
CA GLY B 202 19.99 -25.38 15.24
C GLY B 202 21.43 -25.21 15.66
N GLY B 203 21.86 -26.09 16.57
CA GLY B 203 23.18 -26.05 17.12
C GLY B 203 23.11 -26.09 18.62
N GLU B 204 24.22 -25.70 19.26
CA GLU B 204 24.32 -25.72 20.71
C GLU B 204 23.82 -24.40 21.27
N GLY B 205 22.76 -24.47 22.07
CA GLY B 205 22.26 -23.28 22.73
C GLY B 205 21.55 -22.29 21.85
N LYS B 206 21.00 -22.73 20.72
CA LYS B 206 20.21 -21.85 19.88
C LYS B 206 18.76 -21.80 20.34
N GLU B 207 18.17 -22.95 20.68
CA GLU B 207 16.79 -22.97 21.13
C GLU B 207 16.64 -22.22 22.44
N GLU B 208 17.62 -22.32 23.33
CA GLU B 208 17.53 -21.60 24.60
C GLU B 208 17.45 -20.10 24.39
N LEU B 209 18.34 -19.56 23.55
CA LEU B 209 18.30 -18.14 23.23
C LEU B 209 16.99 -17.76 22.57
N PHE B 210 16.54 -18.57 21.61
CA PHE B 210 15.31 -18.24 20.90
C PHE B 210 14.12 -18.19 21.84
N ARG B 211 14.02 -19.15 22.75
CA ARG B 211 12.95 -19.14 23.73
C ARG B 211 13.06 -17.94 24.65
N SER B 212 14.28 -17.61 25.08
CA SER B 212 14.46 -16.51 26.03
C SER B 212 14.03 -15.18 25.43
N ILE B 213 14.44 -14.91 24.18
CA ILE B 213 14.17 -13.61 23.59
C ILE B 213 12.71 -13.41 23.19
N GLY B 214 11.91 -14.47 23.20
CA GLY B 214 10.48 -14.28 23.01
C GLY B 214 9.88 -14.94 21.77
N GLY B 215 10.50 -16.03 21.31
CA GLY B 215 9.93 -16.76 20.21
C GLY B 215 8.71 -17.56 20.62
N GLU B 216 8.00 -18.07 19.61
CA GLU B 216 6.77 -18.81 19.85
C GLU B 216 6.93 -20.30 19.54
N VAL B 217 7.35 -20.64 18.32
CA VAL B 217 7.55 -22.02 17.91
C VAL B 217 8.93 -22.13 17.31
N PHE B 218 9.75 -23.04 17.84
CA PHE B 218 11.10 -23.26 17.35
C PHE B 218 11.17 -24.60 16.64
N ILE B 219 11.80 -24.61 15.47
CA ILE B 219 11.92 -25.80 14.64
C ILE B 219 13.39 -26.06 14.40
N ASP B 220 13.91 -27.13 14.96
CA ASP B 220 15.33 -27.42 14.90
C ASP B 220 15.69 -27.95 13.51
N PHE B 221 16.56 -27.23 12.81
CA PHE B 221 16.93 -27.65 11.47
C PHE B 221 17.95 -28.78 11.46
N THR B 222 18.50 -29.15 12.62
CA THR B 222 19.38 -30.30 12.71
C THR B 222 18.72 -31.50 13.38
N LYS B 223 17.42 -31.42 13.67
CA LYS B 223 16.70 -32.54 14.24
C LYS B 223 15.34 -32.77 13.61
N GLU B 224 14.93 -31.94 12.66
CA GLU B 224 13.68 -32.13 11.91
C GLU B 224 14.05 -32.51 10.49
N LYS B 225 13.68 -33.74 10.09
CA LYS B 225 14.01 -34.19 8.75
C LYS B 225 13.28 -33.38 7.69
N ASP B 226 12.01 -33.06 7.93
CA ASP B 226 11.18 -32.32 6.99
C ASP B 226 10.85 -30.98 7.63
N ILE B 227 11.61 -29.94 7.28
CA ILE B 227 11.34 -28.62 7.83
C ILE B 227 10.06 -28.05 7.26
N VAL B 228 9.83 -28.25 5.96
CA VAL B 228 8.64 -27.69 5.31
C VAL B 228 7.37 -28.22 5.97
N GLY B 229 7.33 -29.53 6.22
CA GLY B 229 6.17 -30.09 6.89
C GLY B 229 5.97 -29.54 8.28
N ALA B 230 7.08 -29.37 9.02
CA ALA B 230 6.97 -28.84 10.38
C ALA B 230 6.43 -27.43 10.39
N VAL B 231 6.91 -26.57 9.47
CA VAL B 231 6.41 -25.21 9.44
C VAL B 231 4.98 -25.16 8.94
N LEU B 232 4.61 -26.01 7.98
CA LEU B 232 3.22 -26.01 7.53
C LEU B 232 2.28 -26.48 8.63
N LYS B 233 2.72 -27.41 9.47
CA LYS B 233 1.87 -27.87 10.57
C LYS B 233 1.81 -26.84 11.69
N ALA B 234 2.93 -26.20 12.01
CA ALA B 234 2.96 -25.26 13.11
C ALA B 234 2.21 -23.97 12.80
N THR B 235 2.36 -23.47 11.58
CA THR B 235 1.72 -22.22 11.17
C THR B 235 0.33 -22.44 10.58
N ASP B 236 -0.08 -23.70 10.39
CA ASP B 236 -1.40 -24.05 9.84
C ASP B 236 -1.53 -23.52 8.42
N GLY B 237 -0.68 -24.02 7.53
CA GLY B 237 -0.75 -23.66 6.13
C GLY B 237 0.48 -22.97 5.61
N GLY B 238 1.38 -22.60 6.51
CA GLY B 238 2.59 -21.92 6.11
C GLY B 238 2.79 -20.60 6.83
N ALA B 239 4.01 -20.09 6.82
CA ALA B 239 4.25 -18.77 7.37
C ALA B 239 3.63 -17.72 6.46
N HIS B 240 3.12 -16.66 7.07
CA HIS B 240 2.60 -15.57 6.25
C HIS B 240 3.70 -14.73 5.65
N GLY B 241 4.91 -14.82 6.19
CA GLY B 241 6.06 -14.14 5.64
C GLY B 241 7.31 -14.69 6.26
N VAL B 242 8.28 -15.06 5.45
CA VAL B 242 9.52 -15.66 5.93
C VAL B 242 10.62 -14.63 5.85
N ILE B 243 11.52 -14.64 6.81
CA ILE B 243 12.73 -13.82 6.77
C ILE B 243 13.90 -14.77 6.70
N ASN B 244 14.73 -14.63 5.66
CA ASN B 244 15.85 -15.55 5.47
C ASN B 244 17.13 -14.85 5.90
N VAL B 245 17.38 -14.88 7.21
CA VAL B 245 18.61 -14.32 7.76
C VAL B 245 19.69 -15.39 7.88
N SER B 246 19.48 -16.56 7.30
CA SER B 246 20.43 -17.64 7.38
C SER B 246 21.55 -17.42 6.37
N VAL B 247 22.51 -18.35 6.36
CA VAL B 247 23.62 -18.31 5.42
C VAL B 247 23.70 -19.63 4.67
N SER B 248 22.56 -20.30 4.51
CA SER B 248 22.50 -21.56 3.81
C SER B 248 21.62 -21.41 2.58
N GLU B 249 22.18 -21.70 1.40
CA GLU B 249 21.39 -21.68 0.18
C GLU B 249 20.26 -22.70 0.24
N ALA B 250 20.49 -23.83 0.91
CA ALA B 250 19.42 -24.82 1.08
C ALA B 250 18.28 -24.27 1.92
N ALA B 251 18.60 -23.47 2.94
CA ALA B 251 17.56 -22.85 3.74
C ALA B 251 16.72 -21.90 2.91
N ILE B 252 17.37 -21.10 2.06
CA ILE B 252 16.63 -20.20 1.18
C ILE B 252 15.76 -20.99 0.21
N GLU B 253 16.30 -22.07 -0.34
CA GLU B 253 15.52 -22.89 -1.27
C GLU B 253 14.30 -23.49 -0.60
N ALA B 254 14.45 -23.99 0.62
CA ALA B 254 13.33 -24.56 1.37
C ALA B 254 12.42 -23.49 1.94
N SER B 255 12.84 -22.23 1.90
CA SER B 255 12.06 -21.14 2.46
C SER B 255 10.90 -20.71 1.57
N THR B 256 10.96 -21.03 0.28
CA THR B 256 9.89 -20.66 -0.64
C THR B 256 8.81 -21.70 -0.72
N ARG B 257 8.90 -22.75 0.09
CA ARG B 257 7.93 -23.84 0.06
C ARG B 257 7.08 -23.96 1.31
N TYR B 258 7.44 -23.27 2.40
CA TYR B 258 6.61 -23.25 3.60
C TYR B 258 6.03 -21.87 3.87
N VAL B 259 5.93 -21.04 2.87
CA VAL B 259 5.28 -19.74 2.97
C VAL B 259 3.90 -19.85 2.34
N ARG B 260 2.89 -19.24 2.97
CA ARG B 260 1.53 -19.44 2.52
C ARG B 260 1.32 -18.91 1.11
N ALA B 261 0.21 -19.30 0.52
CA ALA B 261 -0.26 -18.60 -0.67
C ALA B 261 -0.43 -17.13 -0.33
N ASN B 262 -0.04 -16.27 -1.25
CA ASN B 262 -0.02 -14.83 -1.02
C ASN B 262 0.93 -14.47 0.13
N GLY B 263 1.99 -15.25 0.28
CA GLY B 263 2.96 -15.00 1.32
C GLY B 263 4.03 -14.04 0.83
N THR B 264 5.17 -14.09 1.50
CA THR B 264 6.30 -13.24 1.13
C THR B 264 7.55 -13.84 1.75
N THR B 265 8.61 -13.97 0.97
CA THR B 265 9.84 -14.60 1.41
C THR B 265 10.95 -13.56 1.28
N VAL B 266 11.15 -12.77 2.32
CA VAL B 266 12.18 -11.75 2.28
C VAL B 266 13.55 -12.43 2.36
N LEU B 267 14.42 -12.09 1.42
CA LEU B 267 15.80 -12.56 1.40
C LEU B 267 16.66 -11.48 2.03
N VAL B 268 17.21 -11.77 3.19
CA VAL B 268 18.10 -10.86 3.88
C VAL B 268 19.54 -11.35 3.86
N GLY B 269 19.75 -12.64 4.09
CA GLY B 269 21.09 -13.18 4.03
C GLY B 269 21.55 -13.33 2.59
N MET B 270 22.83 -13.08 2.37
CA MET B 270 23.44 -13.17 1.05
C MET B 270 24.64 -14.12 1.12
N PRO B 271 24.40 -15.42 1.14
CA PRO B 271 25.51 -16.38 1.18
C PRO B 271 26.36 -16.29 -0.07
N ALA B 272 27.52 -16.93 -0.02
CA ALA B 272 28.46 -16.87 -1.12
C ALA B 272 27.94 -17.71 -2.29
N GLY B 273 27.67 -17.05 -3.41
CA GLY B 273 27.23 -17.75 -4.60
C GLY B 273 25.93 -18.51 -4.42
N ALA B 274 24.95 -17.87 -3.79
CA ALA B 274 23.67 -18.52 -3.52
C ALA B 274 22.62 -18.05 -4.51
N LYS B 275 21.76 -18.97 -4.92
CA LYS B 275 20.70 -18.69 -5.88
C LYS B 275 19.39 -19.23 -5.31
N CYS B 276 18.37 -18.39 -5.26
CA CYS B 276 17.06 -18.79 -4.75
C CYS B 276 16.29 -19.46 -5.88
N CYS B 277 16.52 -20.77 -6.04
CA CYS B 277 15.88 -21.53 -7.13
C CYS B 277 14.49 -21.97 -6.66
N SER B 278 13.55 -21.05 -6.76
CA SER B 278 12.16 -21.32 -6.40
C SER B 278 11.41 -21.86 -7.61
N ASP B 279 10.61 -22.89 -7.38
CA ASP B 279 9.82 -23.47 -8.46
C ASP B 279 8.84 -22.45 -9.00
N VAL B 280 8.82 -22.27 -10.32
CA VAL B 280 7.97 -21.26 -10.92
C VAL B 280 6.51 -21.67 -10.83
N PHE B 281 6.19 -22.95 -11.04
CA PHE B 281 4.80 -23.37 -10.93
C PHE B 281 4.27 -23.13 -9.53
N ASN B 282 5.00 -23.57 -8.51
CA ASN B 282 4.53 -23.40 -7.15
C ASN B 282 4.53 -21.95 -6.71
N GLN B 283 5.41 -21.12 -7.27
CA GLN B 283 5.40 -19.71 -6.93
C GLN B 283 4.23 -18.97 -7.58
N VAL B 284 3.94 -19.27 -8.83
CA VAL B 284 2.84 -18.60 -9.51
C VAL B 284 1.50 -19.07 -8.98
N VAL B 285 1.34 -20.38 -8.77
CA VAL B 285 0.06 -20.90 -8.30
C VAL B 285 -0.29 -20.33 -6.93
N LYS B 286 0.70 -20.16 -6.06
CA LYS B 286 0.45 -19.66 -4.72
C LYS B 286 0.66 -18.16 -4.60
N SER B 287 1.04 -17.48 -5.68
CA SER B 287 1.28 -16.04 -5.65
C SER B 287 2.33 -15.65 -4.62
N ILE B 288 3.36 -16.47 -4.45
CA ILE B 288 4.38 -16.21 -3.45
C ILE B 288 5.32 -15.14 -3.95
N SER B 289 5.48 -14.07 -3.17
CA SER B 289 6.46 -13.03 -3.47
C SER B 289 7.78 -13.39 -2.81
N ILE B 290 8.87 -13.06 -3.48
CA ILE B 290 10.22 -13.28 -2.94
C ILE B 290 10.91 -11.93 -2.97
N VAL B 291 10.78 -11.18 -1.92
CA VAL B 291 11.38 -9.85 -1.83
C VAL B 291 12.81 -10.00 -1.36
N GLY B 292 13.67 -9.07 -1.77
CA GLY B 292 15.01 -8.96 -1.23
C GLY B 292 15.09 -7.66 -0.45
N SER B 293 15.74 -7.70 0.71
CA SER B 293 15.81 -6.55 1.58
C SER B 293 17.25 -6.22 1.87
N TYR B 294 17.64 -4.99 1.57
CA TYR B 294 18.98 -4.53 1.86
C TYR B 294 18.91 -3.67 3.12
N VAL B 295 20.02 -3.02 3.50
CA VAL B 295 20.01 -2.29 4.75
C VAL B 295 18.93 -1.21 4.72
N GLY B 296 18.41 -0.88 5.89
CA GLY B 296 17.36 0.10 5.96
C GLY B 296 17.87 1.51 5.74
N ASN B 297 16.93 2.40 5.43
CA ASN B 297 17.24 3.78 5.16
C ASN B 297 17.11 4.63 6.43
N ARG B 298 17.11 5.95 6.30
CA ARG B 298 17.16 6.82 7.47
C ARG B 298 15.90 6.71 8.32
N ALA B 299 14.72 6.67 7.68
CA ALA B 299 13.50 6.49 8.45
C ALA B 299 13.50 5.15 9.17
N ASP B 300 13.99 4.11 8.49
CA ASP B 300 14.06 2.79 9.08
C ASP B 300 15.05 2.75 10.23
N THR B 301 16.16 3.46 10.10
CA THR B 301 17.10 3.59 11.21
C THR B 301 16.45 4.28 12.40
N ARG B 302 15.71 5.35 12.14
CA ARG B 302 15.04 6.05 13.22
C ARG B 302 14.06 5.13 13.94
N GLU B 303 13.23 4.40 13.18
CA GLU B 303 12.24 3.55 13.82
C GLU B 303 12.86 2.34 14.51
N ALA B 304 13.94 1.79 13.97
CA ALA B 304 14.60 0.68 14.66
C ALA B 304 15.26 1.12 15.94
N LEU B 305 15.97 2.25 15.91
CA LEU B 305 16.56 2.76 17.14
C LEU B 305 15.50 3.22 18.12
N ASP B 306 14.32 3.58 17.63
CA ASP B 306 13.23 3.93 18.54
C ASP B 306 12.62 2.69 19.19
N PHE B 307 12.57 1.57 18.46
CA PHE B 307 12.21 0.31 19.10
C PHE B 307 13.22 -0.06 20.15
N PHE B 308 14.51 0.15 19.87
CA PHE B 308 15.54 -0.14 20.87
C PHE B 308 15.40 0.76 22.10
N ALA B 309 15.19 2.06 21.88
CA ALA B 309 15.15 2.98 23.00
C ALA B 309 14.00 2.69 23.94
N ARG B 310 12.90 2.14 23.42
CA ARG B 310 11.79 1.73 24.28
C ARG B 310 12.12 0.50 25.11
N GLY B 311 13.25 -0.15 24.86
CA GLY B 311 13.58 -1.36 25.57
C GLY B 311 12.92 -2.60 25.04
N LEU B 312 12.32 -2.55 23.85
CA LEU B 312 11.65 -3.71 23.32
C LEU B 312 12.63 -4.73 22.75
N VAL B 313 13.75 -4.28 22.19
CA VAL B 313 14.74 -5.18 21.64
C VAL B 313 16.01 -5.08 22.47
N LYS B 314 16.75 -6.19 22.53
CA LYS B 314 18.00 -6.22 23.27
C LYS B 314 18.85 -7.32 22.65
N SER B 315 19.85 -6.93 21.88
CA SER B 315 20.70 -7.89 21.22
C SER B 315 21.61 -8.56 22.26
N PRO B 316 21.63 -9.89 22.32
CA PRO B 316 22.54 -10.54 23.27
C PRO B 316 23.97 -10.41 22.78
N ILE B 317 24.75 -9.55 23.42
CA ILE B 317 26.08 -9.19 22.94
C ILE B 317 27.12 -9.82 23.82
N LYS B 318 28.18 -10.33 23.20
CA LYS B 318 29.42 -10.65 23.89
C LYS B 318 30.41 -9.57 23.53
N VAL B 319 30.75 -8.73 24.50
CA VAL B 319 31.71 -7.65 24.29
C VAL B 319 33.10 -8.20 24.54
N VAL B 320 33.96 -8.11 23.54
CA VAL B 320 35.32 -8.60 23.60
C VAL B 320 36.25 -7.47 23.18
N GLY B 321 37.54 -7.78 23.15
CA GLY B 321 38.51 -6.83 22.65
C GLY B 321 38.59 -6.84 21.14
N LEU B 322 39.21 -5.78 20.60
CA LEU B 322 39.41 -5.71 19.16
C LEU B 322 40.40 -6.75 18.68
N SER B 323 41.42 -7.05 19.50
CA SER B 323 42.45 -8.01 19.10
C SER B 323 41.87 -9.40 18.88
N THR B 324 40.80 -9.74 19.59
CA THR B 324 40.16 -11.04 19.45
C THR B 324 39.43 -11.19 18.12
N LEU B 325 39.29 -10.10 17.37
CA LEU B 325 38.42 -10.09 16.20
C LEU B 325 38.69 -11.21 15.20
N PRO B 326 39.93 -11.55 14.83
CA PRO B 326 40.12 -12.65 13.87
C PRO B 326 39.48 -13.95 14.33
N GLU B 327 39.66 -14.32 15.59
CA GLU B 327 39.08 -15.56 16.09
C GLU B 327 37.56 -15.56 15.93
N ILE B 328 36.94 -14.38 16.10
CA ILE B 328 35.49 -14.28 15.93
C ILE B 328 35.08 -14.78 14.55
N TYR B 329 35.84 -14.38 13.52
CA TYR B 329 35.52 -14.87 12.18
C TYR B 329 35.53 -16.38 12.13
N GLU B 330 36.54 -17.00 12.75
CA GLU B 330 36.54 -18.46 12.86
C GLU B 330 35.29 -18.93 13.58
N LYS B 331 35.01 -18.34 14.75
CA LYS B 331 33.81 -18.71 15.49
C LYS B 331 32.55 -18.39 14.71
N MET B 332 32.64 -17.54 13.69
CA MET B 332 31.50 -17.27 12.83
C MET B 332 31.51 -18.13 11.58
N GLU B 333 32.68 -18.57 11.13
CA GLU B 333 32.73 -19.44 9.96
C GLU B 333 32.28 -20.85 10.30
N LYS B 334 32.59 -21.34 11.50
CA LYS B 334 32.13 -22.64 11.94
C LYS B 334 30.65 -22.66 12.25
N GLY B 335 30.05 -21.51 12.53
CA GLY B 335 28.65 -21.42 12.86
C GLY B 335 28.34 -21.45 14.35
N GLN B 336 29.35 -21.43 15.20
CA GLN B 336 29.17 -21.49 16.64
C GLN B 336 28.85 -20.14 17.26
N ILE B 337 28.45 -19.17 16.44
CA ILE B 337 28.18 -17.81 16.92
C ILE B 337 26.71 -17.74 17.32
N VAL B 338 26.46 -17.49 18.60
CA VAL B 338 25.12 -17.32 19.12
C VAL B 338 24.94 -15.86 19.50
N GLY B 339 23.83 -15.27 19.07
CA GLY B 339 23.62 -13.85 19.29
C GLY B 339 24.59 -13.02 18.48
N ARG B 340 25.20 -12.02 19.12
CA ARG B 340 26.07 -11.09 18.44
C ARG B 340 27.36 -10.89 19.24
N TYR B 341 28.43 -10.56 18.53
CA TYR B 341 29.68 -10.15 19.15
C TYR B 341 29.92 -8.68 18.89
N VAL B 342 30.42 -7.98 19.90
CA VAL B 342 30.76 -6.57 19.81
C VAL B 342 32.21 -6.43 20.25
N VAL B 343 32.95 -5.55 19.60
CA VAL B 343 34.34 -5.30 19.93
C VAL B 343 34.45 -3.92 20.56
N ASP B 344 35.25 -3.83 21.61
CA ASP B 344 35.55 -2.55 22.25
C ASP B 344 36.84 -2.02 21.64
N THR B 345 36.77 -0.83 21.05
CA THR B 345 37.93 -0.29 20.36
C THR B 345 39.07 0.03 21.32
N SER B 346 38.75 0.25 22.59
CA SER B 346 39.79 0.62 23.56
C SER B 346 40.83 -0.49 23.70
N LYS B 347 40.39 -1.73 23.68
CA LYS B 347 41.28 -2.86 23.92
C LYS B 347 41.24 -3.89 22.80
N SER C 1 -35.19 -26.68 -26.04
CA SER C 1 -34.09 -25.74 -26.00
C SER C 1 -32.77 -26.46 -25.77
N ILE C 2 -32.40 -26.64 -24.50
CA ILE C 2 -31.16 -27.30 -24.12
C ILE C 2 -31.16 -28.71 -24.68
N PRO C 3 -30.18 -29.08 -25.50
CA PRO C 3 -30.22 -30.38 -26.18
C PRO C 3 -29.93 -31.56 -25.27
N GLU C 4 -29.84 -32.74 -25.86
CA GLU C 4 -29.46 -33.93 -25.12
C GLU C 4 -27.98 -34.23 -25.22
N THR C 5 -27.37 -33.91 -26.36
CA THR C 5 -25.93 -34.10 -26.57
C THR C 5 -25.35 -32.82 -27.17
N GLN C 6 -24.08 -32.89 -27.55
CA GLN C 6 -23.36 -31.77 -28.12
C GLN C 6 -22.05 -32.30 -28.66
N LYS C 7 -21.26 -31.41 -29.26
CA LYS C 7 -19.92 -31.74 -29.71
C LYS C 7 -18.90 -31.11 -28.78
N GLY C 8 -17.75 -31.78 -28.66
CA GLY C 8 -16.70 -31.29 -27.80
C GLY C 8 -15.36 -31.94 -28.06
N VAL C 9 -14.28 -31.24 -27.75
CA VAL C 9 -12.93 -31.78 -27.89
C VAL C 9 -12.56 -32.38 -26.53
N ILE C 10 -12.50 -33.71 -26.48
CA ILE C 10 -12.26 -34.44 -25.25
C ILE C 10 -11.09 -35.38 -25.45
N PHE C 11 -10.21 -35.45 -24.46
CA PHE C 11 -9.07 -36.35 -24.49
C PHE C 11 -9.05 -37.18 -23.22
N TYR C 12 -8.86 -38.48 -23.36
CA TYR C 12 -8.99 -39.44 -22.28
C TYR C 12 -7.67 -39.76 -21.60
N GLU C 13 -6.56 -39.16 -22.03
CA GLU C 13 -5.27 -39.48 -21.45
C GLU C 13 -4.31 -38.35 -21.77
N SER C 14 -3.45 -38.02 -20.80
CA SER C 14 -2.51 -36.91 -20.97
C SER C 14 -1.64 -37.15 -22.19
N HIS C 15 -1.48 -36.11 -23.00
CA HIS C 15 -0.72 -36.16 -24.25
C HIS C 15 -1.26 -37.21 -25.20
N GLY C 16 -2.52 -37.60 -25.03
CA GLY C 16 -3.11 -38.63 -25.85
C GLY C 16 -3.60 -38.10 -27.20
N LYS C 17 -4.77 -38.57 -27.63
CA LYS C 17 -5.35 -38.17 -28.90
C LYS C 17 -6.60 -37.34 -28.64
N LEU C 18 -6.60 -36.11 -29.14
CA LEU C 18 -7.75 -35.24 -28.97
C LEU C 18 -8.89 -35.75 -29.85
N GLU C 19 -10.08 -35.90 -29.27
CA GLU C 19 -11.22 -36.46 -29.97
C GLU C 19 -12.31 -35.40 -30.06
N TYR C 20 -12.60 -34.94 -31.27
CA TYR C 20 -13.75 -34.08 -31.53
C TYR C 20 -14.96 -35.00 -31.62
N LYS C 21 -15.58 -35.25 -30.47
CA LYS C 21 -16.59 -36.29 -30.35
C LYS C 21 -17.92 -35.68 -29.90
N ASP C 22 -18.90 -36.56 -29.70
CA ASP C 22 -20.21 -36.18 -29.19
C ASP C 22 -20.27 -36.54 -27.71
N ILE C 23 -20.61 -35.56 -26.89
CA ILE C 23 -20.60 -35.72 -25.44
C ILE C 23 -21.94 -35.22 -24.91
N PRO C 24 -22.40 -35.75 -23.78
CA PRO C 24 -23.69 -35.34 -23.24
C PRO C 24 -23.66 -33.90 -22.75
N VAL C 25 -24.85 -33.34 -22.62
CA VAL C 25 -25.02 -31.98 -22.11
C VAL C 25 -24.80 -31.99 -20.59
N PRO C 26 -23.98 -31.10 -20.05
CA PRO C 26 -23.76 -31.08 -18.59
C PRO C 26 -24.94 -30.44 -17.88
N LYS C 27 -25.56 -31.19 -16.98
CA LYS C 27 -26.66 -30.66 -16.19
C LYS C 27 -26.11 -29.70 -15.14
N PRO C 28 -26.65 -28.49 -15.05
CA PRO C 28 -26.15 -27.54 -14.05
C PRO C 28 -26.43 -28.02 -12.63
N LYS C 29 -25.53 -27.67 -11.73
CA LYS C 29 -25.67 -28.02 -10.32
C LYS C 29 -26.55 -26.98 -9.63
N ALA C 30 -26.59 -27.02 -8.31
CA ALA C 30 -27.50 -26.16 -7.56
C ALA C 30 -27.18 -24.68 -7.70
N ASN C 31 -25.90 -24.33 -7.84
CA ASN C 31 -25.50 -22.93 -7.95
C ASN C 31 -24.76 -22.60 -9.23
N GLU C 32 -24.63 -23.55 -10.15
CA GLU C 32 -23.83 -23.38 -11.35
C GLU C 32 -24.72 -23.08 -12.54
N LEU C 33 -24.46 -21.97 -13.21
CA LEU C 33 -25.12 -21.65 -14.46
C LEU C 33 -24.71 -22.63 -15.54
N LEU C 34 -25.64 -22.89 -16.46
CA LEU C 34 -25.36 -23.62 -17.69
C LEU C 34 -25.26 -22.61 -18.82
N ILE C 35 -24.06 -22.41 -19.33
CA ILE C 35 -23.75 -21.41 -20.34
C ILE C 35 -23.58 -22.12 -21.67
N ASN C 36 -24.30 -21.67 -22.68
CA ASN C 36 -24.06 -22.15 -24.04
C ASN C 36 -22.83 -21.41 -24.56
N VAL C 37 -21.66 -22.04 -24.44
CA VAL C 37 -20.42 -21.41 -24.83
C VAL C 37 -20.45 -21.12 -26.32
N LYS C 38 -20.50 -19.85 -26.69
CA LYS C 38 -20.49 -19.49 -28.10
C LYS C 38 -19.08 -19.58 -28.66
N TYR C 39 -18.15 -18.82 -28.10
CA TYR C 39 -16.75 -18.88 -28.47
C TYR C 39 -15.92 -19.19 -27.24
N SER C 40 -14.69 -19.64 -27.47
CA SER C 40 -13.79 -19.99 -26.38
C SER C 40 -12.36 -19.81 -26.82
N GLY C 41 -11.61 -18.97 -26.12
CA GLY C 41 -10.21 -18.79 -26.43
C GLY C 41 -9.41 -20.04 -26.09
N VAL C 42 -8.28 -20.19 -26.76
CA VAL C 42 -7.37 -21.30 -26.50
C VAL C 42 -6.15 -20.73 -25.79
N CYS C 43 -5.97 -21.10 -24.54
CA CYS C 43 -4.87 -20.62 -23.72
C CYS C 43 -3.77 -21.67 -23.65
N HIS C 44 -2.53 -21.22 -23.49
CA HIS C 44 -1.41 -22.14 -23.37
C HIS C 44 -1.56 -23.04 -22.15
N THR C 45 -2.31 -22.60 -21.14
CA THR C 45 -2.65 -23.48 -20.03
C THR C 45 -3.34 -24.74 -20.50
N ASP C 46 -4.16 -24.65 -21.54
CA ASP C 46 -4.78 -25.85 -22.07
C ASP C 46 -3.75 -26.79 -22.68
N LEU C 47 -2.74 -26.23 -23.34
CA LEU C 47 -1.65 -27.06 -23.85
C LEU C 47 -0.90 -27.73 -22.71
N HIS C 48 -0.63 -26.99 -21.63
CA HIS C 48 0.05 -27.58 -20.48
C HIS C 48 -0.79 -28.69 -19.85
N ALA C 49 -2.11 -28.50 -19.77
CA ALA C 49 -2.97 -29.54 -19.24
C ALA C 49 -3.01 -30.75 -20.15
N TRP C 50 -2.92 -30.56 -21.46
CA TRP C 50 -2.88 -31.69 -22.38
C TRP C 50 -1.56 -32.45 -22.23
N HIS C 51 -0.45 -31.73 -22.16
CA HIS C 51 0.86 -32.38 -22.03
C HIS C 51 1.10 -32.96 -20.65
N GLY C 52 0.30 -32.58 -19.66
CA GLY C 52 0.59 -32.98 -18.30
C GLY C 52 1.80 -32.31 -17.69
N ASP C 53 2.14 -31.10 -18.15
CA ASP C 53 3.36 -30.43 -17.72
C ASP C 53 3.34 -30.04 -16.25
N TRP C 54 2.20 -30.09 -15.59
CA TRP C 54 2.18 -29.57 -14.25
C TRP C 54 2.09 -30.69 -13.22
N PRO C 55 2.67 -30.49 -12.04
CA PRO C 55 2.61 -31.54 -11.01
C PRO C 55 1.19 -31.95 -10.64
N LEU C 56 0.25 -31.01 -10.59
CA LEU C 56 -1.11 -31.38 -10.27
C LEU C 56 -1.71 -32.21 -11.41
N PRO C 57 -2.54 -33.21 -11.10
CA PRO C 57 -3.13 -34.04 -12.15
C PRO C 57 -4.48 -33.52 -12.61
N THR C 58 -4.73 -33.63 -13.90
CA THR C 58 -6.01 -33.23 -14.46
C THR C 58 -7.08 -34.26 -14.14
N LYS C 59 -8.33 -33.88 -14.34
CA LYS C 59 -9.43 -34.83 -14.28
C LYS C 59 -9.58 -35.49 -15.65
N LEU C 60 -9.74 -36.81 -15.66
CA LEU C 60 -9.88 -37.47 -16.95
C LEU C 60 -11.18 -38.26 -17.00
N PRO C 61 -11.91 -38.21 -18.12
CA PRO C 61 -11.61 -37.47 -19.36
C PRO C 61 -11.89 -35.98 -19.20
N LEU C 62 -11.26 -35.17 -20.05
CA LEU C 62 -11.28 -33.73 -19.88
C LEU C 62 -11.64 -33.05 -21.19
N VAL C 63 -12.50 -32.04 -21.12
CA VAL C 63 -12.70 -31.09 -22.20
C VAL C 63 -12.11 -29.78 -21.72
N GLY C 64 -11.01 -29.35 -22.34
CA GLY C 64 -10.26 -28.21 -21.85
C GLY C 64 -10.95 -26.88 -22.06
N GLY C 65 -10.18 -25.80 -22.02
CA GLY C 65 -10.73 -24.49 -22.33
C GLY C 65 -11.28 -23.79 -21.12
N HIS C 66 -10.68 -22.66 -20.76
CA HIS C 66 -11.10 -21.93 -19.57
C HIS C 66 -11.40 -20.47 -19.88
N GLU C 67 -11.59 -20.13 -21.15
CA GLU C 67 -11.94 -18.78 -21.57
C GLU C 67 -13.26 -18.76 -22.31
N GLY C 68 -14.26 -19.47 -21.79
CA GLY C 68 -15.52 -19.56 -22.50
C GLY C 68 -16.33 -18.30 -22.36
N ALA C 69 -17.09 -17.98 -23.41
CA ALA C 69 -17.98 -16.83 -23.38
C ALA C 69 -19.27 -17.22 -24.07
N GLY C 70 -20.39 -17.10 -23.39
CA GLY C 70 -21.63 -17.58 -23.96
C GLY C 70 -22.85 -16.96 -23.34
N VAL C 71 -23.99 -17.58 -23.64
CA VAL C 71 -25.29 -17.15 -23.14
C VAL C 71 -25.74 -18.13 -22.08
N VAL C 72 -26.50 -17.62 -21.11
CA VAL C 72 -26.93 -18.41 -19.96
C VAL C 72 -28.23 -19.11 -20.38
N VAL C 73 -28.09 -20.26 -21.05
CA VAL C 73 -29.28 -21.00 -21.44
C VAL C 73 -29.95 -21.69 -20.27
N GLY C 74 -29.23 -21.90 -19.16
CA GLY C 74 -29.85 -22.52 -18.00
C GLY C 74 -29.18 -22.06 -16.73
N MET C 75 -29.84 -22.33 -15.61
CA MET C 75 -29.28 -21.91 -14.34
C MET C 75 -29.81 -22.84 -13.25
N GLY C 76 -28.97 -23.06 -12.25
CA GLY C 76 -29.37 -23.85 -11.10
C GLY C 76 -30.43 -23.15 -10.28
N GLU C 77 -31.03 -23.90 -9.36
CA GLU C 77 -32.13 -23.37 -8.57
C GLU C 77 -31.69 -22.28 -7.61
N ASN C 78 -30.42 -22.24 -7.24
CA ASN C 78 -29.95 -21.36 -6.17
C ASN C 78 -29.18 -20.14 -6.67
N VAL C 79 -29.06 -19.95 -7.98
CA VAL C 79 -28.30 -18.82 -8.49
C VAL C 79 -29.03 -17.53 -8.15
N LYS C 80 -28.27 -16.46 -7.90
CA LYS C 80 -28.83 -15.26 -7.30
C LYS C 80 -29.09 -14.16 -8.32
N GLY C 81 -28.06 -13.70 -9.03
CA GLY C 81 -28.18 -12.50 -9.82
C GLY C 81 -28.01 -12.67 -11.32
N TRP C 82 -28.59 -13.72 -11.88
CA TRP C 82 -28.43 -14.04 -13.29
C TRP C 82 -29.79 -14.21 -13.95
N LYS C 83 -29.82 -13.94 -15.26
CA LYS C 83 -31.00 -14.10 -16.08
C LYS C 83 -30.67 -14.98 -17.27
N ILE C 84 -31.65 -15.77 -17.70
CA ILE C 84 -31.47 -16.61 -18.88
C ILE C 84 -31.34 -15.71 -20.10
N GLY C 85 -30.38 -16.04 -20.98
CA GLY C 85 -30.10 -15.25 -22.15
C GLY C 85 -29.05 -14.17 -21.96
N ASP C 86 -28.63 -13.93 -20.72
CA ASP C 86 -27.57 -12.97 -20.45
C ASP C 86 -26.23 -13.51 -20.94
N TYR C 87 -25.28 -12.59 -21.09
CA TYR C 87 -23.92 -12.95 -21.49
C TYR C 87 -23.09 -13.23 -20.26
N ALA C 88 -22.32 -14.32 -20.28
CA ALA C 88 -21.51 -14.71 -19.15
C ALA C 88 -20.23 -15.35 -19.65
N GLY C 89 -19.27 -15.46 -18.73
CA GLY C 89 -17.96 -15.96 -19.08
C GLY C 89 -17.42 -17.00 -18.12
N ILE C 90 -17.01 -18.14 -18.66
CA ILE C 90 -16.38 -19.20 -17.91
C ILE C 90 -14.89 -18.90 -17.85
N LYS C 91 -14.42 -18.45 -16.69
CA LYS C 91 -13.02 -18.16 -16.47
C LYS C 91 -12.28 -19.44 -16.06
N TRP C 92 -10.98 -19.30 -15.80
CA TRP C 92 -10.19 -20.43 -15.34
C TRP C 92 -10.66 -20.90 -13.97
N LEU C 93 -10.81 -19.99 -13.04
CA LEU C 93 -11.28 -20.33 -11.70
C LEU C 93 -12.78 -20.49 -11.75
N ASN C 94 -13.25 -21.73 -11.82
CA ASN C 94 -14.68 -21.98 -11.93
C ASN C 94 -15.42 -21.50 -10.69
N GLY C 95 -14.96 -21.90 -9.52
CA GLY C 95 -15.63 -21.54 -8.29
C GLY C 95 -14.73 -21.80 -7.11
N SER C 96 -15.19 -21.32 -5.95
CA SER C 96 -14.45 -21.43 -4.71
C SER C 96 -15.42 -21.73 -3.58
N CYS C 97 -14.87 -22.02 -2.40
CA CYS C 97 -15.71 -22.22 -1.24
C CYS C 97 -16.29 -20.93 -0.69
N MET C 98 -15.63 -19.80 -0.94
CA MET C 98 -16.03 -18.49 -0.44
C MET C 98 -16.08 -18.45 1.08
N ALA C 99 -15.35 -19.35 1.76
CA ALA C 99 -15.39 -19.44 3.20
C ALA C 99 -14.03 -19.61 3.86
N CYS C 100 -12.96 -19.83 3.11
CA CYS C 100 -11.64 -19.95 3.72
C CYS C 100 -11.00 -18.57 3.82
N GLU C 101 -9.78 -18.52 4.36
CA GLU C 101 -9.14 -17.23 4.54
C GLU C 101 -8.63 -16.65 3.24
N TYR C 102 -8.59 -17.45 2.17
CA TYR C 102 -8.13 -16.93 0.90
C TYR C 102 -9.26 -16.27 0.13
N CYS C 103 -10.44 -16.90 0.11
CA CYS C 103 -11.59 -16.28 -0.54
C CYS C 103 -12.09 -15.06 0.20
N GLU C 104 -11.81 -14.96 1.51
CA GLU C 104 -12.25 -13.81 2.28
C GLU C 104 -11.41 -12.59 1.98
N LEU C 105 -10.14 -12.78 1.64
CA LEU C 105 -9.24 -11.70 1.31
C LEU C 105 -9.26 -11.34 -0.16
N GLY C 106 -10.13 -11.97 -0.95
CA GLY C 106 -10.24 -11.71 -2.35
C GLY C 106 -9.36 -12.58 -3.20
N ASN C 107 -8.48 -13.37 -2.58
CA ASN C 107 -7.57 -14.24 -3.33
C ASN C 107 -8.26 -15.59 -3.57
N GLU C 108 -9.38 -15.52 -4.28
CA GLU C 108 -10.16 -16.73 -4.53
C GLU C 108 -9.40 -17.76 -5.35
N SER C 109 -8.45 -17.33 -6.18
CA SER C 109 -7.73 -18.27 -7.01
C SER C 109 -6.84 -19.18 -6.17
N ASN C 110 -6.31 -18.67 -5.07
CA ASN C 110 -5.45 -19.46 -4.19
C ASN C 110 -6.26 -20.23 -3.17
N CYS C 111 -7.27 -20.96 -3.64
CA CYS C 111 -8.07 -21.63 -2.64
C CYS C 111 -7.87 -23.13 -2.71
N PRO C 112 -7.80 -23.82 -1.57
CA PRO C 112 -7.64 -25.27 -1.60
C PRO C 112 -8.78 -26.01 -2.26
N HIS C 113 -9.96 -25.41 -2.36
CA HIS C 113 -11.15 -26.06 -2.89
C HIS C 113 -11.61 -25.42 -4.19
N ALA C 114 -10.67 -25.05 -5.05
CA ALA C 114 -10.97 -24.30 -6.25
C ALA C 114 -11.23 -25.23 -7.41
N ASP C 115 -12.39 -25.08 -8.05
CA ASP C 115 -12.69 -25.79 -9.28
C ASP C 115 -12.03 -25.04 -10.43
N LEU C 116 -11.21 -25.73 -11.21
CA LEU C 116 -10.51 -25.13 -12.33
C LEU C 116 -11.19 -25.59 -13.61
N SER C 117 -11.89 -24.68 -14.28
CA SER C 117 -12.53 -25.01 -15.54
C SER C 117 -11.50 -25.51 -16.54
N GLY C 118 -11.75 -26.69 -17.09
CA GLY C 118 -10.83 -27.27 -18.04
C GLY C 118 -9.63 -27.97 -17.44
N TYR C 119 -9.53 -28.02 -16.11
CA TYR C 119 -8.48 -28.80 -15.47
C TYR C 119 -9.06 -29.82 -14.49
N THR C 120 -9.96 -29.39 -13.62
CA THR C 120 -10.70 -30.27 -12.73
C THR C 120 -12.19 -30.17 -12.95
N HIS C 121 -12.59 -29.63 -14.09
CA HIS C 121 -13.99 -29.40 -14.42
C HIS C 121 -14.11 -29.35 -15.94
N ASP C 122 -15.19 -29.88 -16.47
CA ASP C 122 -15.42 -29.82 -17.91
C ASP C 122 -15.35 -28.39 -18.39
N GLY C 123 -14.38 -28.09 -19.23
CA GLY C 123 -14.07 -26.73 -19.59
C GLY C 123 -15.02 -26.12 -20.60
N SER C 124 -14.49 -25.25 -21.46
CA SER C 124 -15.30 -24.48 -22.38
C SER C 124 -15.07 -24.86 -23.84
N PHE C 125 -14.41 -25.98 -24.08
CA PHE C 125 -14.25 -26.51 -25.43
C PHE C 125 -15.44 -27.33 -25.87
N GLN C 126 -16.58 -27.11 -25.24
CA GLN C 126 -17.80 -27.84 -25.52
C GLN C 126 -18.93 -26.86 -25.72
N GLU C 127 -19.99 -27.31 -26.40
CA GLU C 127 -21.09 -26.41 -26.76
C GLU C 127 -21.74 -25.81 -25.52
N TYR C 128 -22.00 -26.63 -24.51
CA TYR C 128 -22.63 -26.19 -23.28
C TYR C 128 -21.73 -26.58 -22.12
N ALA C 129 -21.42 -25.61 -21.25
CA ALA C 129 -20.57 -25.87 -20.11
C ALA C 129 -21.17 -25.21 -18.89
N THR C 130 -20.87 -25.77 -17.72
CA THR C 130 -21.42 -25.27 -16.47
C THR C 130 -20.35 -24.55 -15.67
N ALA C 131 -20.75 -23.45 -15.03
CA ALA C 131 -19.80 -22.61 -14.31
C ALA C 131 -20.52 -21.91 -13.18
N ASP C 132 -19.83 -21.75 -12.04
CA ASP C 132 -20.46 -21.18 -10.87
C ASP C 132 -21.02 -19.79 -11.16
N ALA C 133 -22.01 -19.40 -10.37
CA ALA C 133 -22.74 -18.17 -10.61
C ALA C 133 -22.22 -16.98 -9.81
N VAL C 134 -21.36 -17.21 -8.82
CA VAL C 134 -20.75 -16.11 -8.10
C VAL C 134 -19.37 -15.79 -8.64
N GLN C 135 -18.79 -16.68 -9.44
CA GLN C 135 -17.44 -16.50 -9.95
C GLN C 135 -17.41 -16.19 -11.44
N ALA C 136 -18.44 -16.56 -12.19
CA ALA C 136 -18.47 -16.29 -13.62
C ALA C 136 -18.41 -14.79 -13.89
N ALA C 137 -18.07 -14.44 -15.12
CA ALA C 137 -17.82 -13.06 -15.49
C ALA C 137 -19.09 -12.40 -15.99
N HIS C 138 -19.30 -11.15 -15.56
CA HIS C 138 -20.48 -10.38 -15.97
C HIS C 138 -20.18 -9.64 -17.27
N ILE C 139 -20.19 -10.40 -18.36
CA ILE C 139 -19.93 -9.83 -19.68
C ILE C 139 -21.07 -8.89 -20.04
N PRO C 140 -20.80 -7.62 -20.30
CA PRO C 140 -21.89 -6.67 -20.61
C PRO C 140 -22.62 -7.05 -21.89
N GLN C 141 -23.91 -6.74 -21.92
CA GLN C 141 -24.71 -7.02 -23.11
C GLN C 141 -24.30 -6.09 -24.24
N GLY C 142 -24.08 -6.65 -25.42
CA GLY C 142 -23.69 -5.88 -26.59
C GLY C 142 -22.25 -6.11 -27.03
N THR C 143 -21.44 -6.75 -26.20
CA THR C 143 -20.06 -7.03 -26.62
C THR C 143 -20.05 -8.13 -27.67
N ASP C 144 -18.89 -8.31 -28.28
CA ASP C 144 -18.67 -9.38 -29.26
C ASP C 144 -17.94 -10.49 -28.53
N LEU C 145 -18.66 -11.59 -28.26
CA LEU C 145 -18.11 -12.66 -27.44
C LEU C 145 -16.81 -13.23 -28.02
N ALA C 146 -16.66 -13.19 -29.34
CA ALA C 146 -15.42 -13.66 -29.95
C ALA C 146 -14.24 -12.85 -29.46
N GLU C 147 -14.38 -11.53 -29.41
CA GLU C 147 -13.30 -10.69 -28.93
C GLU C 147 -13.17 -10.75 -27.42
N VAL C 148 -14.27 -10.94 -26.70
CA VAL C 148 -14.22 -10.98 -25.25
C VAL C 148 -13.50 -12.22 -24.76
N ALA C 149 -13.67 -13.34 -25.43
CA ALA C 149 -13.18 -14.62 -24.90
C ALA C 149 -11.72 -14.59 -24.48
N PRO C 150 -10.77 -14.06 -25.27
CA PRO C 150 -9.38 -14.00 -24.78
C PRO C 150 -9.18 -13.13 -23.56
N VAL C 151 -10.08 -12.17 -23.30
CA VAL C 151 -9.95 -11.35 -22.10
C VAL C 151 -10.23 -12.13 -20.83
N LEU C 152 -10.99 -13.22 -20.91
CA LEU C 152 -11.48 -13.87 -19.71
C LEU C 152 -10.39 -14.62 -18.95
N CYS C 153 -9.30 -15.00 -19.58
CA CYS C 153 -8.23 -15.67 -18.84
C CYS C 153 -6.88 -15.03 -19.13
N ALA C 154 -6.71 -14.45 -20.31
CA ALA C 154 -5.48 -13.77 -20.64
C ALA C 154 -5.55 -12.28 -20.36
N GLY C 155 -6.74 -11.74 -20.20
CA GLY C 155 -6.86 -10.33 -19.90
C GLY C 155 -6.81 -10.08 -18.42
N ILE C 156 -7.65 -10.77 -17.65
CA ILE C 156 -7.64 -10.59 -16.21
C ILE C 156 -6.31 -11.02 -15.63
N THR C 157 -5.64 -11.99 -16.25
CA THR C 157 -4.36 -12.46 -15.75
C THR C 157 -3.29 -11.38 -15.83
N VAL C 158 -3.13 -10.77 -17.00
CA VAL C 158 -2.10 -9.75 -17.14
C VAL C 158 -2.52 -8.46 -16.46
N TYR C 159 -3.82 -8.20 -16.33
CA TYR C 159 -4.24 -7.05 -15.55
C TYR C 159 -3.83 -7.22 -14.08
N LYS C 160 -4.13 -8.38 -13.51
CA LYS C 160 -3.68 -8.66 -12.15
C LYS C 160 -2.17 -8.65 -12.04
N ALA C 161 -1.47 -9.12 -13.07
CA ALA C 161 -0.02 -9.09 -13.04
C ALA C 161 0.50 -7.66 -12.95
N LEU C 162 0.07 -6.80 -13.87
CA LEU C 162 0.54 -5.42 -13.86
C LEU C 162 0.09 -4.69 -12.62
N LYS C 163 -1.02 -5.08 -12.02
CA LYS C 163 -1.39 -4.51 -10.72
C LYS C 163 -0.54 -5.06 -9.59
N SER C 164 0.05 -6.25 -9.76
CA SER C 164 0.92 -6.83 -8.76
C SER C 164 2.34 -6.32 -8.83
N ALA C 165 2.73 -5.69 -9.93
CA ALA C 165 4.09 -5.18 -10.06
C ALA C 165 4.32 -3.90 -9.28
N ASN C 166 3.26 -3.31 -8.72
CA ASN C 166 3.37 -2.08 -7.94
C ASN C 166 4.04 -0.98 -8.73
N LEU C 167 3.62 -0.83 -9.98
CA LEU C 167 4.16 0.19 -10.85
C LEU C 167 3.41 1.49 -10.68
N MET C 168 4.01 2.57 -11.16
CA MET C 168 3.37 3.87 -11.26
C MET C 168 3.26 4.24 -12.72
N ALA C 169 2.38 5.18 -13.03
CA ALA C 169 2.31 5.67 -14.39
C ALA C 169 3.65 6.31 -14.78
N GLY C 170 4.14 5.95 -15.95
CA GLY C 170 5.42 6.41 -16.42
C GLY C 170 6.56 5.46 -16.16
N HIS C 171 6.34 4.42 -15.37
CA HIS C 171 7.40 3.47 -15.05
C HIS C 171 7.52 2.45 -16.17
N TRP C 172 8.74 2.20 -16.61
CA TRP C 172 8.96 1.21 -17.65
C TRP C 172 8.51 -0.16 -17.19
N VAL C 173 7.73 -0.83 -18.03
CA VAL C 173 7.31 -2.21 -17.79
C VAL C 173 7.73 -3.02 -19.00
N ALA C 174 8.45 -4.10 -18.76
CA ALA C 174 9.04 -4.88 -19.83
C ALA C 174 8.28 -6.19 -19.96
N ILE C 175 7.37 -6.26 -20.91
CA ILE C 175 6.63 -7.48 -21.15
C ILE C 175 7.56 -8.45 -21.86
N SER C 176 7.95 -9.52 -21.17
CA SER C 176 8.87 -10.52 -21.73
C SER C 176 8.01 -11.59 -22.40
N GLY C 177 7.91 -11.53 -23.73
CA GLY C 177 7.00 -12.39 -24.44
C GLY C 177 5.83 -11.61 -24.98
N ALA C 178 6.09 -10.39 -25.43
CA ALA C 178 5.03 -9.44 -25.76
C ALA C 178 4.55 -9.56 -27.20
N ALA C 179 4.27 -10.77 -27.64
CA ALA C 179 3.52 -10.95 -28.88
C ALA C 179 2.58 -12.13 -28.83
N GLY C 180 2.49 -12.83 -27.71
CA GLY C 180 1.66 -14.01 -27.59
C GLY C 180 0.28 -13.69 -27.09
N GLY C 181 -0.39 -14.73 -26.60
CA GLY C 181 -1.76 -14.55 -26.12
C GLY C 181 -1.83 -13.57 -24.96
N LEU C 182 -0.94 -13.72 -23.99
CA LEU C 182 -0.89 -12.81 -22.86
C LEU C 182 -0.02 -11.61 -23.10
N GLY C 183 1.05 -11.77 -23.88
CA GLY C 183 1.95 -10.66 -24.11
C GLY C 183 1.27 -9.48 -24.78
N SER C 184 0.42 -9.75 -25.77
CA SER C 184 -0.24 -8.65 -26.48
C SER C 184 -1.26 -7.96 -25.60
N LEU C 185 -2.07 -8.73 -24.88
CA LEU C 185 -2.99 -8.13 -23.92
C LEU C 185 -2.24 -7.43 -22.80
N ALA C 186 -1.10 -7.97 -22.36
CA ALA C 186 -0.30 -7.29 -21.36
C ALA C 186 0.18 -5.95 -21.88
N VAL C 187 0.61 -5.91 -23.15
CA VAL C 187 1.08 -4.65 -23.71
C VAL C 187 -0.05 -3.63 -23.78
N GLN C 188 -1.24 -4.06 -24.20
CA GLN C 188 -2.35 -3.13 -24.30
C GLN C 188 -2.79 -2.64 -22.92
N TYR C 189 -2.81 -3.52 -21.92
CA TYR C 189 -3.19 -3.11 -20.59
C TYR C 189 -2.15 -2.15 -19.99
N ALA C 190 -0.87 -2.51 -20.10
CA ALA C 190 0.18 -1.65 -19.57
C ALA C 190 0.23 -0.32 -20.29
N LYS C 191 -0.18 -0.27 -21.56
CA LYS C 191 -0.26 1.00 -22.27
C LYS C 191 -1.47 1.80 -21.80
N ALA C 192 -2.58 1.13 -21.51
CA ALA C 192 -3.77 1.83 -21.02
C ALA C 192 -3.62 2.27 -19.58
N MET C 193 -2.80 1.58 -18.80
CA MET C 193 -2.61 1.92 -17.40
C MET C 193 -1.61 3.03 -17.19
N GLY C 194 -0.93 3.49 -18.24
CA GLY C 194 -0.02 4.61 -18.17
C GLY C 194 1.44 4.23 -18.23
N TYR C 195 1.78 2.96 -18.06
CA TYR C 195 3.17 2.56 -18.06
C TYR C 195 3.77 2.71 -19.45
N ARG C 196 5.09 2.70 -19.51
CA ARG C 196 5.82 2.75 -20.76
C ARG C 196 6.24 1.33 -21.09
N VAL C 197 5.68 0.78 -22.17
CA VAL C 197 5.75 -0.65 -22.43
C VAL C 197 6.95 -0.95 -23.31
N LEU C 198 7.94 -1.62 -22.75
CA LEU C 198 8.97 -2.31 -23.50
C LEU C 198 8.50 -3.72 -23.77
N GLY C 199 8.98 -4.31 -24.87
CA GLY C 199 8.57 -5.65 -25.23
C GLY C 199 9.77 -6.48 -25.63
N ILE C 200 9.69 -7.77 -25.31
CA ILE C 200 10.75 -8.72 -25.64
C ILE C 200 10.08 -9.94 -26.26
N ASP C 201 10.27 -10.12 -27.57
CA ASP C 201 9.77 -11.31 -28.24
C ASP C 201 10.52 -11.46 -29.56
N GLY C 202 10.24 -12.53 -30.27
CA GLY C 202 10.92 -12.81 -31.52
C GLY C 202 10.19 -13.85 -32.32
N GLY C 203 10.51 -13.89 -33.60
CA GLY C 203 9.88 -14.80 -34.53
C GLY C 203 9.39 -14.05 -35.74
N GLU C 204 8.48 -14.69 -36.47
CA GLU C 204 7.92 -14.12 -37.69
C GLU C 204 6.68 -13.29 -37.34
N GLY C 205 6.75 -12.00 -37.61
CA GLY C 205 5.60 -11.14 -37.41
C GLY C 205 5.26 -10.84 -35.96
N LYS C 206 6.23 -10.92 -35.06
CA LYS C 206 6.00 -10.52 -33.68
C LYS C 206 6.19 -9.03 -33.48
N GLU C 207 7.25 -8.47 -34.06
CA GLU C 207 7.49 -7.03 -33.92
C GLU C 207 6.38 -6.22 -34.57
N GLU C 208 5.85 -6.69 -35.69
CA GLU C 208 4.77 -5.95 -36.35
C GLU C 208 3.55 -5.85 -35.44
N LEU C 209 3.14 -6.97 -34.85
CA LEU C 209 2.01 -6.96 -33.94
C LEU C 209 2.31 -6.07 -32.73
N PHE C 210 3.50 -6.20 -32.16
CA PHE C 210 3.84 -5.41 -30.98
C PHE C 210 3.78 -3.92 -31.27
N ARG C 211 4.32 -3.51 -32.41
CA ARG C 211 4.25 -2.09 -32.78
C ARG C 211 2.81 -1.66 -33.01
N SER C 212 2.00 -2.51 -33.66
CA SER C 212 0.63 -2.12 -33.98
C SER C 212 -0.20 -1.91 -32.71
N ILE C 213 -0.07 -2.82 -31.74
CA ILE C 213 -0.93 -2.74 -30.56
C ILE C 213 -0.52 -1.63 -29.60
N GLY C 214 0.63 -1.01 -29.79
CA GLY C 214 0.96 0.17 -29.02
C GLY C 214 2.17 0.06 -28.12
N GLY C 215 3.11 -0.78 -28.47
CA GLY C 215 4.34 -0.87 -27.72
C GLY C 215 5.23 0.33 -27.95
N GLU C 216 6.26 0.45 -27.13
CA GLU C 216 7.19 1.57 -27.19
C GLU C 216 8.56 1.15 -27.69
N VAL C 217 9.20 0.19 -27.03
CA VAL C 217 10.51 -0.30 -27.43
C VAL C 217 10.44 -1.81 -27.51
N PHE C 218 10.82 -2.36 -28.65
CA PHE C 218 10.80 -3.79 -28.87
C PHE C 218 12.23 -4.31 -28.96
N ILE C 219 12.50 -5.41 -28.27
CA ILE C 219 13.83 -5.99 -28.20
C ILE C 219 13.72 -7.44 -28.67
N ASP C 220 14.31 -7.72 -29.82
CA ASP C 220 14.18 -9.04 -30.43
C ASP C 220 15.05 -10.04 -29.71
N PHE C 221 14.44 -11.08 -29.14
CA PHE C 221 15.21 -12.06 -28.39
C PHE C 221 15.91 -13.07 -29.30
N THR C 222 15.65 -13.04 -30.59
CA THR C 222 16.38 -13.88 -31.55
C THR C 222 17.37 -13.08 -32.39
N LYS C 223 17.57 -11.80 -32.09
CA LYS C 223 18.54 -10.99 -32.80
C LYS C 223 19.38 -10.11 -31.89
N GLU C 224 19.12 -10.13 -30.58
CA GLU C 224 19.92 -9.38 -29.61
C GLU C 224 20.68 -10.40 -28.78
N LYS C 225 22.02 -10.38 -28.89
CA LYS C 225 22.84 -11.32 -28.15
C LYS C 225 22.72 -11.10 -26.65
N ASP C 226 22.71 -9.84 -26.22
CA ASP C 226 22.65 -9.48 -24.81
C ASP C 226 21.33 -8.77 -24.57
N ILE C 227 20.33 -9.51 -24.10
CA ILE C 227 19.03 -8.91 -23.82
C ILE C 227 19.11 -7.99 -22.62
N VAL C 228 19.85 -8.40 -21.59
CA VAL C 228 19.94 -7.61 -20.36
C VAL C 228 20.52 -6.25 -20.65
N GLY C 229 21.59 -6.19 -21.45
CA GLY C 229 22.17 -4.91 -21.80
C GLY C 229 21.21 -4.05 -22.60
N ALA C 230 20.47 -4.66 -23.52
CA ALA C 230 19.52 -3.90 -24.33
C ALA C 230 18.43 -3.29 -23.47
N VAL C 231 17.88 -4.06 -22.53
CA VAL C 231 16.83 -3.52 -21.67
C VAL C 231 17.39 -2.47 -20.72
N LEU C 232 18.60 -2.67 -20.21
CA LEU C 232 19.18 -1.66 -19.33
C LEU C 232 19.45 -0.36 -20.06
N LYS C 233 19.82 -0.44 -21.35
CA LYS C 233 20.06 0.77 -22.11
C LYS C 233 18.75 1.45 -22.52
N ALA C 234 17.74 0.65 -22.88
CA ALA C 234 16.49 1.23 -23.35
C ALA C 234 15.69 1.85 -22.22
N THR C 235 15.65 1.21 -21.06
CA THR C 235 14.91 1.69 -19.91
C THR C 235 15.72 2.63 -19.02
N ASP C 236 17.01 2.79 -19.30
CA ASP C 236 17.90 3.66 -18.54
C ASP C 236 18.01 3.15 -17.09
N GLY C 237 18.54 1.95 -16.94
CA GLY C 237 18.77 1.41 -15.62
C GLY C 237 18.00 0.14 -15.35
N GLY C 238 17.07 -0.21 -16.23
CA GLY C 238 16.28 -1.40 -16.05
C GLY C 238 14.79 -1.12 -16.09
N ALA C 239 14.00 -2.16 -16.31
CA ALA C 239 12.56 -1.99 -16.22
C ALA C 239 12.15 -1.78 -14.77
N HIS C 240 11.13 -0.95 -14.56
CA HIS C 240 10.63 -0.77 -13.21
C HIS C 240 9.80 -1.95 -12.75
N GLY C 241 9.34 -2.78 -13.68
CA GLY C 241 8.62 -3.98 -13.36
C GLY C 241 8.50 -4.85 -14.59
N VAL C 242 8.86 -6.11 -14.47
CA VAL C 242 8.85 -7.02 -15.61
C VAL C 242 7.65 -7.94 -15.46
N ILE C 243 7.04 -8.30 -16.59
CA ILE C 243 5.98 -9.31 -16.63
C ILE C 243 6.52 -10.46 -17.46
N ASN C 244 6.55 -11.65 -16.87
CA ASN C 244 7.11 -12.81 -17.55
C ASN C 244 5.96 -13.68 -18.05
N VAL C 245 5.42 -13.30 -19.21
CA VAL C 245 4.38 -14.07 -19.85
C VAL C 245 4.95 -15.06 -20.86
N SER C 246 6.27 -15.24 -20.86
CA SER C 246 6.93 -16.15 -21.78
C SER C 246 6.79 -17.59 -21.30
N VAL C 247 7.33 -18.51 -22.07
CA VAL C 247 7.33 -19.93 -21.72
C VAL C 247 8.76 -20.46 -21.76
N SER C 248 9.72 -19.60 -21.51
CA SER C 248 11.13 -19.99 -21.52
C SER C 248 11.70 -19.76 -20.13
N GLU C 249 12.24 -20.83 -19.53
CA GLU C 249 12.91 -20.69 -18.24
C GLU C 249 14.10 -19.76 -18.33
N ALA C 250 14.79 -19.75 -19.49
CA ALA C 250 15.90 -18.82 -19.67
C ALA C 250 15.43 -17.38 -19.66
N ALA C 251 14.25 -17.12 -20.25
CA ALA C 251 13.70 -15.77 -20.20
C ALA C 251 13.42 -15.33 -18.77
N ILE C 252 12.85 -16.23 -17.96
CA ILE C 252 12.59 -15.90 -16.56
C ILE C 252 13.90 -15.65 -15.83
N GLU C 253 14.91 -16.48 -16.09
CA GLU C 253 16.20 -16.31 -15.43
C GLU C 253 16.84 -14.97 -15.79
N ALA C 254 16.77 -14.58 -17.06
CA ALA C 254 17.30 -13.30 -17.50
C ALA C 254 16.41 -12.13 -17.13
N SER C 255 15.20 -12.41 -16.67
CA SER C 255 14.25 -11.36 -16.30
C SER C 255 14.54 -10.72 -14.97
N THR C 256 15.28 -11.40 -14.10
CA THR C 256 15.61 -10.85 -12.79
C THR C 256 16.88 -10.02 -12.80
N ARG C 257 17.48 -9.82 -13.98
CA ARG C 257 18.72 -9.08 -14.09
C ARG C 257 18.59 -7.76 -14.82
N TYR C 258 17.49 -7.51 -15.53
CA TYR C 258 17.26 -6.22 -16.16
C TYR C 258 16.10 -5.47 -15.53
N VAL C 259 15.76 -5.77 -14.28
CA VAL C 259 14.77 -5.02 -13.53
C VAL C 259 15.50 -4.11 -12.55
N ARG C 260 15.02 -2.89 -12.40
CA ARG C 260 15.74 -1.91 -11.61
C ARG C 260 15.86 -2.33 -10.16
N ALA C 261 16.75 -1.66 -9.44
CA ALA C 261 16.71 -1.74 -8.00
C ALA C 261 15.35 -1.29 -7.53
N ASN C 262 14.81 -1.99 -6.53
CA ASN C 262 13.45 -1.78 -6.06
C ASN C 262 12.44 -2.06 -7.16
N GLY C 263 12.76 -2.98 -8.04
CA GLY C 263 11.87 -3.33 -9.13
C GLY C 263 10.91 -4.41 -8.70
N THR C 264 10.37 -5.12 -9.69
CA THR C 264 9.45 -6.22 -9.42
C THR C 264 9.37 -7.07 -10.67
N THR C 265 9.48 -8.38 -10.49
CA THR C 265 9.51 -9.31 -11.60
C THR C 265 8.34 -10.26 -11.43
N VAL C 266 7.19 -9.88 -11.98
CA VAL C 266 6.01 -10.72 -11.86
C VAL C 266 6.18 -11.95 -12.74
N LEU C 267 5.98 -13.12 -12.17
CA LEU C 267 6.02 -14.39 -12.88
C LEU C 267 4.59 -14.77 -13.21
N VAL C 268 4.24 -14.74 -14.49
CA VAL C 268 2.92 -15.13 -14.95
C VAL C 268 2.95 -16.44 -15.69
N GLY C 269 3.94 -16.64 -16.57
CA GLY C 269 4.05 -17.89 -17.27
C GLY C 269 4.60 -18.97 -16.37
N MET C 270 4.10 -20.19 -16.54
CA MET C 270 4.50 -21.36 -15.76
C MET C 270 4.96 -22.46 -16.70
N PRO C 271 6.17 -22.34 -17.23
CA PRO C 271 6.68 -23.39 -18.13
C PRO C 271 6.82 -24.71 -17.40
N ALA C 272 7.03 -25.77 -18.18
CA ALA C 272 7.13 -27.11 -17.63
C ALA C 272 8.45 -27.26 -16.88
N GLY C 273 8.38 -27.49 -15.58
CA GLY C 273 9.56 -27.71 -14.77
C GLY C 273 10.53 -26.55 -14.79
N ALA C 274 10.03 -25.33 -14.62
CA ALA C 274 10.85 -24.15 -14.67
C ALA C 274 11.11 -23.63 -13.26
N LYS C 275 12.33 -23.16 -13.04
CA LYS C 275 12.75 -22.63 -11.74
C LYS C 275 13.39 -21.27 -11.94
N CYS C 276 12.93 -20.27 -11.21
CA CYS C 276 13.46 -18.91 -11.31
C CYS C 276 14.70 -18.83 -10.43
N CYS C 277 15.84 -19.21 -10.99
CA CYS C 277 17.10 -19.22 -10.24
C CYS C 277 17.71 -17.83 -10.30
N SER C 278 17.21 -16.95 -9.44
CA SER C 278 17.71 -15.59 -9.33
C SER C 278 18.85 -15.53 -8.33
N ASP C 279 19.91 -14.81 -8.69
CA ASP C 279 21.04 -14.66 -7.80
C ASP C 279 20.63 -13.96 -6.52
N VAL C 280 20.97 -14.55 -5.38
CA VAL C 280 20.56 -13.98 -4.11
C VAL C 280 21.30 -12.69 -3.82
N PHE C 281 22.59 -12.62 -4.12
CA PHE C 281 23.32 -11.39 -3.88
C PHE C 281 22.74 -10.24 -4.69
N ASN C 282 22.53 -10.45 -5.98
CA ASN C 282 22.01 -9.39 -6.83
C ASN C 282 20.57 -9.06 -6.50
N GLN C 283 19.80 -10.02 -6.00
CA GLN C 283 18.42 -9.73 -5.62
C GLN C 283 18.36 -8.94 -4.33
N VAL C 284 19.17 -9.30 -3.34
CA VAL C 284 19.15 -8.58 -2.07
C VAL C 284 19.75 -7.19 -2.21
N VAL C 285 20.87 -7.07 -2.92
CA VAL C 285 21.52 -5.78 -3.07
C VAL C 285 20.61 -4.77 -3.76
N LYS C 286 19.85 -5.22 -4.76
CA LYS C 286 18.98 -4.33 -5.50
C LYS C 286 17.54 -4.34 -5.00
N SER C 287 17.24 -5.10 -3.95
CA SER C 287 15.89 -5.18 -3.39
C SER C 287 14.86 -5.59 -4.44
N ILE C 288 15.23 -6.49 -5.33
CA ILE C 288 14.33 -6.91 -6.41
C ILE C 288 13.30 -7.88 -5.85
N SER C 289 12.03 -7.55 -6.04
CA SER C 289 10.94 -8.47 -5.70
C SER C 289 10.63 -9.35 -6.87
N ILE C 290 10.27 -10.60 -6.60
CA ILE C 290 9.89 -11.55 -7.64
C ILE C 290 8.51 -12.06 -7.25
N VAL C 291 7.49 -11.39 -7.70
CA VAL C 291 6.12 -11.76 -7.37
C VAL C 291 5.65 -12.82 -8.36
N GLY C 292 4.75 -13.67 -7.93
CA GLY C 292 4.06 -14.59 -8.81
C GLY C 292 2.60 -14.20 -8.86
N SER C 293 2.01 -14.23 -10.05
CA SER C 293 0.65 -13.77 -10.25
C SER C 293 -0.17 -14.89 -10.87
N TYR C 294 -1.24 -15.26 -10.21
CA TYR C 294 -2.15 -16.27 -10.72
C TYR C 294 -3.36 -15.54 -11.31
N VAL C 295 -4.38 -16.28 -11.74
CA VAL C 295 -5.51 -15.63 -12.39
C VAL C 295 -6.13 -14.60 -11.46
N GLY C 296 -6.70 -13.58 -12.04
CA GLY C 296 -7.31 -12.53 -11.26
C GLY C 296 -8.60 -12.94 -10.61
N ASN C 297 -9.00 -12.19 -9.61
CA ASN C 297 -10.22 -12.47 -8.85
C ASN C 297 -11.39 -11.68 -9.44
N ARG C 298 -12.51 -11.63 -8.71
CA ARG C 298 -13.73 -11.05 -9.28
C ARG C 298 -13.60 -9.56 -9.52
N ALA C 299 -12.98 -8.82 -8.60
CA ALA C 299 -12.76 -7.40 -8.84
C ALA C 299 -11.85 -7.20 -10.03
N ASP C 300 -10.82 -8.03 -10.15
CA ASP C 300 -9.89 -7.93 -11.27
C ASP C 300 -10.58 -8.27 -12.58
N THR C 301 -11.48 -9.25 -12.57
CA THR C 301 -12.27 -9.55 -13.75
C THR C 301 -13.14 -8.36 -14.13
N ARG C 302 -13.78 -7.74 -13.15
CA ARG C 302 -14.61 -6.58 -13.45
C ARG C 302 -13.78 -5.46 -14.07
N GLU C 303 -12.62 -5.17 -13.50
CA GLU C 303 -11.82 -4.07 -14.03
C GLU C 303 -11.20 -4.40 -15.38
N ALA C 304 -10.83 -5.65 -15.61
CA ALA C 304 -10.28 -6.00 -16.92
C ALA C 304 -11.35 -5.96 -18.00
N LEU C 305 -12.54 -6.49 -17.71
CA LEU C 305 -13.62 -6.40 -18.68
C LEU C 305 -14.08 -4.97 -18.87
N ASP C 306 -13.89 -4.12 -17.86
CA ASP C 306 -14.22 -2.70 -18.02
C ASP C 306 -13.20 -1.98 -18.89
N PHE C 307 -11.93 -2.37 -18.80
CA PHE C 307 -10.95 -1.87 -19.76
C PHE C 307 -11.31 -2.31 -21.17
N PHE C 308 -11.77 -3.55 -21.32
CA PHE C 308 -12.16 -4.01 -22.65
C PHE C 308 -13.38 -3.25 -23.15
N ALA C 309 -14.38 -3.04 -22.31
CA ALA C 309 -15.61 -2.41 -22.76
C ALA C 309 -15.37 -0.98 -23.22
N ARG C 310 -14.38 -0.31 -22.65
CA ARG C 310 -14.03 1.03 -23.10
C ARG C 310 -13.35 1.02 -24.46
N GLY C 311 -13.00 -0.15 -24.98
CA GLY C 311 -12.30 -0.22 -26.24
C GLY C 311 -10.81 0.01 -26.15
N LEU C 312 -10.25 -0.01 -24.94
CA LEU C 312 -8.83 0.23 -24.79
C LEU C 312 -8.00 -1.00 -25.20
N VAL C 313 -8.50 -2.20 -24.95
CA VAL C 313 -7.78 -3.42 -25.30
C VAL C 313 -8.55 -4.13 -26.40
N LYS C 314 -7.81 -4.85 -27.23
CA LYS C 314 -8.41 -5.61 -28.32
C LYS C 314 -7.47 -6.75 -28.64
N SER C 315 -7.81 -7.95 -28.22
CA SER C 315 -6.95 -9.09 -28.47
C SER C 315 -7.00 -9.47 -29.94
N PRO C 316 -5.87 -9.57 -30.62
CA PRO C 316 -5.90 -10.01 -32.02
C PRO C 316 -6.25 -11.48 -32.12
N ILE C 317 -7.47 -11.79 -32.52
CA ILE C 317 -7.98 -13.15 -32.45
C ILE C 317 -8.07 -13.72 -33.86
N LYS C 318 -7.69 -14.99 -33.98
CA LYS C 318 -8.02 -15.78 -35.16
C LYS C 318 -9.13 -16.73 -34.74
N VAL C 319 -10.32 -16.50 -35.26
CA VAL C 319 -11.47 -17.35 -34.95
C VAL C 319 -11.48 -18.51 -35.93
N VAL C 320 -11.43 -19.72 -35.40
CA VAL C 320 -11.42 -20.93 -36.19
C VAL C 320 -12.52 -21.85 -35.68
N GLY C 321 -12.60 -23.04 -36.27
CA GLY C 321 -13.52 -24.03 -35.80
C GLY C 321 -12.98 -24.80 -34.63
N LEU C 322 -13.89 -25.50 -33.94
CA LEU C 322 -13.46 -26.34 -32.82
C LEU C 322 -12.64 -27.53 -33.30
N SER C 323 -12.98 -28.08 -34.46
CA SER C 323 -12.29 -29.26 -34.98
C SER C 323 -10.82 -28.97 -35.24
N THR C 324 -10.47 -27.73 -35.56
CA THR C 324 -9.09 -27.35 -35.81
C THR C 324 -8.25 -27.33 -34.53
N LEU C 325 -8.90 -27.47 -33.37
CA LEU C 325 -8.20 -27.24 -32.10
C LEU C 325 -6.92 -28.04 -31.94
N PRO C 326 -6.85 -29.33 -32.26
CA PRO C 326 -5.56 -30.04 -32.07
C PRO C 326 -4.40 -29.39 -32.79
N GLU C 327 -4.60 -28.99 -34.05
CA GLU C 327 -3.53 -28.35 -34.81
C GLU C 327 -3.04 -27.09 -34.11
N ILE C 328 -3.96 -26.36 -33.47
CA ILE C 328 -3.58 -25.16 -32.74
C ILE C 328 -2.50 -25.48 -31.72
N TYR C 329 -2.67 -26.59 -30.99
CA TYR C 329 -1.66 -26.98 -30.01
C TYR C 329 -0.31 -27.14 -30.69
N GLU C 330 -0.27 -27.80 -31.84
CA GLU C 330 0.97 -27.87 -32.61
C GLU C 330 1.46 -26.48 -32.94
N LYS C 331 0.59 -25.63 -33.49
CA LYS C 331 0.97 -24.27 -33.80
C LYS C 331 1.36 -23.49 -32.57
N MET C 332 0.97 -23.98 -31.39
CA MET C 332 1.37 -23.34 -30.14
C MET C 332 2.59 -24.01 -29.53
N GLU C 333 2.82 -25.29 -29.82
CA GLU C 333 4.02 -25.95 -29.30
C GLU C 333 5.26 -25.52 -30.07
N LYS C 334 5.14 -25.28 -31.37
CA LYS C 334 6.26 -24.79 -32.16
C LYS C 334 6.58 -23.34 -31.85
N GLY C 335 5.63 -22.58 -31.32
CA GLY C 335 5.83 -21.18 -31.03
C GLY C 335 5.39 -20.22 -32.10
N GLN C 336 4.77 -20.72 -33.17
CA GLN C 336 4.33 -19.90 -34.29
C GLN C 336 2.99 -19.21 -34.03
N ILE C 337 2.56 -19.14 -32.77
CA ILE C 337 1.27 -18.56 -32.42
C ILE C 337 1.48 -17.08 -32.17
N VAL C 338 0.84 -16.25 -32.98
CA VAL C 338 0.89 -14.80 -32.81
C VAL C 338 -0.49 -14.33 -32.37
N GLY C 339 -0.54 -13.51 -31.33
CA GLY C 339 -1.80 -13.10 -30.78
C GLY C 339 -2.52 -14.25 -30.10
N ARG C 340 -3.80 -14.41 -30.39
CA ARG C 340 -4.63 -15.41 -29.73
C ARG C 340 -5.47 -16.15 -30.75
N TYR C 341 -5.81 -17.40 -30.44
CA TYR C 341 -6.76 -18.17 -31.22
C TYR C 341 -8.02 -18.37 -30.41
N VAL C 342 -9.16 -18.27 -31.09
CA VAL C 342 -10.47 -18.51 -30.49
C VAL C 342 -11.17 -19.56 -31.32
N VAL C 343 -11.91 -20.44 -30.67
CA VAL C 343 -12.66 -21.49 -31.35
C VAL C 343 -14.14 -21.17 -31.26
N ASP C 344 -14.85 -21.38 -32.36
CA ASP C 344 -16.29 -21.23 -32.38
C ASP C 344 -16.91 -22.60 -32.14
N THR C 345 -17.72 -22.71 -31.08
CA THR C 345 -18.27 -24.01 -30.71
C THR C 345 -19.24 -24.53 -31.76
N SER C 346 -19.82 -23.64 -32.57
CA SER C 346 -20.81 -24.07 -33.56
C SER C 346 -20.17 -25.03 -34.57
N LYS C 347 -18.94 -24.75 -34.97
CA LYS C 347 -18.30 -25.53 -36.02
C LYS C 347 -16.95 -26.11 -35.58
N SER D 1 29.20 39.37 -15.07
CA SER D 1 28.07 38.47 -15.27
C SER D 1 26.92 38.84 -14.34
N ILE D 2 26.92 38.25 -13.15
CA ILE D 2 25.88 38.48 -12.16
C ILE D 2 25.84 39.97 -11.82
N PRO D 3 24.71 40.65 -12.02
CA PRO D 3 24.68 42.10 -11.85
C PRO D 3 24.72 42.55 -10.40
N GLU D 4 24.59 43.85 -10.19
CA GLU D 4 24.51 44.41 -8.84
C GLU D 4 23.08 44.59 -8.38
N THR D 5 22.16 44.90 -9.29
CA THR D 5 20.75 45.06 -8.98
C THR D 5 19.92 44.28 -10.00
N GLN D 6 18.61 44.45 -9.92
CA GLN D 6 17.69 43.77 -10.82
C GLN D 6 16.31 44.41 -10.61
N LYS D 7 15.33 43.94 -11.38
CA LYS D 7 13.95 44.35 -11.20
C LYS D 7 13.16 43.23 -10.54
N GLY D 8 12.15 43.63 -9.77
CA GLY D 8 11.32 42.66 -9.09
C GLY D 8 10.01 43.24 -8.59
N VAL D 9 8.99 42.40 -8.44
CA VAL D 9 7.71 42.82 -7.91
C VAL D 9 7.75 42.55 -6.40
N ILE D 10 7.82 43.60 -5.61
CA ILE D 10 7.98 43.51 -4.17
C ILE D 10 6.87 44.31 -3.51
N PHE D 11 6.28 43.75 -2.46
CA PHE D 11 5.25 44.42 -1.69
C PHE D 11 5.63 44.40 -0.22
N TYR D 12 5.51 45.55 0.44
CA TYR D 12 6.00 45.75 1.79
C TYR D 12 4.93 45.54 2.86
N GLU D 13 3.71 45.18 2.47
CA GLU D 13 2.63 45.03 3.45
C GLU D 13 1.54 44.20 2.82
N SER D 14 0.94 43.31 3.63
CA SER D 14 -0.09 42.41 3.12
C SER D 14 -1.23 43.21 2.52
N HIS D 15 -1.68 42.78 1.34
CA HIS D 15 -2.73 43.45 0.58
C HIS D 15 -2.37 44.90 0.27
N GLY D 16 -1.09 45.23 0.29
CA GLY D 16 -0.66 46.59 0.04
C GLY D 16 -0.58 46.93 -1.43
N LYS D 17 0.47 47.65 -1.82
CA LYS D 17 0.66 48.07 -3.20
C LYS D 17 1.86 47.34 -3.77
N LEU D 18 1.64 46.58 -4.85
CA LEU D 18 2.73 45.87 -5.50
C LEU D 18 3.63 46.86 -6.21
N GLU D 19 4.93 46.77 -5.98
CA GLU D 19 5.89 47.72 -6.52
C GLU D 19 6.84 46.97 -7.46
N TYR D 20 6.75 47.28 -8.75
CA TYR D 20 7.73 46.80 -9.73
C TYR D 20 8.95 47.71 -9.60
N LYS D 21 9.86 47.33 -8.72
CA LYS D 21 10.96 48.21 -8.32
C LYS D 21 12.29 47.57 -8.64
N ASP D 22 13.35 48.26 -8.26
CA ASP D 22 14.73 47.78 -8.40
C ASP D 22 15.19 47.26 -7.05
N ILE D 23 15.66 46.01 -7.03
CA ILE D 23 16.05 45.34 -5.80
C ILE D 23 17.44 44.76 -6.00
N PRO D 24 18.21 44.61 -4.93
CA PRO D 24 19.57 44.07 -5.07
C PRO D 24 19.54 42.61 -5.47
N VAL D 25 20.69 42.16 -5.99
CA VAL D 25 20.86 40.76 -6.37
C VAL D 25 21.05 39.92 -5.11
N PRO D 26 20.34 38.81 -4.96
CA PRO D 26 20.50 37.97 -3.77
C PRO D 26 21.77 37.14 -3.86
N LYS D 27 22.66 37.32 -2.89
CA LYS D 27 23.88 36.53 -2.85
C LYS D 27 23.56 35.11 -2.41
N PRO D 28 23.99 34.09 -3.15
CA PRO D 28 23.70 32.71 -2.75
C PRO D 28 24.37 32.36 -1.43
N LYS D 29 23.71 31.50 -0.67
CA LYS D 29 24.25 31.01 0.59
C LYS D 29 25.20 29.84 0.34
N ALA D 30 25.58 29.14 1.40
CA ALA D 30 26.58 28.10 1.28
C ALA D 30 26.11 26.92 0.43
N ASN D 31 24.82 26.60 0.46
CA ASN D 31 24.31 25.47 -0.29
C ASN D 31 23.23 25.86 -1.29
N GLU D 32 22.93 27.13 -1.46
CA GLU D 32 21.84 27.59 -2.30
C GLU D 32 22.37 28.07 -3.64
N LEU D 33 21.85 27.50 -4.72
CA LEU D 33 22.13 27.98 -6.06
C LEU D 33 21.54 29.35 -6.27
N LEU D 34 22.20 30.15 -7.09
CA LEU D 34 21.66 31.42 -7.58
C LEU D 34 21.20 31.18 -9.01
N ILE D 35 19.90 31.22 -9.21
CA ILE D 35 19.26 30.92 -10.48
C ILE D 35 18.80 32.22 -11.10
N ASN D 36 19.19 32.47 -12.34
CA ASN D 36 18.64 33.59 -13.08
C ASN D 36 17.28 33.17 -13.58
N VAL D 37 16.24 33.53 -12.84
CA VAL D 37 14.88 33.12 -13.18
C VAL D 37 14.50 33.72 -14.51
N LYS D 38 14.35 32.87 -15.52
CA LYS D 38 13.94 33.34 -16.84
C LYS D 38 12.44 33.62 -16.86
N TYR D 39 11.64 32.60 -16.59
CA TYR D 39 10.20 32.74 -16.49
C TYR D 39 9.74 32.25 -15.13
N SER D 40 8.53 32.65 -14.74
CA SER D 40 7.99 32.27 -13.45
C SER D 40 6.48 32.25 -13.52
N GLY D 41 5.88 31.11 -13.24
CA GLY D 41 4.43 31.02 -13.21
C GLY D 41 3.85 31.81 -12.05
N VAL D 42 2.59 32.21 -12.20
CA VAL D 42 1.88 32.90 -11.14
C VAL D 42 0.85 31.94 -10.59
N CYS D 43 1.03 31.53 -9.33
CA CYS D 43 0.14 30.60 -8.67
C CYS D 43 -0.80 31.36 -7.75
N HIS D 44 -2.00 30.78 -7.55
CA HIS D 44 -2.97 31.39 -6.65
C HIS D 44 -2.43 31.48 -5.22
N THR D 45 -1.48 30.62 -4.86
CA THR D 45 -0.80 30.75 -3.58
C THR D 45 -0.15 32.12 -3.43
N ASP D 46 0.36 32.68 -4.53
CA ASP D 46 0.92 34.04 -4.45
C ASP D 46 -0.16 35.06 -4.14
N LEU D 47 -1.35 34.88 -4.71
CA LEU D 47 -2.46 35.76 -4.37
C LEU D 47 -2.84 35.62 -2.90
N HIS D 48 -2.87 34.39 -2.38
CA HIS D 48 -3.18 34.20 -0.97
C HIS D 48 -2.12 34.83 -0.08
N ALA D 49 -0.85 34.74 -0.47
CA ALA D 49 0.21 35.37 0.30
C ALA D 49 0.10 36.89 0.25
N TRP D 50 -0.34 37.44 -0.88
CA TRP D 50 -0.53 38.89 -0.96
C TRP D 50 -1.70 39.33 -0.09
N HIS D 51 -2.81 38.61 -0.14
CA HIS D 51 -3.98 38.96 0.65
C HIS D 51 -3.80 38.67 2.14
N GLY D 52 -2.81 37.87 2.51
CA GLY D 52 -2.69 37.42 3.88
C GLY D 52 -3.75 36.43 4.31
N ASP D 53 -4.31 35.67 3.37
CA ASP D 53 -5.41 34.76 3.65
C ASP D 53 -5.04 33.63 4.59
N TRP D 54 -3.77 33.40 4.84
CA TRP D 54 -3.44 32.22 5.62
C TRP D 54 -3.00 32.60 7.02
N PRO D 55 -3.26 31.73 8.00
CA PRO D 55 -2.85 32.04 9.38
C PRO D 55 -1.35 32.28 9.53
N LEU D 56 -0.52 31.56 8.81
CA LEU D 56 0.91 31.81 8.91
C LEU D 56 1.25 33.17 8.31
N PRO D 57 2.21 33.88 8.88
CA PRO D 57 2.57 35.20 8.36
C PRO D 57 3.71 35.13 7.36
N THR D 58 3.63 35.96 6.33
CA THR D 58 4.68 36.04 5.33
C THR D 58 5.87 36.81 5.87
N LYS D 59 7.00 36.70 5.18
CA LYS D 59 8.13 37.55 5.46
C LYS D 59 7.97 38.87 4.71
N LEU D 60 8.24 39.97 5.38
CA LEU D 60 8.08 41.24 4.70
C LEU D 60 9.39 42.03 4.75
N PRO D 61 9.79 42.68 3.64
CA PRO D 61 9.13 42.71 2.33
C PRO D 61 9.31 41.42 1.56
N LEU D 62 8.42 41.16 0.61
CA LEU D 62 8.37 39.87 -0.06
C LEU D 62 8.31 40.07 -1.56
N VAL D 63 9.09 39.27 -2.29
CA VAL D 63 8.92 39.08 -3.72
C VAL D 63 8.37 37.67 -3.92
N GLY D 64 7.12 37.58 -4.35
CA GLY D 64 6.43 36.30 -4.40
C GLY D 64 6.94 35.37 -5.48
N GLY D 65 6.13 34.39 -5.85
CA GLY D 65 6.46 33.52 -6.96
C GLY D 65 7.25 32.31 -6.53
N HIS D 66 6.67 31.13 -6.71
CA HIS D 66 7.32 29.90 -6.29
C HIS D 66 7.42 28.89 -7.42
N GLU D 67 7.25 29.33 -8.66
CA GLU D 67 7.35 28.46 -9.82
C GLU D 67 8.44 28.97 -10.76
N GLY D 68 9.58 29.34 -10.23
CA GLY D 68 10.62 29.91 -11.06
C GLY D 68 11.35 28.85 -11.87
N ALA D 69 11.77 29.22 -13.07
CA ALA D 69 12.55 28.32 -13.91
C ALA D 69 13.63 29.14 -14.58
N GLY D 70 14.87 28.75 -14.41
CA GLY D 70 15.95 29.56 -14.91
C GLY D 70 17.25 28.82 -15.08
N VAL D 71 18.31 29.58 -15.28
CA VAL D 71 19.65 29.05 -15.46
C VAL D 71 20.45 29.31 -14.19
N VAL D 72 21.40 28.42 -13.91
CA VAL D 72 22.17 28.48 -12.67
C VAL D 72 23.36 29.39 -12.96
N VAL D 73 23.15 30.70 -12.82
CA VAL D 73 24.25 31.63 -13.03
C VAL D 73 25.26 31.60 -11.90
N GLY D 74 24.88 31.11 -10.71
CA GLY D 74 25.82 31.04 -9.61
C GLY D 74 25.47 29.89 -8.69
N MET D 75 26.42 29.56 -7.82
CA MET D 75 26.19 28.47 -6.90
C MET D 75 27.04 28.67 -5.66
N GLY D 76 26.52 28.24 -4.52
CA GLY D 76 27.27 28.29 -3.29
C GLY D 76 28.45 27.34 -3.31
N GLU D 77 29.33 27.51 -2.32
CA GLU D 77 30.54 26.72 -2.27
C GLU D 77 30.29 25.24 -2.00
N ASN D 78 29.15 24.90 -1.39
CA ASN D 78 28.92 23.55 -0.91
C ASN D 78 27.95 22.75 -1.78
N VAL D 79 27.47 23.31 -2.89
CA VAL D 79 26.52 22.59 -3.72
C VAL D 79 27.20 21.39 -4.36
N LYS D 80 26.45 20.31 -4.55
CA LYS D 80 27.04 19.02 -4.89
C LYS D 80 26.94 18.68 -6.37
N GLY D 81 25.74 18.62 -6.91
CA GLY D 81 25.55 18.07 -8.25
C GLY D 81 25.01 19.02 -9.29
N TRP D 82 25.51 20.26 -9.30
CA TRP D 82 25.00 21.28 -10.20
C TRP D 82 26.15 21.90 -10.98
N LYS D 83 25.81 22.40 -12.17
CA LYS D 83 26.75 23.09 -13.04
C LYS D 83 26.20 24.45 -13.41
N ILE D 84 27.09 25.42 -13.57
CA ILE D 84 26.67 26.74 -14.00
C ILE D 84 26.15 26.67 -15.44
N GLY D 85 25.04 27.34 -15.69
CA GLY D 85 24.40 27.32 -16.98
C GLY D 85 23.35 26.24 -17.15
N ASP D 86 23.25 25.32 -16.19
CA ASP D 86 22.23 24.29 -16.24
C ASP D 86 20.85 24.89 -15.97
N TYR D 87 19.82 24.14 -16.35
CA TYR D 87 18.44 24.56 -16.11
C TYR D 87 17.98 24.03 -14.76
N ALA D 88 17.33 24.88 -13.99
CA ALA D 88 16.88 24.52 -12.66
C ALA D 88 15.57 25.21 -12.37
N GLY D 89 14.89 24.73 -11.33
CA GLY D 89 13.59 25.23 -10.98
C GLY D 89 13.39 25.51 -9.51
N ILE D 90 12.96 26.73 -9.21
CA ILE D 90 12.63 27.14 -7.85
C ILE D 90 11.19 26.75 -7.59
N LYS D 91 11.00 25.70 -6.79
CA LYS D 91 9.68 25.21 -6.41
C LYS D 91 9.18 25.98 -5.20
N TRP D 92 7.98 25.62 -4.72
CA TRP D 92 7.44 26.25 -3.53
C TRP D 92 8.29 25.92 -2.31
N LEU D 93 8.60 24.65 -2.12
CA LEU D 93 9.42 24.24 -0.99
C LEU D 93 10.88 24.52 -1.33
N ASN D 94 11.41 25.63 -0.81
CA ASN D 94 12.77 26.01 -1.15
C ASN D 94 13.77 24.99 -0.62
N GLY D 95 13.66 24.64 0.66
CA GLY D 95 14.60 23.71 1.25
C GLY D 95 14.08 23.20 2.56
N SER D 96 14.77 22.20 3.09
CA SER D 96 14.39 21.55 4.33
C SER D 96 15.64 21.26 5.14
N CYS D 97 15.45 20.79 6.36
CA CYS D 97 16.58 20.40 7.19
C CYS D 97 17.18 19.07 6.74
N MET D 98 16.38 18.21 6.11
CA MET D 98 16.79 16.87 5.68
C MET D 98 17.24 16.01 6.85
N ALA D 99 16.78 16.33 8.06
CA ALA D 99 17.20 15.60 9.25
C ALA D 99 16.08 15.27 10.22
N CYS D 100 14.87 15.78 10.03
CA CYS D 100 13.77 15.44 10.92
C CYS D 100 13.07 14.19 10.41
N GLU D 101 12.04 13.75 11.12
CA GLU D 101 11.37 12.52 10.72
C GLU D 101 10.48 12.73 9.49
N TYR D 102 10.24 13.97 9.11
CA TYR D 102 9.42 14.20 7.93
C TYR D 102 10.26 14.18 6.67
N CYS D 103 11.43 14.80 6.69
CA CYS D 103 12.31 14.75 5.53
C CYS D 103 12.89 13.35 5.32
N GLU D 104 12.97 12.54 6.37
CA GLU D 104 13.49 11.19 6.22
C GLU D 104 12.50 10.27 5.53
N LEU D 105 11.21 10.51 5.70
CA LEU D 105 10.16 9.73 5.09
C LEU D 105 9.78 10.24 3.70
N GLY D 106 10.46 11.27 3.21
CA GLY D 106 10.19 11.84 1.93
C GLY D 106 9.18 12.96 1.97
N ASN D 107 8.56 13.20 3.12
CA ASN D 107 7.56 14.26 3.25
C ASN D 107 8.27 15.57 3.62
N GLU D 108 9.15 16.00 2.73
CA GLU D 108 9.94 17.20 3.00
C GLU D 108 9.07 18.44 3.11
N SER D 109 7.91 18.47 2.47
CA SER D 109 7.07 19.67 2.51
C SER D 109 6.51 19.88 3.91
N ASN D 110 6.25 18.80 4.65
CA ASN D 110 5.71 18.90 6.00
C ASN D 110 6.83 19.05 7.03
N CYS D 111 7.72 19.99 6.80
CA CYS D 111 8.81 20.05 7.75
C CYS D 111 8.72 21.33 8.58
N PRO D 112 9.01 21.25 9.87
CA PRO D 112 8.96 22.47 10.70
C PRO D 112 9.95 23.54 10.27
N HIS D 113 11.02 23.19 9.56
CA HIS D 113 12.06 24.12 9.19
C HIS D 113 12.12 24.34 7.69
N ALA D 114 10.96 24.43 7.05
CA ALA D 114 10.88 24.49 5.60
C ALA D 114 10.90 25.94 5.14
N ASP D 115 11.84 26.26 4.24
CA ASP D 115 11.85 27.55 3.57
C ASP D 115 10.86 27.51 2.43
N LEU D 116 9.92 28.45 2.41
CA LEU D 116 8.91 28.50 1.37
C LEU D 116 9.26 29.66 0.43
N SER D 117 9.69 29.32 -0.79
CA SER D 117 10.02 30.35 -1.76
C SER D 117 8.79 31.23 -2.01
N GLY D 118 8.98 32.53 -1.86
CA GLY D 118 7.90 33.46 -2.05
C GLY D 118 6.97 33.62 -0.88
N TYR D 119 7.22 32.93 0.23
CA TYR D 119 6.44 33.12 1.44
C TYR D 119 7.32 33.48 2.63
N THR D 120 8.39 32.71 2.85
CA THR D 120 9.40 33.02 3.85
C THR D 120 10.77 33.16 3.22
N HIS D 121 10.81 33.38 1.92
CA HIS D 121 12.06 33.49 1.17
C HIS D 121 11.76 34.29 -0.10
N ASP D 122 12.71 35.13 -0.50
CA ASP D 122 12.55 35.88 -1.74
C ASP D 122 12.25 34.94 -2.89
N GLY D 123 11.06 35.09 -3.47
CA GLY D 123 10.57 34.13 -4.43
C GLY D 123 11.16 34.26 -5.81
N SER D 124 10.36 33.98 -6.82
CA SER D 124 10.85 33.90 -8.20
C SER D 124 10.27 35.00 -9.08
N PHE D 125 9.65 36.02 -8.48
CA PHE D 125 9.19 37.19 -9.22
C PHE D 125 10.30 38.21 -9.42
N GLN D 126 11.55 37.78 -9.34
CA GLN D 126 12.70 38.64 -9.48
C GLN D 126 13.66 38.02 -10.48
N GLU D 127 14.54 38.86 -11.04
CA GLU D 127 15.42 38.40 -12.10
C GLU D 127 16.31 37.26 -11.62
N TYR D 128 16.90 37.41 -10.45
CA TYR D 128 17.78 36.41 -9.88
C TYR D 128 17.27 36.02 -8.50
N ALA D 129 17.12 34.72 -8.28
CA ALA D 129 16.61 34.23 -7.01
C ALA D 129 17.46 33.05 -6.56
N THR D 130 17.53 32.86 -5.24
CA THR D 130 18.34 31.80 -4.68
C THR D 130 17.46 30.67 -4.17
N ALA D 131 17.91 29.44 -4.38
CA ALA D 131 17.13 28.26 -4.02
C ALA D 131 18.06 27.11 -3.69
N ASP D 132 17.68 26.30 -2.71
CA ASP D 132 18.54 25.22 -2.25
C ASP D 132 18.90 24.28 -3.40
N ALA D 133 20.03 23.59 -3.25
CA ALA D 133 20.57 22.77 -4.31
C ALA D 133 20.17 21.31 -4.19
N VAL D 134 19.63 20.88 -3.05
CA VAL D 134 19.14 19.51 -2.95
C VAL D 134 17.64 19.44 -3.18
N GLN D 135 16.95 20.57 -3.17
CA GLN D 135 15.51 20.60 -3.33
C GLN D 135 15.05 21.16 -4.66
N ALA D 136 15.89 21.96 -5.32
CA ALA D 136 15.52 22.53 -6.61
C ALA D 136 15.27 21.43 -7.64
N ALA D 137 14.59 21.80 -8.71
CA ALA D 137 14.15 20.83 -9.71
C ALA D 137 15.18 20.66 -10.80
N HIS D 138 15.40 19.41 -11.21
CA HIS D 138 16.36 19.09 -12.26
C HIS D 138 15.68 19.16 -13.62
N ILE D 139 15.46 20.39 -14.07
CA ILE D 139 14.82 20.63 -15.36
C ILE D 139 15.76 20.15 -16.46
N PRO D 140 15.33 19.21 -17.31
CA PRO D 140 16.21 18.69 -18.35
C PRO D 140 16.61 19.77 -19.34
N GLN D 141 17.81 19.64 -19.88
CA GLN D 141 18.31 20.58 -20.87
C GLN D 141 17.54 20.40 -22.18
N GLY D 142 17.06 21.50 -22.74
CA GLY D 142 16.31 21.49 -23.99
C GLY D 142 14.84 21.79 -23.84
N THR D 143 14.31 21.81 -22.63
CA THR D 143 12.92 22.16 -22.43
C THR D 143 12.72 23.64 -22.65
N ASP D 144 11.45 24.05 -22.74
CA ASP D 144 11.08 25.45 -22.86
C ASP D 144 10.65 25.92 -21.48
N LEU D 145 11.49 26.74 -20.85
CA LEU D 145 11.27 27.13 -19.46
C LEU D 145 9.92 27.80 -19.27
N ALA D 146 9.43 28.50 -20.29
CA ALA D 146 8.12 29.12 -20.20
C ALA D 146 7.03 28.09 -19.95
N GLU D 147 7.08 26.98 -20.69
CA GLU D 147 6.10 25.91 -20.48
C GLU D 147 6.38 25.12 -19.21
N VAL D 148 7.64 24.98 -18.83
CA VAL D 148 7.97 24.20 -17.64
C VAL D 148 7.50 24.89 -16.38
N ALA D 149 7.58 26.23 -16.33
CA ALA D 149 7.35 26.95 -15.08
C ALA D 149 6.04 26.58 -14.38
N PRO D 150 4.89 26.49 -15.05
CA PRO D 150 3.68 26.06 -14.34
C PRO D 150 3.74 24.65 -13.81
N VAL D 151 4.59 23.78 -14.36
CA VAL D 151 4.72 22.43 -13.83
C VAL D 151 5.38 22.39 -12.47
N LEU D 152 6.18 23.41 -12.12
CA LEU D 152 7.01 23.33 -10.94
C LEU D 152 6.23 23.43 -9.64
N CYS D 153 5.03 24.01 -9.65
CA CYS D 153 4.25 24.07 -8.42
C CYS D 153 2.83 23.59 -8.64
N ALA D 154 2.32 23.76 -9.86
CA ALA D 154 0.99 23.27 -10.17
C ALA D 154 1.01 21.89 -10.79
N GLY D 155 2.15 21.44 -11.28
CA GLY D 155 2.24 20.12 -11.85
C GLY D 155 2.56 19.09 -10.79
N ILE D 156 3.62 19.31 -10.03
CA ILE D 156 3.98 18.36 -8.98
C ILE D 156 2.87 18.28 -7.94
N THR D 157 2.15 19.38 -7.73
CA THR D 157 1.09 19.38 -6.73
C THR D 157 -0.05 18.45 -7.11
N VAL D 158 -0.56 18.58 -8.34
CA VAL D 158 -1.67 17.73 -8.74
C VAL D 158 -1.20 16.32 -9.02
N TYR D 159 0.06 16.13 -9.41
CA TYR D 159 0.59 14.78 -9.52
C TYR D 159 0.59 14.08 -8.17
N LYS D 160 1.13 14.75 -7.15
CA LYS D 160 1.07 14.20 -5.80
C LYS D 160 -0.35 14.01 -5.33
N ALA D 161 -1.27 14.90 -5.70
CA ALA D 161 -2.66 14.74 -5.31
C ALA D 161 -3.24 13.47 -5.89
N LEU D 162 -3.13 13.30 -7.21
CA LEU D 162 -3.69 12.12 -7.85
C LEU D 162 -3.01 10.84 -7.38
N LYS D 163 -1.74 10.94 -6.97
CA LYS D 163 -1.10 9.78 -6.37
C LYS D 163 -1.57 9.55 -4.94
N SER D 164 -2.10 10.57 -4.28
CA SER D 164 -2.62 10.43 -2.92
C SER D 164 -4.05 9.93 -2.89
N ALA D 165 -4.77 9.98 -4.02
CA ALA D 165 -6.15 9.53 -4.04
C ALA D 165 -6.26 8.02 -4.08
N ASN D 166 -5.15 7.30 -4.23
CA ASN D 166 -5.14 5.84 -4.26
C ASN D 166 -6.09 5.31 -5.33
N LEU D 167 -6.02 5.91 -6.49
CA LEU D 167 -6.86 5.50 -7.61
C LEU D 167 -6.19 4.38 -8.40
N MET D 168 -6.98 3.71 -9.22
CA MET D 168 -6.49 2.75 -10.18
C MET D 168 -6.80 3.25 -11.57
N ALA D 169 -6.11 2.71 -12.56
CA ALA D 169 -6.44 3.04 -13.93
C ALA D 169 -7.87 2.64 -14.24
N GLY D 170 -8.62 3.54 -14.84
CA GLY D 170 -10.02 3.31 -15.13
C GLY D 170 -10.97 3.87 -14.10
N HIS D 171 -10.47 4.31 -12.95
CA HIS D 171 -11.32 4.84 -11.91
C HIS D 171 -11.65 6.30 -12.20
N TRP D 172 -12.92 6.65 -12.10
CA TRP D 172 -13.33 8.02 -12.31
C TRP D 172 -12.66 8.94 -11.30
N VAL D 173 -12.07 10.02 -11.79
CA VAL D 173 -11.50 11.07 -10.96
C VAL D 173 -12.15 12.38 -11.36
N ALA D 174 -12.69 13.09 -10.39
CA ALA D 174 -13.48 14.28 -10.64
C ALA D 174 -12.68 15.49 -10.23
N ILE D 175 -12.04 16.15 -11.19
CA ILE D 175 -11.29 17.36 -10.89
C ILE D 175 -12.30 18.48 -10.67
N SER D 176 -12.42 18.95 -9.43
CA SER D 176 -13.35 20.02 -9.08
C SER D 176 -12.62 21.34 -9.25
N GLY D 177 -12.88 22.03 -10.35
CA GLY D 177 -12.12 23.22 -10.69
C GLY D 177 -11.20 22.96 -11.84
N ALA D 178 -11.66 22.18 -12.82
CA ALA D 178 -10.81 21.66 -13.87
C ALA D 178 -10.72 22.59 -15.07
N ALA D 179 -10.46 23.86 -14.83
CA ALA D 179 -10.05 24.75 -15.91
C ALA D 179 -9.03 25.78 -15.45
N GLY D 180 -8.60 25.75 -14.20
CA GLY D 180 -7.69 26.74 -13.67
C GLY D 180 -6.24 26.30 -13.82
N GLY D 181 -5.39 26.94 -13.03
CA GLY D 181 -3.97 26.63 -13.10
C GLY D 181 -3.67 25.21 -12.75
N LEU D 182 -4.26 24.71 -11.67
CA LEU D 182 -4.07 23.33 -11.25
C LEU D 182 -5.08 22.40 -11.89
N GLY D 183 -6.30 22.86 -12.13
CA GLY D 183 -7.32 22.00 -12.70
C GLY D 183 -6.92 21.45 -14.06
N SER D 184 -6.35 22.29 -14.92
CA SER D 184 -5.99 21.82 -16.26
C SER D 184 -4.83 20.85 -16.21
N LEU D 185 -3.80 21.16 -15.42
CA LEU D 185 -2.72 20.20 -15.24
C LEU D 185 -3.20 18.94 -14.53
N ALA D 186 -4.14 19.06 -13.60
CA ALA D 186 -4.69 17.87 -12.97
C ALA D 186 -5.42 17.01 -14.00
N VAL D 187 -6.16 17.64 -14.91
CA VAL D 187 -6.85 16.87 -15.93
C VAL D 187 -5.87 16.15 -16.83
N GLN D 188 -4.80 16.84 -17.25
CA GLN D 188 -3.83 16.21 -18.12
C GLN D 188 -3.09 15.08 -17.43
N TYR D 189 -2.73 15.26 -16.16
CA TYR D 189 -2.06 14.20 -15.42
C TYR D 189 -2.97 13.01 -15.20
N ALA D 190 -4.20 13.26 -14.76
CA ALA D 190 -5.15 12.17 -14.55
C ALA D 190 -5.49 11.46 -15.84
N LYS D 191 -5.44 12.15 -16.98
CA LYS D 191 -5.64 11.50 -18.26
C LYS D 191 -4.42 10.67 -18.65
N ALA D 192 -3.23 11.15 -18.33
CA ALA D 192 -2.01 10.40 -18.65
C ALA D 192 -1.81 9.22 -17.71
N MET D 193 -2.35 9.30 -16.50
CA MET D 193 -2.19 8.23 -15.53
C MET D 193 -3.18 7.10 -15.71
N GLY D 194 -4.14 7.25 -16.62
CA GLY D 194 -5.10 6.21 -16.94
C GLY D 194 -6.49 6.44 -16.40
N TYR D 195 -6.66 7.38 -15.48
CA TYR D 195 -7.97 7.60 -14.89
C TYR D 195 -8.92 8.20 -15.92
N ARG D 196 -10.21 8.12 -15.61
CA ARG D 196 -11.25 8.72 -16.44
C ARG D 196 -11.61 10.05 -15.81
N VAL D 197 -11.32 11.13 -16.51
CA VAL D 197 -11.35 12.46 -15.91
C VAL D 197 -12.69 13.11 -16.13
N LEU D 198 -13.44 13.27 -15.05
CA LEU D 198 -14.58 14.17 -15.00
C LEU D 198 -14.08 15.54 -14.55
N GLY D 199 -14.77 16.58 -14.97
CA GLY D 199 -14.37 17.93 -14.62
C GLY D 199 -15.57 18.75 -14.17
N ILE D 200 -15.31 19.65 -13.22
CA ILE D 200 -16.33 20.53 -12.69
C ILE D 200 -15.76 21.93 -12.68
N ASP D 201 -16.27 22.79 -13.55
CA ASP D 201 -15.86 24.19 -13.57
C ASP D 201 -16.92 24.98 -14.33
N GLY D 202 -16.74 26.30 -14.38
CA GLY D 202 -17.71 27.15 -15.04
C GLY D 202 -17.13 28.52 -15.27
N GLY D 203 -17.76 29.24 -16.20
CA GLY D 203 -17.33 30.55 -16.58
C GLY D 203 -17.23 30.64 -18.09
N GLU D 204 -16.49 31.65 -18.55
CA GLU D 204 -16.33 31.89 -19.97
C GLU D 204 -15.12 31.11 -20.47
N GLY D 205 -15.35 30.18 -21.39
CA GLY D 205 -14.27 29.45 -22.00
C GLY D 205 -13.59 28.43 -21.12
N LYS D 206 -14.28 27.92 -20.10
CA LYS D 206 -13.72 26.85 -19.29
C LYS D 206 -13.97 25.48 -19.90
N GLU D 207 -15.19 25.26 -20.41
CA GLU D 207 -15.50 23.96 -21.01
C GLU D 207 -14.66 23.74 -22.26
N GLU D 208 -14.41 24.79 -23.04
CA GLU D 208 -13.60 24.63 -24.26
C GLU D 208 -12.21 24.15 -23.91
N LEU D 209 -11.56 24.78 -22.93
CA LEU D 209 -10.24 24.35 -22.50
C LEU D 209 -10.27 22.93 -21.96
N PHE D 210 -11.27 22.63 -21.13
CA PHE D 210 -11.35 21.30 -20.54
C PHE D 210 -11.49 20.23 -21.61
N ARG D 211 -12.34 20.46 -22.61
CA ARG D 211 -12.47 19.50 -23.69
C ARG D 211 -11.18 19.38 -24.49
N SER D 212 -10.51 20.51 -24.74
CA SER D 212 -9.31 20.48 -25.56
C SER D 212 -8.20 19.67 -24.90
N ILE D 213 -7.99 19.88 -23.59
CA ILE D 213 -6.87 19.23 -22.93
C ILE D 213 -7.09 17.75 -22.68
N GLY D 214 -8.30 17.24 -22.87
CA GLY D 214 -8.51 15.81 -22.83
C GLY D 214 -9.43 15.30 -21.74
N GLY D 215 -10.37 16.12 -21.31
CA GLY D 215 -11.34 15.68 -20.34
C GLY D 215 -12.36 14.74 -20.96
N GLU D 216 -13.14 14.11 -20.09
CA GLU D 216 -14.14 13.14 -20.53
C GLU D 216 -15.56 13.65 -20.33
N VAL D 217 -15.92 14.03 -19.11
CA VAL D 217 -17.25 14.55 -18.81
C VAL D 217 -17.09 15.85 -18.06
N PHE D 218 -17.70 16.91 -18.57
CA PHE D 218 -17.62 18.23 -17.95
C PHE D 218 -18.98 18.59 -17.36
N ILE D 219 -18.96 19.09 -16.14
CA ILE D 219 -20.18 19.44 -15.40
C ILE D 219 -20.09 20.89 -15.02
N ASP D 220 -20.93 21.73 -15.61
CA ASP D 220 -20.86 23.16 -15.41
C ASP D 220 -21.43 23.52 -14.04
N PHE D 221 -20.61 24.11 -13.19
CA PHE D 221 -21.08 24.46 -11.85
C PHE D 221 -21.91 25.74 -11.82
N THR D 222 -22.00 26.45 -12.94
CA THR D 222 -22.88 27.62 -13.04
C THR D 222 -24.11 27.34 -13.88
N LYS D 223 -24.33 26.10 -14.30
CA LYS D 223 -25.52 25.75 -15.06
C LYS D 223 -26.15 24.44 -14.60
N GLU D 224 -25.56 23.75 -13.63
CA GLU D 224 -26.14 22.54 -13.07
C GLU D 224 -26.58 22.86 -11.64
N LYS D 225 -27.89 22.79 -11.40
CA LYS D 225 -28.41 23.11 -10.07
C LYS D 225 -27.93 22.10 -9.04
N ASP D 226 -27.91 20.82 -9.40
CA ASP D 226 -27.50 19.74 -8.50
C ASP D 226 -26.22 19.13 -9.05
N ILE D 227 -25.08 19.56 -8.53
CA ILE D 227 -23.81 19.02 -8.98
C ILE D 227 -23.65 17.58 -8.50
N VAL D 228 -24.06 17.29 -7.27
CA VAL D 228 -23.88 15.96 -6.72
C VAL D 228 -24.63 14.93 -7.55
N GLY D 229 -25.88 15.24 -7.93
CA GLY D 229 -26.63 14.33 -8.76
C GLY D 229 -25.98 14.13 -10.12
N ALA D 230 -25.46 15.21 -10.71
CA ALA D 230 -24.82 15.09 -12.01
C ALA D 230 -23.59 14.21 -11.96
N VAL D 231 -22.76 14.36 -10.93
CA VAL D 231 -21.57 13.53 -10.83
C VAL D 231 -21.94 12.09 -10.51
N LEU D 232 -22.96 11.87 -9.67
CA LEU D 232 -23.36 10.51 -9.38
C LEU D 232 -23.93 9.81 -10.61
N LYS D 233 -24.61 10.55 -11.48
CA LYS D 233 -25.13 9.94 -12.70
C LYS D 233 -24.03 9.73 -13.74
N ALA D 234 -23.10 10.67 -13.85
CA ALA D 234 -22.05 10.55 -14.86
C ALA D 234 -21.04 9.47 -14.52
N THR D 235 -20.66 9.37 -13.26
CA THR D 235 -19.67 8.39 -12.81
C THR D 235 -20.29 7.07 -12.41
N ASP D 236 -21.62 6.98 -12.38
CA ASP D 236 -22.36 5.76 -12.03
C ASP D 236 -22.03 5.36 -10.58
N GLY D 237 -22.41 6.24 -9.65
CA GLY D 237 -22.24 5.95 -8.25
C GLY D 237 -21.33 6.91 -7.52
N GLY D 238 -20.65 7.76 -8.28
CA GLY D 238 -19.74 8.71 -7.70
C GLY D 238 -18.34 8.62 -8.26
N ALA D 239 -17.55 9.67 -8.07
CA ALA D 239 -16.15 9.60 -8.46
C ALA D 239 -15.40 8.65 -7.54
N HIS D 240 -14.44 7.94 -8.11
CA HIS D 240 -13.61 7.08 -7.27
C HIS D 240 -12.60 7.87 -6.47
N GLY D 241 -12.32 9.11 -6.87
CA GLY D 241 -11.45 9.99 -6.13
C GLY D 241 -11.60 11.39 -6.65
N VAL D 242 -11.80 12.34 -5.78
CA VAL D 242 -12.02 13.73 -6.17
C VAL D 242 -10.76 14.51 -5.87
N ILE D 243 -10.43 15.48 -6.72
CA ILE D 243 -9.35 16.42 -6.47
C ILE D 243 -9.99 17.79 -6.34
N ASN D 244 -9.76 18.45 -5.21
CA ASN D 244 -10.39 19.76 -4.97
C ASN D 244 -9.35 20.84 -5.19
N VAL D 245 -9.16 21.21 -6.46
CA VAL D 245 -8.27 22.29 -6.81
C VAL D 245 -9.00 23.62 -6.91
N SER D 246 -10.25 23.67 -6.47
CA SER D 246 -11.05 24.87 -6.52
C SER D 246 -10.68 25.81 -5.38
N VAL D 247 -11.32 26.97 -5.35
CA VAL D 247 -11.12 27.94 -4.27
C VAL D 247 -12.45 28.30 -3.64
N SER D 248 -13.40 27.35 -3.67
CA SER D 248 -14.72 27.57 -3.09
C SER D 248 -14.92 26.57 -1.96
N GLU D 249 -15.20 27.08 -0.76
CA GLU D 249 -15.52 26.20 0.35
C GLU D 249 -16.77 25.39 0.07
N ALA D 250 -17.73 25.95 -0.66
CA ALA D 250 -18.92 25.20 -1.03
C ALA D 250 -18.58 24.04 -1.95
N ALA D 251 -17.62 24.23 -2.85
CA ALA D 251 -17.18 23.14 -3.72
C ALA D 251 -16.58 22.01 -2.90
N ILE D 252 -15.75 22.35 -1.91
CA ILE D 252 -15.16 21.33 -1.05
C ILE D 252 -16.25 20.61 -0.26
N GLU D 253 -17.22 21.35 0.25
CA GLU D 253 -18.30 20.75 1.01
C GLU D 253 -19.11 19.78 0.16
N ALA D 254 -19.41 20.17 -1.09
CA ALA D 254 -20.15 19.31 -1.99
C ALA D 254 -19.28 18.21 -2.59
N SER D 255 -17.97 18.27 -2.38
CA SER D 255 -17.06 17.28 -2.92
C SER D 255 -17.03 15.99 -2.13
N THR D 256 -17.47 16.01 -0.89
CA THR D 256 -17.49 14.81 -0.06
C THR D 256 -18.77 14.03 -0.20
N ARG D 257 -19.67 14.45 -1.09
CA ARG D 257 -20.95 13.81 -1.26
C ARG D 257 -21.13 13.13 -2.60
N TYR D 258 -20.27 13.40 -3.59
CA TYR D 258 -20.32 12.69 -4.85
C TYR D 258 -19.10 11.81 -5.08
N VAL D 259 -18.43 11.41 -4.01
CA VAL D 259 -17.33 10.45 -4.08
C VAL D 259 -17.86 9.10 -3.63
N ARG D 260 -17.45 8.03 -4.31
CA ARG D 260 -18.03 6.73 -4.04
C ARG D 260 -17.73 6.27 -2.62
N ALA D 261 -18.45 5.25 -2.19
CA ALA D 261 -18.03 4.52 -1.02
C ALA D 261 -16.62 3.99 -1.25
N ASN D 262 -15.80 4.07 -0.21
CA ASN D 262 -14.38 3.74 -0.31
C ASN D 262 -13.67 4.66 -1.29
N GLY D 263 -14.14 5.89 -1.40
CA GLY D 263 -13.54 6.85 -2.29
C GLY D 263 -12.41 7.59 -1.61
N THR D 264 -12.09 8.76 -2.14
CA THR D 264 -11.04 9.59 -1.57
C THR D 264 -11.23 11.00 -2.09
N THR D 265 -11.18 11.98 -1.21
CA THR D 265 -11.43 13.37 -1.56
C THR D 265 -10.18 14.15 -1.21
N VAL D 266 -9.24 14.24 -2.16
CA VAL D 266 -8.01 14.96 -1.90
C VAL D 266 -8.32 16.46 -1.88
N LEU D 267 -7.88 17.12 -0.82
CA LEU D 267 -7.99 18.57 -0.69
C LEU D 267 -6.68 19.18 -1.11
N VAL D 268 -6.68 19.89 -2.22
CA VAL D 268 -5.50 20.57 -2.73
C VAL D 268 -5.62 22.08 -2.58
N GLY D 269 -6.78 22.63 -2.90
CA GLY D 269 -6.97 24.06 -2.74
C GLY D 269 -7.18 24.40 -1.28
N MET D 270 -6.64 25.56 -0.88
CA MET D 270 -6.73 26.06 0.49
C MET D 270 -7.32 27.46 0.46
N PRO D 271 -8.64 27.56 0.30
CA PRO D 271 -9.28 28.88 0.30
C PRO D 271 -9.12 29.56 1.65
N ALA D 272 -9.44 30.85 1.67
CA ALA D 272 -9.29 31.66 2.88
C ALA D 272 -10.35 31.26 3.89
N GLY D 273 -9.92 30.74 5.04
CA GLY D 273 -10.82 30.38 6.10
C GLY D 273 -11.85 29.35 5.70
N ALA D 274 -11.43 28.29 5.03
CA ALA D 274 -12.33 27.26 4.56
C ALA D 274 -12.25 26.03 5.46
N LYS D 275 -13.40 25.41 5.68
CA LYS D 275 -13.51 24.23 6.52
C LYS D 275 -14.30 23.16 5.78
N CYS D 276 -13.73 21.97 5.69
CA CYS D 276 -14.38 20.85 5.00
C CYS D 276 -15.35 20.20 5.97
N CYS D 277 -16.56 20.73 6.04
CA CYS D 277 -17.57 20.22 6.97
C CYS D 277 -18.29 19.05 6.31
N SER D 278 -17.66 17.89 6.38
CA SER D 278 -18.22 16.66 5.85
C SER D 278 -19.06 15.96 6.90
N ASP D 279 -20.22 15.48 6.49
CA ASP D 279 -21.10 14.78 7.42
C ASP D 279 -20.42 13.52 7.93
N VAL D 280 -20.41 13.35 9.26
CA VAL D 280 -19.72 12.21 9.84
C VAL D 280 -20.46 10.92 9.54
N PHE D 281 -21.79 10.93 9.60
CA PHE D 281 -22.53 9.71 9.30
C PHE D 281 -22.27 9.26 7.88
N ASN D 282 -22.40 10.16 6.92
CA ASN D 282 -22.20 9.79 5.52
C ASN D 282 -20.76 9.45 5.22
N GLN D 283 -19.80 10.03 5.95
CA GLN D 283 -18.41 9.70 5.73
C GLN D 283 -18.06 8.32 6.30
N VAL D 284 -18.57 8.02 7.49
CA VAL D 284 -18.27 6.72 8.10
C VAL D 284 -19.00 5.59 7.37
N VAL D 285 -20.27 5.80 7.04
CA VAL D 285 -21.04 4.75 6.37
C VAL D 285 -20.42 4.38 5.03
N LYS D 286 -19.92 5.36 4.29
CA LYS D 286 -19.34 5.11 2.99
C LYS D 286 -17.83 4.94 3.01
N SER D 287 -17.20 5.03 4.18
CA SER D 287 -15.75 4.88 4.32
C SER D 287 -15.00 5.89 3.45
N ILE D 288 -15.51 7.11 3.33
CA ILE D 288 -14.91 8.11 2.48
C ILE D 288 -13.68 8.69 3.18
N SER D 289 -12.54 8.63 2.52
CA SER D 289 -11.33 9.29 3.01
C SER D 289 -11.27 10.70 2.49
N ILE D 290 -10.75 11.61 3.30
CA ILE D 290 -10.57 13.00 2.90
C ILE D 290 -9.10 13.33 3.13
N VAL D 291 -8.29 13.10 2.14
CA VAL D 291 -6.86 13.34 2.25
C VAL D 291 -6.59 14.80 1.93
N GLY D 292 -5.54 15.34 2.51
CA GLY D 292 -5.03 16.64 2.14
C GLY D 292 -3.67 16.46 1.50
N SER D 293 -3.41 17.20 0.42
CA SER D 293 -2.19 17.03 -0.34
C SER D 293 -1.48 18.37 -0.43
N TYR D 294 -0.23 18.41 0.02
CA TYR D 294 0.58 19.59 -0.07
C TYR D 294 1.53 19.42 -1.25
N VAL D 295 2.47 20.35 -1.44
CA VAL D 295 3.32 20.25 -2.62
C VAL D 295 4.08 18.94 -2.61
N GLY D 296 4.40 18.46 -3.80
CA GLY D 296 5.09 17.20 -3.91
C GLY D 296 6.55 17.30 -3.51
N ASN D 297 7.13 16.15 -3.23
CA ASN D 297 8.52 16.06 -2.80
C ASN D 297 9.43 15.83 -4.00
N ARG D 298 10.69 15.48 -3.75
CA ARG D 298 11.67 15.41 -4.83
C ARG D 298 11.36 14.29 -5.82
N ALA D 299 10.95 13.11 -5.33
CA ALA D 299 10.56 12.05 -6.25
C ALA D 299 9.36 12.47 -7.07
N ASP D 300 8.40 13.14 -6.44
CA ASP D 300 7.22 13.61 -7.13
C ASP D 300 7.56 14.67 -8.16
N THR D 301 8.51 15.54 -7.84
CA THR D 301 8.99 16.51 -8.82
C THR D 301 9.62 15.81 -10.01
N ARG D 302 10.44 14.80 -9.75
CA ARG D 302 11.07 14.06 -10.84
C ARG D 302 10.03 13.41 -11.73
N GLU D 303 9.03 12.76 -11.14
CA GLU D 303 8.03 12.07 -11.96
C GLU D 303 7.11 13.04 -12.69
N ALA D 304 6.79 14.19 -12.07
CA ALA D 304 5.96 15.16 -12.77
C ALA D 304 6.70 15.81 -13.93
N LEU D 305 7.96 16.18 -13.72
CA LEU D 305 8.73 16.73 -14.82
C LEU D 305 9.02 15.68 -15.87
N ASP D 306 9.02 14.39 -15.50
CA ASP D 306 9.19 13.34 -16.49
C ASP D 306 7.93 13.14 -17.31
N PHE D 307 6.76 13.32 -16.69
CA PHE D 307 5.52 13.35 -17.47
C PHE D 307 5.54 14.52 -18.44
N PHE D 308 6.03 15.67 -18.00
CA PHE D 308 6.11 16.82 -18.89
C PHE D 308 7.08 16.57 -20.04
N ALA D 309 8.25 16.01 -19.74
CA ALA D 309 9.27 15.83 -20.76
C ALA D 309 8.81 14.87 -21.86
N ARG D 310 7.95 13.92 -21.52
CA ARG D 310 7.38 13.04 -22.52
C ARG D 310 6.38 13.74 -23.41
N GLY D 311 6.00 14.97 -23.10
CA GLY D 311 5.00 15.67 -23.87
C GLY D 311 3.58 15.31 -23.53
N LEU D 312 3.35 14.61 -22.42
CA LEU D 312 1.99 14.23 -22.07
C LEU D 312 1.19 15.38 -21.49
N VAL D 313 1.84 16.29 -20.76
CA VAL D 313 1.15 17.43 -20.18
C VAL D 313 1.67 18.70 -20.85
N LYS D 314 0.79 19.70 -20.92
CA LYS D 314 1.15 20.97 -21.52
C LYS D 314 0.24 22.02 -20.91
N SER D 315 0.78 22.81 -19.99
CA SER D 315 -0.02 23.83 -19.33
C SER D 315 -0.32 24.96 -20.31
N PRO D 316 -1.58 25.33 -20.49
CA PRO D 316 -1.88 26.47 -21.37
C PRO D 316 -1.46 27.76 -20.72
N ILE D 317 -0.36 28.35 -21.18
CA ILE D 317 0.27 29.48 -20.53
C ILE D 317 0.02 30.74 -21.34
N LYS D 318 -0.27 31.82 -20.64
CA LYS D 318 -0.20 33.16 -21.21
C LYS D 318 1.05 33.82 -20.65
N VAL D 319 2.05 34.01 -21.49
CA VAL D 319 3.30 34.63 -21.08
C VAL D 319 3.14 36.13 -21.22
N VAL D 320 3.34 36.84 -20.12
CA VAL D 320 3.21 38.29 -20.07
C VAL D 320 4.48 38.85 -19.44
N GLY D 321 4.49 40.17 -19.29
CA GLY D 321 5.60 40.80 -18.61
C GLY D 321 5.44 40.75 -17.11
N LEU D 322 6.54 41.03 -16.41
CA LEU D 322 6.50 41.07 -14.96
C LEU D 322 5.68 42.26 -14.46
N SER D 323 5.75 43.38 -15.17
CA SER D 323 5.04 44.58 -14.75
C SER D 323 3.52 44.38 -14.72
N THR D 324 3.01 43.50 -15.57
CA THR D 324 1.59 43.20 -15.62
C THR D 324 1.12 42.42 -14.40
N LEU D 325 2.05 41.94 -13.59
CA LEU D 325 1.70 41.00 -12.52
C LEU D 325 0.57 41.47 -11.60
N PRO D 326 0.52 42.71 -11.13
CA PRO D 326 -0.60 43.09 -10.26
C PRO D 326 -1.97 42.85 -10.88
N GLU D 327 -2.14 43.24 -12.15
CA GLU D 327 -3.43 43.04 -12.82
C GLU D 327 -3.81 41.57 -12.84
N ILE D 328 -2.81 40.68 -12.97
CA ILE D 328 -3.08 39.24 -12.96
C ILE D 328 -3.83 38.86 -11.69
N TYR D 329 -3.39 39.39 -10.55
CA TYR D 329 -4.08 39.10 -9.30
C TYR D 329 -5.54 39.49 -9.39
N GLU D 330 -5.81 40.68 -9.93
CA GLU D 330 -7.20 41.06 -10.17
C GLU D 330 -7.88 40.04 -11.07
N LYS D 331 -7.25 39.72 -12.21
CA LYS D 331 -7.81 38.73 -13.12
C LYS D 331 -7.92 37.37 -12.45
N MET D 332 -7.20 37.15 -11.36
CA MET D 332 -7.31 35.90 -10.62
C MET D 332 -8.28 36.03 -9.45
N GLU D 333 -8.47 37.22 -8.91
CA GLU D 333 -9.42 37.40 -7.83
C GLU D 333 -10.86 37.36 -8.34
N LYS D 334 -11.10 37.89 -9.54
CA LYS D 334 -12.43 37.83 -10.13
C LYS D 334 -12.78 36.43 -10.62
N GLY D 335 -11.79 35.58 -10.85
CA GLY D 335 -12.02 34.25 -11.34
C GLY D 335 -11.94 34.08 -12.85
N GLN D 336 -11.58 35.13 -13.58
CA GLN D 336 -11.52 35.09 -15.03
C GLN D 336 -10.23 34.49 -15.55
N ILE D 337 -9.48 33.77 -14.71
CA ILE D 337 -8.19 33.21 -15.09
C ILE D 337 -8.45 31.82 -15.65
N VAL D 338 -8.12 31.63 -16.93
CA VAL D 338 -8.23 30.33 -17.58
C VAL D 338 -6.83 29.81 -17.85
N GLY D 339 -6.58 28.55 -17.49
CA GLY D 339 -5.25 28.01 -17.61
C GLY D 339 -4.30 28.65 -16.63
N ARG D 340 -3.12 29.05 -17.09
CA ARG D 340 -2.07 29.57 -16.25
C ARG D 340 -1.47 30.83 -16.87
N TYR D 341 -0.97 31.71 -16.01
CA TYR D 341 -0.20 32.87 -16.44
C TYR D 341 1.26 32.69 -16.04
N VAL D 342 2.17 33.07 -16.92
CA VAL D 342 3.60 33.04 -16.66
C VAL D 342 4.13 34.44 -16.92
N VAL D 343 5.10 34.86 -16.11
CA VAL D 343 5.71 36.16 -16.26
C VAL D 343 7.14 35.96 -16.75
N ASP D 344 7.56 36.80 -17.69
CA ASP D 344 8.93 36.82 -18.17
C ASP D 344 9.69 37.87 -17.38
N THR D 345 10.76 37.44 -16.70
CA THR D 345 11.48 38.35 -15.84
C THR D 345 12.18 39.45 -16.62
N SER D 346 12.47 39.20 -17.90
CA SER D 346 13.18 40.19 -18.71
C SER D 346 12.39 41.48 -18.82
N LYS D 347 11.08 41.39 -18.96
CA LYS D 347 10.24 42.56 -19.20
C LYS D 347 9.11 42.69 -18.18
ZN ZN E . -23.04 -5.90 -2.79
ZN ZN F . -21.99 -1.37 16.65
PA NAD G . -20.16 4.26 24.54
O1A NAD G . -20.20 2.90 25.17
O2A NAD G . -21.20 5.25 24.93
O5B NAD G . -18.71 4.90 24.73
C5B NAD G . -18.49 6.26 24.28
C4B NAD G . -17.20 6.77 24.87
O4B NAD G . -16.96 8.13 24.43
C3B NAD G . -17.13 6.82 26.41
O3B NAD G . -15.86 6.37 26.84
C2B NAD G . -17.20 8.32 26.70
O2B NAD G . -16.65 8.67 27.94
C1B NAD G . -16.39 8.83 25.51
N9A NAD G . -16.50 10.26 25.28
C8A NAD G . -17.62 11.04 25.47
N7A NAD G . -17.42 12.30 25.20
C5A NAD G . -16.09 12.38 24.83
C6A NAD G . -15.27 13.44 24.43
N6A NAD G . -15.70 14.71 24.34
N1A NAD G . -13.99 13.17 24.12
C2A NAD G . -13.57 11.90 24.21
N3A NAD G . -14.24 10.82 24.58
C4A NAD G . -15.51 11.12 24.87
O3 NAD G . -20.21 4.05 22.95
PN NAD G . -19.43 3.03 22.00
O1N NAD G . -17.97 3.24 22.21
O2N NAD G . -20.00 1.67 22.20
O5D NAD G . -19.84 3.56 20.56
C5D NAD G . -19.39 4.88 20.16
C4D NAD G . -19.89 5.19 18.77
O4D NAD G . -19.41 4.16 17.88
C3D NAD G . -21.42 5.19 18.59
O3D NAD G . -21.80 6.33 17.85
C2D NAD G . -21.64 3.93 17.77
O2D NAD G . -22.84 3.93 17.02
C1D NAD G . -20.41 3.94 16.90
N1N NAD G . -20.15 2.63 16.24
C2N NAD G . -19.46 2.60 15.06
C3N NAD G . -19.33 1.42 14.35
C7N NAD G . -18.67 1.50 13.00
O7N NAD G . -18.53 0.48 12.33
N7N NAD G . -18.28 2.69 12.58
C4N NAD G . -19.84 0.25 14.90
C5N NAD G . -20.46 0.28 16.12
C6N NAD G . -20.60 1.48 16.77
ZN ZN H . 21.91 8.29 -4.97
ZN ZN I . 25.60 -6.28 8.19
PA NAD J . 25.46 -15.46 11.81
O1A NAD J . 25.76 -14.69 13.05
O2A NAD J . 26.49 -16.42 11.30
O5B NAD J . 24.06 -16.22 11.98
C5B NAD J . 23.62 -17.12 10.93
C4B NAD J . 22.49 -17.96 11.46
O4B NAD J . 22.04 -18.87 10.42
C3B NAD J . 22.82 -18.86 12.66
O3B NAD J . 21.75 -18.82 13.59
C2B NAD J . 22.84 -20.26 12.05
O2B NAD J . 22.61 -21.29 12.98
C1B NAD J . 21.72 -20.10 11.04
N9A NAD J . 21.65 -21.15 10.04
C8A NAD J . 22.72 -21.81 9.47
N7A NAD J . 22.35 -22.73 8.60
C5A NAD J . 20.97 -22.68 8.62
C6A NAD J . 19.99 -23.41 7.92
N6A NAD J . 20.27 -24.37 7.05
N1A NAD J . 18.69 -23.12 8.17
C2A NAD J . 18.41 -22.16 9.05
N3A NAD J . 19.24 -21.40 9.76
C4A NAD J . 20.52 -21.71 9.50
O3 NAD J . 25.11 -14.41 10.65
PN NAD J . 24.19 -13.11 10.67
O1N NAD J . 22.82 -13.50 11.10
O2N NAD J . 24.91 -12.04 11.43
O5D NAD J . 24.17 -12.71 9.12
C5D NAD J . 23.52 -13.62 8.20
C4D NAD J . 23.62 -13.07 6.80
O4D NAD J . 23.00 -11.76 6.79
C3D NAD J . 25.04 -12.85 6.26
O3D NAD J . 25.13 -13.36 4.94
C2D NAD J . 25.13 -11.33 6.25
O2D NAD J . 26.10 -10.82 5.34
C1D NAD J . 23.72 -10.96 5.87
N1N NAD J . 23.41 -9.53 6.14
C2N NAD J . 22.44 -8.91 5.40
C3N NAD J . 22.23 -7.55 5.52
C7N NAD J . 21.24 -6.92 4.58
O7N NAD J . 21.01 -5.72 4.65
N7N NAD J . 20.65 -7.71 3.70
C4N NAD J . 22.95 -6.84 6.47
C5N NAD J . 23.87 -7.49 7.26
C6N NAD J . 24.08 -8.83 7.08
ZN ZN K . -11.72 -20.88 -0.39
ZN ZN L . -4.87 -19.32 -19.11
PA NAD M . 1.89 -18.34 -26.20
O1A NAD M . 0.66 -17.96 -26.95
O2A NAD M . 2.64 -19.55 -26.63
O5B NAD M . 2.90 -17.08 -26.18
C5B NAD M . 4.21 -17.26 -25.59
C4B NAD M . 5.09 -16.10 -25.98
O4B NAD M . 6.40 -16.26 -25.40
C3B NAD M . 5.32 -15.92 -27.49
O3B NAD M . 5.25 -14.54 -27.82
C2B NAD M . 6.78 -16.35 -27.65
O2B NAD M . 7.41 -15.79 -28.78
C1B NAD M . 7.34 -15.81 -26.34
N9A NAD M . 8.66 -16.31 -25.99
C8A NAD M . 9.16 -17.56 -26.24
N7A NAD M . 10.39 -17.72 -25.85
C5A NAD M . 10.75 -16.50 -25.31
C6A NAD M . 11.93 -16.02 -24.72
N6A NAD M . 13.03 -16.76 -24.59
N1A NAD M . 11.96 -14.74 -24.30
C2A NAD M . 10.85 -14.00 -24.45
N3A NAD M . 9.69 -14.34 -24.99
C4A NAD M . 9.69 -15.61 -25.40
O3 NAD M . 1.50 -18.47 -24.66
PN NAD M . 0.60 -17.53 -23.73
O1N NAD M . 1.20 -16.16 -23.75
O2N NAD M . -0.82 -17.71 -24.11
O5D NAD M . 0.85 -18.19 -22.29
C5D NAD M . 2.19 -18.13 -21.74
C4D NAD M . 2.19 -18.82 -20.40
O4D NAD M . 1.22 -18.18 -19.54
C3D NAD M . 1.80 -20.30 -20.39
O3D NAD M . 2.71 -21.04 -19.60
C2D NAD M . 0.43 -20.26 -19.72
O2D NAD M . 0.05 -21.49 -19.10
C1D NAD M . 0.66 -19.16 -18.70
N1N NAD M . -0.62 -18.63 -18.13
C2N NAD M . -0.60 -18.06 -16.90
C3N NAD M . -1.79 -17.70 -16.28
C7N NAD M . -1.71 -17.21 -14.86
O7N NAD M . -2.73 -16.86 -14.28
N7N NAD M . -0.51 -17.16 -14.30
C4N NAD M . -2.98 -17.84 -16.98
C5N NAD M . -2.97 -18.34 -18.26
C6N NAD M . -1.78 -18.72 -18.82
ZN ZN N . 12.85 18.49 8.16
ZN ZN O . 1.25 26.98 -5.73
PA NAD P . -7.19 29.53 -10.13
O1A NAD P . -6.24 29.74 -11.26
O2A NAD P . -7.92 30.72 -9.60
O5B NAD P . -8.25 28.40 -10.53
C5B NAD P . -9.35 28.12 -9.63
C4B NAD P . -10.38 27.30 -10.35
O4B NAD P . -11.48 27.00 -9.45
C3B NAD P . -11.02 27.96 -11.58
O3B NAD P . -11.15 27.00 -12.62
C2B NAD P . -12.43 28.29 -11.10
O2B NAD P . -13.37 28.41 -12.14
C1B NAD P . -12.67 27.07 -10.21
N9A NAD P . -13.81 27.19 -9.32
C8A NAD P . -14.25 28.33 -8.69
N7A NAD P . -15.32 28.14 -7.96
C5A NAD P . -15.62 26.80 -8.13
C6A NAD P . -16.65 25.98 -7.62
N6A NAD P . -17.60 26.44 -6.80
N1A NAD P . -16.67 24.69 -7.99
C2A NAD P . -15.70 24.25 -8.80
N3A NAD P . -14.68 24.92 -9.34
C4A NAD P . -14.69 26.20 -8.97
O3 NAD P . -6.41 28.83 -8.93
PN NAD P . -5.37 27.60 -8.95
O1N NAD P . -6.05 26.44 -9.57
O2N NAD P . -4.08 28.09 -9.52
O5D NAD P . -5.17 27.34 -7.39
C5D NAD P . -6.32 26.87 -6.62
C4D NAD P . -5.92 26.70 -5.18
O4D NAD P . -4.82 25.78 -5.12
C3D NAD P . -5.43 27.96 -4.46
O3D NAD P . -6.04 28.06 -3.19
C2D NAD P . -3.93 27.67 -4.31
O2D NAD P . -3.31 28.37 -3.25
C1D NAD P . -3.97 26.18 -4.06
N1N NAD P . -2.64 25.52 -4.24
C2N NAD P . -2.37 24.37 -3.56
C3N NAD P . -1.11 23.83 -3.59
C7N NAD P . -0.85 22.62 -2.72
O7N NAD P . 0.25 22.10 -2.70
N7N NAD P . -1.86 22.18 -1.98
C4N NAD P . -0.13 24.42 -4.38
C5N NAD P . -0.44 25.54 -5.11
C6N NAD P . -1.71 26.08 -5.03
#